data_4RUB
#
_entry.id   4RUB
#
_cell.length_a   204.600
_cell.length_b   204.600
_cell.length_c   117.400
_cell.angle_alpha   90.00
_cell.angle_beta   90.00
_cell.angle_gamma   120.00
#
_symmetry.space_group_name_H-M   'P 31 2 1'
#
loop_
_entity.id
_entity.type
_entity.pdbx_description
1 polymer 'RIBULOSE 1,5-BISPHOSPHATE CARBOXYLASE/OXYGENASE (FORM IV)'
2 polymer 'RIBULOSE 1,5-BISPHOSPHATE CARBOXYLASE/OXYGENASE (FORM IV)'
3 non-polymer 'MAGNESIUM ION'
4 non-polymer 2-CARBOXYARABINITOL-1,5-DIPHOSPHATE
5 non-polymer 'FORMIC ACID'
#
loop_
_entity_poly.entity_id
_entity_poly.type
_entity_poly.pdbx_seq_one_letter_code
_entity_poly.pdbx_strand_id
1 'polypeptide(L)'
;MSPQTETKASVGFKAGVKEYKLTYYTPEYQTKDTDILAAFRVTPQPGVPPEEAGAAVAAESSTGTWTTVWTDGLTSLDRY
KGRCYRIERVVGEKDQYIAYVAYPLDLFEEGSVTNMFTSIVGNVFGFKALRALRLEDLRIPPAYVKTFQGPPHGIQVERD
KLNKYGRPLLGCTIKPKLGLSAKNYGRAVYECLRGGLDFTKDDENVNSQPFMRWRDRFLFCAEALYKAQAETGEIKGHYL
NATAGTCEEMIKRAVFARELGVPIVMHDYLTGGFTANTSLAHYCRDNGLLLHIHRAMHAVIDRQKNHGIHFRVLAKALRM
SGGDHIHSGTVVGKLEGERDITLGFVDLLRDDFVEQDRSRGIYFTQDWVSLPGVLPVASGGIHVWHMPALTEIFGDDSVL
QFGGGTLGHPWGNAPGAVANRVALEACVKARNEGRDLAQEGNEIIREACKWSPELAAACEVWKEIVFNFAAVDVLDK
;
A,B,C,D
2 'polypeptide(L)'
;MQVWPPINKKKYETLSYLPDLSQEQLLSEVEYLLKNGWVPCLEFETEHGFVYRENNKSPGYYDGRYWTMWKLPMFGCTDA
TQVLAEVGEAKKAYPQAWIRIIGFDNVRQVQCISFIAYKPEGY
;
S,T,U,V
#
loop_
_chem_comp.id
_chem_comp.type
_chem_comp.name
_chem_comp.formula
CAP saccharide 2-CARBOXYARABINITOL-1,5-DIPHOSPHATE 'C6 H14 O13 P2'
FMT non-polymer 'FORMIC ACID' 'C H2 O2'
MG non-polymer 'MAGNESIUM ION' 'Mg 2'
#
# COMPACT_ATOMS: atom_id res chain seq x y z
N ALA A 9 38.63 1.99 35.14
CA ALA A 9 39.99 2.65 35.08
C ALA A 9 41.11 1.83 35.72
N SER A 10 42.20 2.59 35.99
CA SER A 10 43.47 2.14 36.58
C SER A 10 44.33 1.77 35.34
N VAL A 11 45.62 2.03 35.46
CA VAL A 11 46.51 1.75 34.28
C VAL A 11 46.20 2.85 33.23
N GLY A 12 47.17 3.73 33.04
CA GLY A 12 47.02 4.85 32.11
C GLY A 12 46.42 4.44 30.76
N PHE A 13 45.70 5.50 30.24
CA PHE A 13 45.08 5.27 28.89
C PHE A 13 46.36 5.38 28.02
N LYS A 14 46.58 4.37 27.22
CA LYS A 14 47.74 4.36 26.30
C LYS A 14 47.21 4.07 24.89
N ALA A 15 46.99 5.13 24.15
CA ALA A 15 46.44 5.00 22.75
C ALA A 15 47.18 4.05 21.86
N GLY A 16 46.41 3.51 20.88
CA GLY A 16 47.08 2.59 19.90
C GLY A 16 46.52 1.18 19.87
N VAL A 17 46.90 0.51 18.78
CA VAL A 17 46.42 -0.88 18.59
C VAL A 17 47.17 -1.81 19.50
N LYS A 18 46.78 -3.00 19.83
CA LYS A 18 47.35 -4.04 20.64
C LYS A 18 46.75 -5.37 20.18
N GLU A 19 47.30 -6.55 20.39
CA GLU A 19 46.63 -7.74 19.90
C GLU A 19 45.40 -8.01 20.81
N TYR A 20 44.41 -8.63 20.12
CA TYR A 20 43.16 -9.01 20.78
C TYR A 20 43.58 -9.88 21.98
N LYS A 21 44.47 -10.78 21.62
CA LYS A 21 45.08 -11.75 22.52
C LYS A 21 45.30 -11.27 23.92
N LEU A 22 45.76 -10.06 24.07
CA LEU A 22 46.02 -9.53 25.43
C LEU A 22 44.83 -9.49 26.37
N THR A 23 43.59 -9.33 25.84
CA THR A 23 42.43 -9.26 26.74
C THR A 23 41.36 -10.31 26.51
N TYR A 24 41.29 -10.79 25.30
CA TYR A 24 40.21 -11.79 25.05
C TYR A 24 40.62 -13.19 25.07
N TYR A 25 41.89 -13.45 25.33
CA TYR A 25 42.42 -14.89 25.37
C TYR A 25 42.65 -15.07 26.84
N THR A 26 41.89 -15.90 27.47
CA THR A 26 41.91 -16.11 28.95
C THR A 26 41.69 -17.52 29.32
N PRO A 27 42.62 -18.40 29.00
CA PRO A 27 42.50 -19.86 29.24
C PRO A 27 42.37 -20.19 30.71
N GLU A 28 42.61 -19.11 31.47
CA GLU A 28 42.53 -19.12 32.92
C GLU A 28 41.09 -19.40 33.39
N TYR A 29 40.22 -18.62 32.74
CA TYR A 29 38.82 -18.57 32.92
C TYR A 29 38.05 -19.87 33.17
N GLN A 30 37.29 -19.64 34.23
CA GLN A 30 36.33 -20.57 34.86
C GLN A 30 34.95 -19.97 34.56
N THR A 31 34.24 -20.61 33.65
CA THR A 31 32.94 -20.20 33.17
C THR A 31 31.93 -20.21 34.30
N LYS A 32 31.13 -19.14 34.34
CA LYS A 32 30.05 -19.03 35.31
C LYS A 32 28.75 -19.74 34.68
N ASP A 33 27.98 -20.19 35.69
CA ASP A 33 26.72 -20.86 35.34
C ASP A 33 25.78 -19.95 34.52
N THR A 34 25.90 -18.68 34.53
CA THR A 34 25.10 -17.75 33.84
C THR A 34 25.70 -17.16 32.56
N ASP A 35 26.86 -17.62 32.15
CA ASP A 35 27.51 -17.22 30.93
C ASP A 35 26.88 -17.93 29.72
N ILE A 36 26.84 -17.22 28.59
CA ILE A 36 26.34 -17.86 27.33
C ILE A 36 27.62 -18.49 26.83
N LEU A 37 27.73 -19.68 26.36
CA LEU A 37 29.06 -20.12 25.87
C LEU A 37 28.85 -20.48 24.41
N ALA A 38 29.81 -20.35 23.55
CA ALA A 38 29.71 -20.63 22.15
C ALA A 38 30.94 -21.34 21.62
N ALA A 39 30.69 -22.38 20.94
CA ALA A 39 31.77 -23.14 20.35
C ALA A 39 31.97 -22.66 18.94
N PHE A 40 32.82 -21.83 18.48
CA PHE A 40 32.98 -21.46 17.07
C PHE A 40 34.04 -22.34 16.41
N ARG A 41 33.96 -22.74 15.19
CA ARG A 41 34.92 -23.55 14.47
C ARG A 41 35.61 -22.52 13.65
N VAL A 42 36.75 -22.02 14.02
CA VAL A 42 37.51 -20.98 13.29
C VAL A 42 38.60 -21.45 12.40
N THR A 43 38.81 -20.82 11.28
CA THR A 43 39.83 -21.13 10.23
C THR A 43 40.52 -19.76 9.94
N PRO A 44 41.68 -19.56 10.54
CA PRO A 44 42.38 -18.33 10.39
C PRO A 44 43.08 -18.21 9.08
N GLN A 45 43.53 -16.97 9.07
CA GLN A 45 44.30 -16.62 7.82
C GLN A 45 45.73 -16.94 8.22
N PRO A 46 46.42 -17.63 7.36
CA PRO A 46 47.82 -17.97 7.41
C PRO A 46 48.66 -17.50 8.52
N GLY A 47 48.84 -16.18 8.71
CA GLY A 47 49.74 -15.80 9.87
C GLY A 47 49.07 -15.56 11.18
N VAL A 48 47.82 -15.89 11.31
CA VAL A 48 47.05 -15.67 12.49
C VAL A 48 47.04 -16.84 13.43
N PRO A 49 47.68 -16.57 14.54
CA PRO A 49 47.74 -17.58 15.62
C PRO A 49 46.26 -17.76 16.01
N PRO A 50 45.93 -19.01 16.29
CA PRO A 50 44.53 -19.32 16.67
C PRO A 50 44.14 -18.48 17.84
N GLU A 51 44.98 -18.41 18.84
CA GLU A 51 44.61 -17.60 20.03
C GLU A 51 44.50 -16.16 19.60
N GLU A 52 44.86 -15.74 18.41
CA GLU A 52 44.58 -14.25 18.19
C GLU A 52 43.16 -14.27 17.57
N ALA A 53 43.02 -15.15 16.54
CA ALA A 53 41.74 -15.34 15.82
C ALA A 53 40.65 -15.42 16.87
N GLY A 54 40.72 -16.39 17.70
CA GLY A 54 39.82 -16.66 18.82
C GLY A 54 39.55 -15.41 19.65
N ALA A 55 40.44 -14.59 20.00
CA ALA A 55 40.25 -13.39 20.79
C ALA A 55 39.63 -12.28 19.94
N ALA A 56 39.84 -12.32 18.62
CA ALA A 56 39.25 -11.26 17.77
C ALA A 56 37.72 -11.55 17.77
N VAL A 57 37.50 -12.89 17.61
CA VAL A 57 36.15 -13.41 17.62
C VAL A 57 35.54 -13.01 18.95
N ALA A 58 36.11 -13.18 20.06
CA ALA A 58 35.50 -12.77 21.34
C ALA A 58 35.42 -11.28 21.58
N ALA A 59 36.36 -10.47 21.13
CA ALA A 59 36.33 -9.01 21.41
C ALA A 59 35.32 -8.24 20.60
N GLU A 60 35.39 -8.55 19.31
CA GLU A 60 34.51 -7.85 18.32
C GLU A 60 33.09 -8.37 18.41
N SER A 61 32.79 -9.24 19.35
CA SER A 61 31.60 -9.86 19.74
C SER A 61 31.02 -9.43 21.11
N SER A 62 31.69 -8.54 21.80
CA SER A 62 31.20 -8.20 23.13
C SER A 62 31.53 -6.79 23.52
N THR A 63 32.82 -6.50 23.76
CA THR A 63 33.10 -5.14 24.19
C THR A 63 34.17 -4.43 23.47
N GLY A 64 34.96 -5.03 22.61
CA GLY A 64 35.99 -4.20 22.01
C GLY A 64 36.05 -3.94 20.56
N THR A 65 36.99 -2.96 20.31
CA THR A 65 37.23 -2.59 18.84
C THR A 65 38.71 -2.84 18.55
N TRP A 66 39.19 -2.35 17.39
CA TRP A 66 40.55 -2.51 16.92
C TRP A 66 41.65 -1.60 17.48
N THR A 67 41.38 -0.65 18.38
CA THR A 67 42.48 0.24 18.84
C THR A 67 42.09 0.52 20.26
N THR A 68 42.86 1.34 20.96
CA THR A 68 42.57 1.56 22.40
C THR A 68 41.82 2.82 22.60
N VAL A 69 40.71 2.63 23.38
CA VAL A 69 39.79 3.80 23.68
C VAL A 69 39.72 3.93 25.19
N TRP A 70 39.97 5.15 25.59
CA TRP A 70 39.96 5.49 27.02
C TRP A 70 38.67 5.11 27.75
N THR A 71 37.51 5.20 27.15
CA THR A 71 36.23 4.89 27.80
C THR A 71 36.17 3.59 28.57
N ASP A 72 36.94 2.61 28.18
CA ASP A 72 36.95 1.29 28.86
C ASP A 72 37.16 1.55 30.36
N GLY A 73 37.93 2.56 30.66
CA GLY A 73 38.19 2.83 32.14
C GLY A 73 37.03 3.34 32.94
N LEU A 74 35.99 3.69 32.28
CA LEU A 74 34.77 4.25 32.75
C LEU A 74 33.96 3.08 33.31
N THR A 75 34.10 2.00 32.60
CA THR A 75 33.36 0.79 33.11
C THR A 75 34.50 -0.18 33.52
N SER A 76 34.23 -1.46 33.61
CA SER A 76 35.22 -2.50 33.95
C SER A 76 35.11 -3.70 33.01
N LEU A 77 35.99 -3.91 32.00
CA LEU A 77 35.82 -5.01 31.07
C LEU A 77 35.93 -6.39 31.69
N ASP A 78 36.33 -6.40 32.94
CA ASP A 78 36.47 -7.81 33.49
C ASP A 78 35.07 -8.33 33.61
N ARG A 79 34.13 -7.47 33.93
CA ARG A 79 32.76 -7.85 34.08
C ARG A 79 31.97 -8.16 32.78
N TYR A 80 32.29 -7.35 31.83
CA TYR A 80 31.66 -7.39 30.50
C TYR A 80 32.39 -8.04 29.36
N LYS A 81 33.65 -8.05 29.13
CA LYS A 81 34.36 -8.66 28.07
C LYS A 81 33.92 -10.13 27.82
N GLY A 82 33.89 -10.36 26.49
CA GLY A 82 33.52 -11.70 25.95
C GLY A 82 34.91 -12.37 26.04
N ARG A 83 34.99 -13.66 26.35
CA ARG A 83 36.33 -14.24 26.48
C ARG A 83 36.42 -15.69 26.07
N CYS A 84 37.48 -15.81 25.22
CA CYS A 84 38.02 -16.96 24.56
C CYS A 84 38.83 -17.71 25.64
N TYR A 85 38.17 -18.71 26.12
CA TYR A 85 38.80 -19.50 27.22
C TYR A 85 39.34 -20.82 26.73
N ARG A 86 39.44 -21.02 25.43
CA ARG A 86 40.04 -22.26 24.95
C ARG A 86 39.84 -22.47 23.44
N ILE A 87 40.91 -23.09 22.92
CA ILE A 87 41.08 -23.45 21.52
C ILE A 87 41.25 -24.94 21.46
N GLU A 88 41.04 -25.59 20.37
CA GLU A 88 41.21 -27.04 20.25
C GLU A 88 41.49 -27.28 18.76
N ARG A 89 42.35 -28.21 18.41
CA ARG A 89 42.60 -28.44 16.99
C ARG A 89 41.48 -29.41 16.52
N VAL A 90 41.13 -29.14 15.29
CA VAL A 90 40.11 -29.93 14.62
C VAL A 90 41.02 -31.05 14.08
N VAL A 91 40.84 -32.13 14.80
CA VAL A 91 41.64 -33.32 14.41
C VAL A 91 41.34 -33.66 12.90
N GLY A 92 42.49 -33.65 12.28
CA GLY A 92 42.52 -33.99 10.83
C GLY A 92 41.73 -32.93 10.10
N GLU A 93 42.30 -31.74 10.17
CA GLU A 93 41.69 -30.59 9.53
C GLU A 93 42.65 -29.40 9.46
N LYS A 94 42.51 -28.97 8.22
CA LYS A 94 43.17 -27.84 7.60
C LYS A 94 43.11 -26.68 8.61
N ASP A 95 44.20 -26.30 9.20
CA ASP A 95 44.23 -25.23 10.14
C ASP A 95 42.85 -24.68 10.57
N GLN A 96 42.10 -25.60 11.13
CA GLN A 96 40.74 -25.33 11.66
C GLN A 96 40.75 -25.78 13.14
N TYR A 97 40.17 -24.93 13.93
CA TYR A 97 39.95 -24.97 15.33
C TYR A 97 38.55 -24.64 15.87
N ILE A 98 38.39 -24.97 17.11
CA ILE A 98 37.21 -24.76 17.89
C ILE A 98 37.59 -23.74 18.97
N ALA A 99 37.26 -22.53 18.73
CA ALA A 99 37.53 -21.45 19.71
C ALA A 99 36.25 -21.57 20.61
N TYR A 100 36.37 -21.46 21.93
CA TYR A 100 35.28 -21.53 22.81
C TYR A 100 35.26 -20.17 23.49
N VAL A 101 34.12 -19.49 23.34
CA VAL A 101 33.96 -18.16 23.96
C VAL A 101 32.79 -18.15 24.98
N ALA A 102 32.98 -17.28 25.93
CA ALA A 102 32.07 -17.14 27.05
C ALA A 102 31.62 -15.69 27.13
N TYR A 103 30.30 -15.54 27.17
CA TYR A 103 29.65 -14.23 27.23
C TYR A 103 28.85 -14.10 28.52
N PRO A 104 29.24 -13.08 29.28
CA PRO A 104 28.46 -12.83 30.56
C PRO A 104 26.98 -12.44 30.21
N LEU A 105 26.07 -12.88 31.06
CA LEU A 105 24.65 -12.62 31.00
C LEU A 105 24.33 -11.16 30.79
N ASP A 106 24.82 -10.27 31.59
CA ASP A 106 24.66 -8.82 31.53
C ASP A 106 24.69 -8.28 30.11
N LEU A 107 25.25 -8.96 29.19
CA LEU A 107 25.32 -8.44 27.80
C LEU A 107 24.10 -8.58 26.90
N PHE A 108 23.19 -9.45 27.13
CA PHE A 108 22.01 -9.72 26.37
C PHE A 108 20.76 -9.19 27.00
N GLU A 109 19.97 -8.65 26.14
CA GLU A 109 18.62 -8.07 26.39
C GLU A 109 17.75 -9.30 26.56
N GLU A 110 16.97 -9.19 27.55
CA GLU A 110 16.09 -10.35 27.96
C GLU A 110 15.09 -10.63 26.86
N GLY A 111 14.64 -11.84 26.66
CA GLY A 111 13.70 -12.23 25.67
C GLY A 111 13.93 -12.06 24.22
N SER A 112 15.09 -11.50 23.89
CA SER A 112 15.44 -11.18 22.52
C SER A 112 16.40 -12.02 21.75
N VAL A 113 16.03 -13.02 21.01
CA VAL A 113 17.01 -13.78 20.19
C VAL A 113 17.68 -12.74 19.30
N THR A 114 16.97 -11.71 18.86
CA THR A 114 17.49 -10.67 17.96
C THR A 114 18.82 -10.13 18.47
N ASN A 115 18.79 -9.70 19.70
CA ASN A 115 19.91 -9.16 20.44
C ASN A 115 20.95 -10.27 20.57
N MET A 116 20.70 -11.40 21.08
CA MET A 116 21.69 -12.51 21.19
C MET A 116 22.42 -12.73 19.90
N PHE A 117 21.73 -12.93 18.79
CA PHE A 117 22.35 -13.14 17.49
C PHE A 117 23.14 -11.88 17.13
N THR A 118 22.59 -10.69 17.30
CA THR A 118 23.30 -9.44 16.92
C THR A 118 24.69 -9.50 17.52
N SER A 119 24.80 -9.94 18.77
CA SER A 119 26.09 -10.04 19.47
C SER A 119 26.91 -11.23 18.94
N ILE A 120 26.58 -12.41 19.20
CA ILE A 120 27.39 -13.54 18.78
C ILE A 120 27.78 -13.63 17.38
N VAL A 121 26.89 -13.21 16.50
CA VAL A 121 27.19 -13.32 14.99
C VAL A 121 27.20 -12.07 14.21
N GLY A 122 27.00 -10.92 14.85
CA GLY A 122 26.98 -9.59 14.26
C GLY A 122 28.00 -9.30 13.21
N ASN A 123 29.25 -9.11 13.68
CA ASN A 123 30.34 -8.78 12.78
C ASN A 123 31.48 -9.73 12.57
N VAL A 124 31.86 -10.56 13.52
CA VAL A 124 33.00 -11.46 13.40
C VAL A 124 33.06 -12.28 12.17
N PHE A 125 31.95 -12.76 11.64
CA PHE A 125 32.16 -13.60 10.44
C PHE A 125 32.80 -12.76 9.33
N GLY A 126 32.98 -11.52 9.26
CA GLY A 126 33.63 -10.97 8.07
C GLY A 126 34.99 -10.36 8.34
N PHE A 127 35.61 -10.77 9.44
CA PHE A 127 36.95 -10.26 9.79
C PHE A 127 37.99 -10.58 8.71
N LYS A 128 38.82 -9.57 8.37
CA LYS A 128 39.86 -9.90 7.35
C LYS A 128 40.76 -11.00 7.93
N ALA A 129 41.20 -10.88 9.16
CA ALA A 129 42.04 -11.92 9.75
C ALA A 129 41.52 -13.34 9.69
N LEU A 130 40.23 -13.60 9.37
CA LEU A 130 39.72 -15.01 9.36
C LEU A 130 39.38 -15.35 7.92
N ARG A 131 39.30 -16.59 7.62
CA ARG A 131 38.96 -16.86 6.19
C ARG A 131 37.64 -17.57 6.17
N ALA A 132 37.31 -18.23 7.24
CA ALA A 132 35.99 -18.89 7.35
C ALA A 132 35.61 -18.91 8.82
N LEU A 133 34.40 -18.75 9.26
CA LEU A 133 33.99 -18.80 10.69
C LEU A 133 32.64 -19.52 10.69
N ARG A 134 32.34 -20.33 11.64
CA ARG A 134 31.06 -21.09 11.75
C ARG A 134 30.67 -21.33 13.22
N LEU A 135 29.39 -21.05 13.51
CA LEU A 135 28.99 -21.23 15.01
C LEU A 135 28.39 -22.62 15.01
N GLU A 136 28.91 -23.43 15.90
CA GLU A 136 28.45 -24.84 15.96
C GLU A 136 27.45 -25.08 17.07
N ASP A 137 27.59 -24.38 18.14
CA ASP A 137 26.66 -24.59 19.27
C ASP A 137 26.79 -23.46 20.24
N LEU A 138 25.71 -23.24 21.01
CA LEU A 138 25.62 -22.13 22.03
C LEU A 138 24.96 -22.77 23.28
N ARG A 139 25.50 -22.50 24.43
CA ARG A 139 24.95 -23.03 25.65
C ARG A 139 24.08 -21.96 26.23
N ILE A 140 22.78 -22.16 26.29
CA ILE A 140 21.95 -21.08 26.85
C ILE A 140 21.76 -21.35 28.33
N PRO A 141 22.19 -20.51 29.22
CA PRO A 141 21.97 -20.70 30.66
C PRO A 141 20.57 -20.56 31.12
N PRO A 142 20.13 -21.26 32.13
CA PRO A 142 18.77 -21.19 32.63
C PRO A 142 18.36 -19.79 33.01
N ALA A 143 19.29 -18.94 33.33
CA ALA A 143 18.96 -17.60 33.77
C ALA A 143 18.51 -16.81 32.56
N TYR A 144 18.93 -17.31 31.41
CA TYR A 144 18.54 -16.55 30.14
C TYR A 144 17.37 -17.37 29.54
N VAL A 145 17.41 -18.69 29.77
CA VAL A 145 16.24 -19.40 29.23
C VAL A 145 14.96 -18.80 29.82
N LYS A 146 14.91 -18.61 31.11
CA LYS A 146 13.74 -18.09 31.85
C LYS A 146 13.26 -16.74 31.37
N THR A 147 14.04 -16.13 30.53
CA THR A 147 13.51 -14.86 30.11
C THR A 147 12.70 -15.05 28.81
N PHE A 148 12.48 -16.23 28.26
CA PHE A 148 11.77 -16.44 27.03
C PHE A 148 10.43 -17.09 27.25
N GLN A 149 9.48 -16.89 26.35
CA GLN A 149 8.14 -17.40 26.46
C GLN A 149 8.22 -18.82 25.96
N GLY A 150 8.95 -18.89 24.91
CA GLY A 150 9.12 -20.25 24.29
C GLY A 150 7.86 -20.46 23.44
N PRO A 151 7.60 -21.70 23.16
CA PRO A 151 6.48 -22.02 22.35
C PRO A 151 5.19 -21.65 22.97
N PRO A 152 4.27 -21.21 22.11
CA PRO A 152 2.91 -20.84 22.49
C PRO A 152 2.37 -22.05 23.28
N HIS A 153 2.62 -23.28 22.76
CA HIS A 153 2.14 -24.43 23.46
C HIS A 153 3.00 -25.61 23.69
N GLY A 154 3.77 -26.16 22.80
CA GLY A 154 4.60 -27.36 23.00
C GLY A 154 3.93 -28.64 22.97
N ILE A 155 4.67 -29.69 22.67
CA ILE A 155 4.19 -31.08 22.52
C ILE A 155 3.03 -31.53 23.33
N GLN A 156 3.10 -31.40 24.58
CA GLN A 156 1.95 -31.89 25.42
C GLN A 156 0.66 -31.17 25.17
N VAL A 157 0.51 -29.87 25.40
CA VAL A 157 -0.77 -29.18 25.14
C VAL A 157 -1.24 -29.32 23.68
N GLU A 158 -0.34 -29.32 22.64
CA GLU A 158 -0.80 -29.54 21.27
C GLU A 158 -1.48 -30.92 21.22
N ARG A 159 -0.94 -32.01 21.66
CA ARG A 159 -1.61 -33.32 21.58
C ARG A 159 -2.91 -33.24 22.39
N ASP A 160 -2.83 -32.63 23.57
CA ASP A 160 -3.93 -32.46 24.46
C ASP A 160 -5.12 -31.73 23.82
N LYS A 161 -4.84 -30.73 23.06
CA LYS A 161 -5.81 -29.89 22.34
C LYS A 161 -6.42 -30.59 21.14
N LEU A 162 -5.71 -31.14 20.24
CA LEU A 162 -6.11 -31.89 19.10
C LEU A 162 -6.55 -33.29 19.50
N ASN A 163 -6.36 -33.69 20.72
CA ASN A 163 -6.74 -35.06 21.18
C ASN A 163 -6.02 -36.17 20.41
N LYS A 164 -4.70 -36.00 20.30
CA LYS A 164 -4.01 -37.06 19.51
C LYS A 164 -2.79 -37.60 20.19
N TYR A 165 -2.83 -38.90 20.41
CA TYR A 165 -1.88 -39.76 21.06
C TYR A 165 -1.48 -41.03 20.33
N GLY A 166 -0.31 -41.56 20.59
CA GLY A 166 0.42 -42.67 20.17
C GLY A 166 0.78 -42.80 18.77
N ARG A 167 1.48 -41.99 18.09
CA ARG A 167 1.89 -42.03 16.71
C ARG A 167 2.20 -40.64 16.15
N PRO A 168 3.05 -40.64 15.18
CA PRO A 168 3.37 -39.41 14.49
C PRO A 168 2.11 -38.77 13.89
N LEU A 169 2.11 -37.44 13.85
CA LEU A 169 0.97 -36.65 13.29
C LEU A 169 1.31 -36.65 11.78
N LEU A 170 0.24 -36.71 10.97
CA LEU A 170 0.46 -36.75 9.50
C LEU A 170 0.02 -35.49 8.82
N GLY A 171 0.75 -34.98 7.92
CA GLY A 171 0.46 -33.74 7.17
C GLY A 171 0.83 -33.75 5.72
N CYS A 172 0.49 -32.72 4.97
CA CYS A 172 0.73 -32.62 3.50
C CYS A 172 0.81 -31.22 3.03
N THR A 173 1.64 -30.82 2.16
CA THR A 173 1.81 -29.45 1.59
C THR A 173 1.05 -29.52 0.27
N ILE A 174 0.09 -28.66 0.10
CA ILE A 174 -0.74 -28.73 -1.16
C ILE A 174 0.14 -28.43 -2.33
N LYS A 175 0.12 -28.96 -3.49
CA LYS A 175 1.08 -28.52 -4.59
C LYS A 175 0.12 -28.34 -5.74
N PRO A 176 0.45 -27.61 -6.79
CA PRO A 176 1.66 -26.90 -7.03
C PRO A 176 2.00 -25.85 -5.97
N LYS A 177 3.26 -25.45 -5.97
CA LYS A 177 3.78 -24.45 -4.97
C LYS A 177 2.93 -23.18 -5.00
N LEU A 178 2.97 -22.47 -6.09
CA LEU A 178 2.28 -21.26 -6.40
C LEU A 178 1.32 -21.50 -7.55
N GLY A 179 0.22 -20.76 -7.71
CA GLY A 179 -0.65 -20.96 -8.85
C GLY A 179 -1.98 -21.55 -8.78
N LEU A 180 -2.44 -21.95 -7.63
CA LEU A 180 -3.76 -22.61 -7.44
C LEU A 180 -4.68 -21.57 -6.99
N SER A 181 -5.96 -21.56 -7.25
CA SER A 181 -6.88 -20.49 -6.78
C SER A 181 -7.39 -20.78 -5.39
N ALA A 182 -7.84 -19.79 -4.68
CA ALA A 182 -8.37 -19.94 -3.32
C ALA A 182 -9.22 -21.18 -3.27
N LYS A 183 -10.19 -21.31 -4.13
CA LYS A 183 -11.13 -22.39 -4.20
C LYS A 183 -10.58 -23.79 -4.36
N ASN A 184 -9.65 -23.89 -5.26
CA ASN A 184 -8.99 -25.12 -5.61
C ASN A 184 -8.15 -25.48 -4.38
N TYR A 185 -7.63 -24.47 -3.72
CA TYR A 185 -6.78 -24.77 -2.55
C TYR A 185 -7.66 -25.46 -1.52
N GLY A 186 -8.86 -25.02 -1.32
CA GLY A 186 -9.78 -25.64 -0.36
C GLY A 186 -10.16 -27.07 -0.75
N ARG A 187 -10.52 -27.34 -1.98
CA ARG A 187 -10.92 -28.57 -2.56
C ARG A 187 -9.78 -29.54 -2.27
N ALA A 188 -8.58 -29.22 -2.67
CA ALA A 188 -7.42 -30.04 -2.45
C ALA A 188 -7.30 -30.40 -0.98
N VAL A 189 -7.49 -29.43 -0.09
CA VAL A 189 -7.42 -29.51 1.36
C VAL A 189 -8.44 -30.47 1.87
N TYR A 190 -9.68 -30.33 1.68
CA TYR A 190 -10.75 -31.19 2.11
C TYR A 190 -10.50 -32.66 1.68
N GLU A 191 -10.08 -32.76 0.45
CA GLU A 191 -9.79 -34.05 -0.17
C GLU A 191 -8.66 -34.66 0.58
N CYS A 192 -7.50 -33.98 0.81
CA CYS A 192 -6.40 -34.58 1.55
C CYS A 192 -6.89 -34.94 2.93
N LEU A 193 -7.34 -33.98 3.70
CA LEU A 193 -7.81 -34.34 5.10
C LEU A 193 -8.86 -35.43 5.22
N ARG A 194 -9.90 -35.67 4.46
CA ARG A 194 -10.95 -36.64 4.61
C ARG A 194 -10.38 -38.03 4.52
N GLY A 195 -9.26 -38.04 3.90
CA GLY A 195 -8.46 -39.27 3.68
C GLY A 195 -7.83 -39.78 4.93
N GLY A 196 -7.43 -38.95 5.83
CA GLY A 196 -6.82 -39.37 7.07
C GLY A 196 -5.65 -38.64 7.46
N LEU A 197 -5.16 -37.61 6.90
CA LEU A 197 -4.06 -36.69 7.15
C LEU A 197 -4.57 -35.85 8.31
N ASP A 198 -3.80 -35.36 9.22
CA ASP A 198 -4.21 -34.60 10.38
C ASP A 198 -4.27 -33.16 10.03
N PHE A 199 -3.34 -32.82 9.16
CA PHE A 199 -3.08 -31.48 8.68
C PHE A 199 -2.75 -31.32 7.23
N THR A 200 -3.04 -30.14 6.74
CA THR A 200 -2.59 -29.88 5.31
C THR A 200 -1.88 -28.55 5.50
N LYS A 201 -1.16 -27.87 4.75
CA LYS A 201 -0.62 -26.62 4.90
C LYS A 201 -0.29 -25.86 3.69
N ASP A 202 -0.07 -24.60 3.83
CA ASP A 202 0.28 -23.62 2.80
C ASP A 202 1.74 -23.95 2.57
N ASP A 203 2.23 -23.73 1.45
CA ASP A 203 3.62 -23.92 1.05
C ASP A 203 4.18 -22.58 1.68
N GLU A 204 5.35 -22.66 2.23
CA GLU A 204 5.99 -21.53 2.83
C GLU A 204 5.96 -20.31 1.97
N ASN A 205 5.88 -20.39 0.66
CA ASN A 205 5.85 -19.25 -0.19
C ASN A 205 4.40 -18.88 -0.56
N VAL A 206 3.41 -19.51 -0.10
CA VAL A 206 2.01 -19.10 -0.39
C VAL A 206 1.69 -18.04 0.68
N ASN A 207 1.63 -16.78 0.30
CA ASN A 207 1.33 -15.70 1.27
C ASN A 207 0.07 -15.03 0.71
N SER A 208 0.20 -14.02 -0.08
CA SER A 208 -0.98 -13.33 -0.65
C SER A 208 -0.58 -12.89 -2.03
N GLN A 209 -1.09 -13.45 -3.12
CA GLN A 209 -0.62 -13.14 -4.45
C GLN A 209 -1.81 -13.00 -5.35
N PRO A 210 -1.45 -12.47 -6.51
CA PRO A 210 -2.49 -12.22 -7.54
C PRO A 210 -3.25 -13.51 -7.75
N PHE A 211 -2.65 -14.60 -8.03
CA PHE A 211 -3.42 -15.84 -8.24
C PHE A 211 -4.23 -16.17 -7.00
N MET A 212 -4.00 -15.82 -5.79
CA MET A 212 -4.80 -16.27 -4.65
C MET A 212 -4.35 -15.37 -3.47
N ARG A 213 -5.38 -14.77 -2.95
CA ARG A 213 -5.24 -13.83 -1.88
C ARG A 213 -5.50 -14.45 -0.49
N TRP A 214 -4.66 -14.02 0.50
CA TRP A 214 -4.68 -14.57 1.76
C TRP A 214 -6.05 -14.71 2.35
N ARG A 215 -6.86 -13.65 2.43
CA ARG A 215 -8.19 -13.87 3.04
C ARG A 215 -9.04 -14.82 2.28
N ASP A 216 -8.98 -15.05 0.99
CA ASP A 216 -9.85 -15.92 0.23
C ASP A 216 -9.40 -17.30 0.49
N ARG A 217 -8.08 -17.48 0.62
CA ARG A 217 -7.52 -18.82 0.89
C ARG A 217 -8.00 -19.22 2.26
N PHE A 218 -7.87 -18.35 3.20
CA PHE A 218 -8.24 -18.70 4.58
C PHE A 218 -9.68 -19.05 4.72
N LEU A 219 -10.57 -18.42 4.07
CA LEU A 219 -12.01 -18.58 4.11
C LEU A 219 -12.32 -19.93 3.51
N PHE A 220 -11.77 -20.22 2.36
CA PHE A 220 -12.11 -21.57 1.82
C PHE A 220 -11.40 -22.73 2.58
N CYS A 221 -10.17 -22.67 2.93
CA CYS A 221 -9.59 -23.76 3.70
C CYS A 221 -10.43 -23.98 4.96
N ALA A 222 -10.97 -22.98 5.58
CA ALA A 222 -11.78 -23.20 6.83
C ALA A 222 -12.96 -24.02 6.45
N GLU A 223 -13.60 -23.59 5.36
CA GLU A 223 -14.83 -24.38 4.93
C GLU A 223 -14.47 -25.85 4.75
N ALA A 224 -13.43 -26.24 4.10
CA ALA A 224 -12.90 -27.48 3.82
C ALA A 224 -12.45 -28.12 5.06
N LEU A 225 -11.68 -27.53 5.94
CA LEU A 225 -11.26 -28.39 7.11
C LEU A 225 -12.46 -28.71 7.95
N TYR A 226 -13.29 -27.75 7.96
CA TYR A 226 -14.54 -28.04 8.77
C TYR A 226 -15.28 -29.22 8.13
N LYS A 227 -15.33 -29.35 6.84
CA LYS A 227 -16.03 -30.44 6.16
C LYS A 227 -15.42 -31.81 6.48
N ALA A 228 -14.13 -31.95 6.35
CA ALA A 228 -13.31 -33.11 6.59
C ALA A 228 -13.35 -33.46 8.04
N GLN A 229 -13.29 -32.51 8.91
CA GLN A 229 -13.33 -32.90 10.34
C GLN A 229 -14.65 -33.57 10.63
N ALA A 230 -15.77 -33.05 10.20
CA ALA A 230 -17.07 -33.58 10.48
C ALA A 230 -17.27 -34.97 9.88
N GLU A 231 -16.77 -35.14 8.72
CA GLU A 231 -16.82 -36.34 7.95
C GLU A 231 -16.07 -37.44 8.71
N THR A 232 -14.79 -37.21 8.98
CA THR A 232 -14.02 -38.23 9.67
C THR A 232 -14.28 -38.35 11.14
N GLY A 233 -14.60 -37.40 11.91
CA GLY A 233 -14.82 -37.56 13.33
C GLY A 233 -13.48 -37.38 14.03
N GLU A 234 -12.48 -36.83 13.34
CA GLU A 234 -11.15 -36.53 13.92
C GLU A 234 -10.76 -35.08 13.74
N ILE A 235 -10.23 -34.42 14.75
CA ILE A 235 -9.90 -33.00 14.72
C ILE A 235 -8.97 -32.83 13.58
N LYS A 236 -9.17 -31.95 12.67
CA LYS A 236 -8.33 -31.61 11.52
C LYS A 236 -7.78 -30.18 11.69
N GLY A 237 -6.81 -29.81 10.89
CA GLY A 237 -6.19 -28.49 10.95
C GLY A 237 -5.53 -28.14 9.65
N HIS A 238 -5.45 -26.87 9.27
CA HIS A 238 -4.77 -26.59 7.97
C HIS A 238 -3.79 -25.55 8.30
N TYR A 239 -2.50 -25.63 8.21
CA TYR A 239 -1.59 -24.53 8.57
C TYR A 239 -1.80 -23.29 7.70
N LEU A 240 -2.29 -22.19 8.17
CA LEU A 240 -2.54 -20.99 7.42
C LEU A 240 -1.32 -20.12 7.54
N ASN A 241 -0.71 -19.90 6.41
CA ASN A 241 0.48 -19.00 6.44
C ASN A 241 0.21 -17.55 6.79
N ALA A 242 0.70 -17.12 7.92
CA ALA A 242 0.62 -15.69 8.36
C ALA A 242 1.87 -14.94 7.91
N THR A 243 2.88 -15.46 7.30
CA THR A 243 4.11 -14.75 6.84
C THR A 243 3.64 -13.55 5.96
N ALA A 244 4.10 -12.37 6.25
CA ALA A 244 3.66 -11.22 5.52
C ALA A 244 4.79 -10.27 5.42
N GLY A 245 4.60 -9.18 4.75
CA GLY A 245 5.61 -8.19 4.58
C GLY A 245 5.74 -7.20 5.75
N THR A 246 4.89 -6.93 6.65
CA THR A 246 5.00 -6.02 7.77
C THR A 246 4.43 -6.70 8.97
N CYS A 247 4.70 -6.37 10.17
CA CYS A 247 4.18 -7.06 11.35
C CYS A 247 2.68 -6.83 11.36
N GLU A 248 2.34 -5.61 11.00
CA GLU A 248 0.90 -5.26 10.96
C GLU A 248 0.19 -6.20 10.04
N GLU A 249 0.71 -6.57 8.92
CA GLU A 249 0.10 -7.44 7.98
C GLU A 249 0.03 -8.78 8.67
N MET A 250 1.13 -9.22 9.08
CA MET A 250 1.23 -10.53 9.79
C MET A 250 0.17 -10.67 10.90
N ILE A 251 0.08 -9.73 11.78
CA ILE A 251 -0.89 -9.89 12.88
C ILE A 251 -2.29 -10.03 12.40
N LYS A 252 -2.51 -9.25 11.35
CA LYS A 252 -3.82 -9.11 10.67
C LYS A 252 -4.32 -10.42 10.10
N ARG A 253 -3.56 -11.23 9.58
CA ARG A 253 -3.90 -12.53 9.05
C ARG A 253 -4.12 -13.42 10.26
N ALA A 254 -3.22 -13.39 11.24
CA ALA A 254 -3.31 -14.21 12.46
C ALA A 254 -4.64 -13.90 13.04
N VAL A 255 -4.97 -12.69 13.13
CA VAL A 255 -6.31 -12.30 13.68
C VAL A 255 -7.50 -12.92 12.93
N PHE A 256 -7.48 -13.10 11.64
CA PHE A 256 -8.66 -13.72 10.95
C PHE A 256 -8.72 -15.22 11.25
N ALA A 257 -7.50 -15.86 11.31
CA ALA A 257 -7.52 -17.33 11.60
C ALA A 257 -8.27 -17.38 12.94
N ARG A 258 -7.91 -16.48 13.84
CA ARG A 258 -8.66 -16.50 15.16
C ARG A 258 -10.13 -16.37 15.03
N GLU A 259 -10.52 -15.39 14.16
CA GLU A 259 -11.94 -15.18 13.90
C GLU A 259 -12.60 -16.47 13.38
N LEU A 260 -11.99 -17.24 12.48
CA LEU A 260 -12.59 -18.47 11.94
C LEU A 260 -12.55 -19.64 12.88
N GLY A 261 -11.77 -19.49 13.94
CA GLY A 261 -11.72 -20.58 14.97
C GLY A 261 -10.87 -21.75 14.68
N VAL A 262 -10.19 -21.79 13.59
CA VAL A 262 -9.31 -22.79 13.12
C VAL A 262 -8.19 -22.89 14.22
N PRO A 263 -7.54 -24.02 14.33
CA PRO A 263 -6.53 -24.28 15.30
C PRO A 263 -5.11 -24.03 14.96
N ILE A 264 -4.60 -23.86 13.81
CA ILE A 264 -3.11 -23.60 13.73
C ILE A 264 -2.75 -22.68 12.65
N VAL A 265 -1.71 -21.89 12.77
CA VAL A 265 -1.17 -20.91 11.83
C VAL A 265 0.26 -21.33 11.52
N MET A 266 0.98 -20.59 10.76
CA MET A 266 2.33 -21.02 10.36
C MET A 266 3.16 -19.84 10.08
N HIS A 267 4.47 -19.87 10.08
CA HIS A 267 5.25 -18.63 9.86
C HIS A 267 6.60 -18.98 9.37
N ASP A 268 7.23 -18.43 8.40
CA ASP A 268 8.56 -18.77 7.94
C ASP A 268 9.38 -17.87 8.91
N TYR A 269 9.91 -18.48 9.93
CA TYR A 269 10.69 -17.61 10.87
C TYR A 269 11.92 -16.96 10.31
N LEU A 270 12.60 -17.57 9.38
CA LEU A 270 13.89 -16.92 8.93
C LEU A 270 13.63 -15.82 7.91
N THR A 271 12.76 -15.99 6.96
CA THR A 271 12.54 -14.88 5.99
C THR A 271 11.72 -13.82 6.66
N GLY A 272 10.87 -14.20 7.60
CA GLY A 272 10.04 -13.27 8.39
C GLY A 272 10.97 -12.41 9.27
N GLY A 273 11.68 -13.10 10.14
CA GLY A 273 12.62 -12.59 11.12
C GLY A 273 12.30 -12.87 12.55
N PHE A 274 13.32 -12.95 13.45
CA PHE A 274 13.07 -13.25 14.87
C PHE A 274 12.17 -12.17 15.43
N THR A 275 12.35 -10.90 15.09
CA THR A 275 11.53 -9.86 15.67
C THR A 275 10.08 -10.15 15.41
N ALA A 276 9.68 -10.36 14.17
CA ALA A 276 8.32 -10.68 13.78
C ALA A 276 7.92 -12.03 14.32
N ASN A 277 8.78 -13.03 14.38
CA ASN A 277 8.32 -14.34 14.91
C ASN A 277 7.90 -14.27 16.32
N THR A 278 8.81 -13.62 17.06
CA THR A 278 8.45 -13.51 18.50
C THR A 278 7.16 -12.89 18.71
N SER A 279 6.77 -11.85 17.99
CA SER A 279 5.51 -11.10 18.10
C SER A 279 4.45 -12.14 17.74
N LEU A 280 4.54 -12.97 16.75
CA LEU A 280 3.52 -13.92 16.42
C LEU A 280 3.31 -14.98 17.50
N ALA A 281 4.45 -15.44 18.07
CA ALA A 281 4.35 -16.48 19.11
C ALA A 281 3.53 -15.88 20.26
N HIS A 282 3.84 -14.58 20.54
CA HIS A 282 3.09 -13.99 21.68
C HIS A 282 1.60 -14.01 21.39
N TYR A 283 1.22 -13.54 20.25
CA TYR A 283 -0.14 -13.41 19.78
C TYR A 283 -0.76 -14.79 19.74
N CYS A 284 0.00 -15.75 19.22
CA CYS A 284 -0.54 -17.11 19.24
C CYS A 284 -0.77 -17.56 20.69
N ARG A 285 0.15 -17.28 21.56
CA ARG A 285 0.01 -17.73 22.95
C ARG A 285 -1.26 -17.14 23.56
N ASP A 286 -1.44 -15.89 23.42
CA ASP A 286 -2.61 -15.26 23.98
C ASP A 286 -3.87 -15.58 23.29
N ASN A 287 -3.87 -16.11 22.12
CA ASN A 287 -5.17 -16.40 21.42
C ASN A 287 -5.37 -17.85 21.11
N GLY A 288 -4.55 -18.69 21.67
CA GLY A 288 -4.47 -20.08 21.57
C GLY A 288 -4.42 -20.77 20.24
N LEU A 289 -3.64 -20.32 19.37
CA LEU A 289 -3.41 -20.87 18.04
C LEU A 289 -2.11 -21.66 18.15
N LEU A 290 -1.85 -22.77 17.56
CA LEU A 290 -0.62 -23.50 17.58
C LEU A 290 0.17 -22.83 16.45
N LEU A 291 1.48 -22.78 16.56
CA LEU A 291 2.28 -22.13 15.45
C LEU A 291 3.22 -23.10 14.80
N HIS A 292 3.20 -23.22 13.48
CA HIS A 292 4.09 -24.15 12.74
C HIS A 292 5.24 -23.37 12.10
N ILE A 293 6.46 -23.61 12.40
CA ILE A 293 7.57 -22.86 11.88
C ILE A 293 8.14 -23.47 10.65
N HIS A 294 8.41 -22.73 9.62
CA HIS A 294 8.95 -23.26 8.32
C HIS A 294 10.26 -22.52 8.32
N ARG A 295 11.31 -23.26 8.15
CA ARG A 295 12.69 -22.74 8.25
C ARG A 295 13.37 -22.28 6.94
N ALA A 296 12.51 -21.89 5.99
CA ALA A 296 12.96 -21.39 4.68
C ALA A 296 14.18 -20.45 4.89
N MET A 297 15.10 -20.56 3.99
CA MET A 297 16.33 -19.77 4.03
C MET A 297 17.44 -20.34 4.85
N HIS A 298 17.14 -21.20 5.75
CA HIS A 298 18.09 -21.84 6.67
C HIS A 298 19.26 -22.50 5.95
N ALA A 299 19.07 -23.24 4.93
CA ALA A 299 20.21 -23.83 4.24
C ALA A 299 21.17 -22.80 3.66
N VAL A 300 20.80 -21.56 3.57
CA VAL A 300 21.76 -20.53 3.05
C VAL A 300 22.80 -20.38 4.19
N ILE A 301 22.44 -20.53 5.45
CA ILE A 301 23.29 -20.39 6.54
C ILE A 301 23.90 -21.64 7.09
N ASP A 302 23.15 -22.70 7.02
CA ASP A 302 23.66 -23.93 7.64
C ASP A 302 24.25 -24.97 6.81
N ARG A 303 24.46 -24.80 5.53
CA ARG A 303 25.03 -25.96 4.74
C ARG A 303 26.52 -26.28 4.92
N GLN A 304 27.45 -25.45 4.53
CA GLN A 304 28.87 -25.58 4.59
C GLN A 304 29.37 -25.81 6.01
N LYS A 305 30.24 -26.84 6.12
CA LYS A 305 30.84 -27.26 7.35
C LYS A 305 31.87 -26.31 7.82
N ASN A 306 32.35 -25.37 7.11
CA ASN A 306 33.36 -24.44 7.48
C ASN A 306 32.97 -23.02 7.78
N HIS A 307 31.78 -22.59 7.33
CA HIS A 307 31.28 -21.21 7.48
C HIS A 307 29.76 -21.20 7.61
N GLY A 308 29.31 -20.42 8.58
CA GLY A 308 27.95 -20.23 8.89
C GLY A 308 27.44 -20.50 10.28
N ILE A 309 26.08 -20.82 10.30
CA ILE A 309 25.58 -21.11 11.65
C ILE A 309 25.12 -22.59 11.56
N HIS A 310 25.22 -23.34 12.61
CA HIS A 310 24.73 -24.75 12.38
C HIS A 310 23.22 -24.81 12.70
N PHE A 311 22.40 -25.58 12.06
CA PHE A 311 21.00 -25.63 12.39
C PHE A 311 20.74 -25.87 13.86
N ARG A 312 21.50 -26.68 14.52
CA ARG A 312 21.20 -26.94 15.95
C ARG A 312 21.12 -25.57 16.60
N VAL A 313 21.86 -24.62 16.15
CA VAL A 313 21.71 -23.34 16.81
C VAL A 313 20.44 -22.62 16.40
N LEU A 314 20.16 -22.69 15.11
CA LEU A 314 18.92 -22.09 14.52
C LEU A 314 17.81 -22.82 15.29
N ALA A 315 17.88 -24.13 15.43
CA ALA A 315 16.86 -24.84 16.17
C ALA A 315 16.59 -24.37 17.58
N LYS A 316 17.65 -24.06 18.33
CA LYS A 316 17.66 -23.55 19.67
C LYS A 316 16.98 -22.19 19.75
N ALA A 317 17.39 -21.34 18.84
CA ALA A 317 16.96 -19.98 18.62
C ALA A 317 15.44 -19.90 18.51
N LEU A 318 14.84 -20.83 17.79
CA LEU A 318 13.42 -20.93 17.64
C LEU A 318 12.82 -21.42 18.96
N ARG A 319 13.25 -22.46 19.54
CA ARG A 319 12.59 -22.95 20.83
C ARG A 319 12.55 -21.82 21.81
N MET A 320 13.36 -20.81 21.54
CA MET A 320 13.39 -19.66 22.48
C MET A 320 12.39 -18.64 22.07
N SER A 321 12.46 -18.32 20.74
CA SER A 321 11.58 -17.34 20.08
C SER A 321 10.13 -17.82 20.20
N GLY A 322 9.85 -19.05 19.81
CA GLY A 322 8.49 -19.49 19.93
C GLY A 322 8.05 -20.22 18.70
N GLY A 323 7.59 -21.46 18.91
CA GLY A 323 7.12 -22.25 17.75
C GLY A 323 6.60 -23.55 18.35
N ASP A 324 5.60 -24.14 17.84
CA ASP A 324 5.06 -25.35 18.40
C ASP A 324 5.61 -26.46 17.47
N HIS A 325 5.83 -26.16 16.21
CA HIS A 325 6.40 -27.14 15.28
C HIS A 325 7.63 -26.46 14.60
N ILE A 326 8.64 -27.17 14.24
CA ILE A 326 9.80 -26.73 13.52
C ILE A 326 10.17 -27.93 12.65
N HIS A 327 10.59 -27.66 11.48
CA HIS A 327 10.98 -28.67 10.45
C HIS A 327 12.37 -29.09 10.94
N SER A 328 12.61 -30.33 11.04
CA SER A 328 13.81 -30.92 11.53
C SER A 328 14.56 -31.67 10.46
N GLY A 329 14.04 -31.92 9.30
CA GLY A 329 14.75 -32.69 8.26
C GLY A 329 14.23 -34.11 8.11
N THR A 330 14.65 -34.94 7.15
CA THR A 330 14.15 -36.26 7.01
C THR A 330 15.18 -37.40 6.97
N VAL A 331 16.41 -36.91 6.76
CA VAL A 331 17.58 -37.81 6.59
C VAL A 331 17.52 -38.48 5.18
N VAL A 332 16.53 -39.28 5.01
CA VAL A 332 16.13 -40.09 3.93
C VAL A 332 15.46 -39.54 2.71
N GLY A 333 15.38 -38.25 2.49
CA GLY A 333 14.62 -37.69 1.40
C GLY A 333 15.24 -36.68 0.57
N LYS A 334 14.54 -35.80 -0.11
CA LYS A 334 14.99 -34.81 -1.07
C LYS A 334 16.00 -33.79 -0.59
N LEU A 335 16.07 -33.45 0.63
CA LEU A 335 17.08 -32.45 1.09
C LEU A 335 18.11 -33.07 2.09
N GLU A 336 19.29 -32.42 2.16
CA GLU A 336 20.40 -32.80 2.96
C GLU A 336 20.09 -32.94 4.41
N GLY A 337 20.73 -33.85 5.09
CA GLY A 337 20.58 -34.09 6.54
C GLY A 337 21.09 -35.43 7.02
N GLU A 338 22.03 -35.41 8.02
CA GLU A 338 22.50 -36.76 8.48
C GLU A 338 21.92 -37.08 9.85
N ARG A 339 21.60 -38.34 9.92
CA ARG A 339 21.01 -39.06 10.98
C ARG A 339 21.44 -38.73 12.39
N ASP A 340 22.72 -38.70 12.63
CA ASP A 340 23.22 -38.52 14.03
C ASP A 340 23.08 -37.14 14.55
N ILE A 341 23.39 -36.24 13.62
CA ILE A 341 23.32 -34.81 13.88
C ILE A 341 21.87 -34.48 14.17
N THR A 342 21.07 -35.10 13.25
CA THR A 342 19.66 -34.86 13.34
C THR A 342 19.17 -35.32 14.65
N LEU A 343 19.53 -36.53 14.99
CA LEU A 343 19.01 -37.06 16.31
C LEU A 343 19.37 -36.14 17.43
N GLY A 344 20.52 -35.54 17.17
CA GLY A 344 21.11 -34.61 18.10
C GLY A 344 20.30 -33.42 18.39
N PHE A 345 20.03 -32.70 17.29
CA PHE A 345 19.18 -31.43 17.51
C PHE A 345 17.73 -31.78 17.78
N VAL A 346 17.21 -32.90 17.28
CA VAL A 346 15.83 -33.27 17.60
C VAL A 346 15.76 -33.34 19.13
N ASP A 347 16.78 -33.79 19.81
CA ASP A 347 16.68 -33.86 21.29
C ASP A 347 16.78 -32.42 21.76
N LEU A 348 17.61 -31.65 21.21
CA LEU A 348 17.69 -30.21 21.63
C LEU A 348 16.32 -29.52 21.51
N LEU A 349 15.51 -29.93 20.51
CA LEU A 349 14.13 -29.44 20.24
C LEU A 349 13.03 -29.95 21.19
N ARG A 350 13.03 -31.21 21.48
CA ARG A 350 12.03 -31.77 22.40
C ARG A 350 12.34 -31.97 23.85
N ASP A 351 13.46 -32.48 24.30
CA ASP A 351 13.85 -32.76 25.74
C ASP A 351 14.12 -31.64 26.68
N ASP A 352 14.00 -31.98 27.97
CA ASP A 352 14.22 -30.90 28.99
C ASP A 352 15.68 -30.58 29.32
N PHE A 353 16.55 -31.57 29.27
CA PHE A 353 17.93 -31.60 29.52
C PHE A 353 18.57 -32.54 28.50
N VAL A 354 19.61 -31.99 28.02
CA VAL A 354 20.34 -32.74 26.95
C VAL A 354 21.81 -32.54 27.28
N GLU A 355 22.27 -33.76 27.58
CA GLU A 355 23.69 -34.01 28.00
C GLU A 355 24.57 -33.81 26.84
N GLN A 356 25.67 -33.19 26.97
CA GLN A 356 26.66 -32.98 25.86
C GLN A 356 27.05 -34.21 25.08
N ASP A 357 27.24 -34.31 23.80
CA ASP A 357 27.59 -35.62 23.21
C ASP A 357 28.19 -35.33 21.88
N ARG A 358 29.45 -35.02 21.90
CA ARG A 358 30.17 -34.64 20.65
C ARG A 358 30.00 -35.60 19.53
N SER A 359 29.57 -36.77 19.93
CA SER A 359 29.37 -37.84 18.95
C SER A 359 28.36 -37.14 18.06
N ARG A 360 27.24 -36.81 18.61
CA ARG A 360 26.15 -36.17 17.90
C ARG A 360 26.17 -34.72 17.65
N GLY A 361 27.25 -34.06 17.78
CA GLY A 361 27.39 -32.64 17.51
C GLY A 361 26.98 -31.77 18.61
N ILE A 362 26.61 -32.32 19.77
CA ILE A 362 26.20 -31.44 20.89
C ILE A 362 27.42 -31.08 21.72
N TYR A 363 27.90 -29.89 21.53
CA TYR A 363 29.03 -29.39 22.28
C TYR A 363 28.80 -28.97 23.73
N PHE A 364 27.67 -28.76 24.27
CA PHE A 364 27.40 -28.35 25.64
C PHE A 364 26.09 -29.01 26.09
N THR A 365 26.04 -29.17 27.41
CA THR A 365 24.83 -29.74 28.09
C THR A 365 23.84 -28.60 28.03
N GLN A 366 22.62 -28.93 27.66
CA GLN A 366 21.62 -27.83 27.53
C GLN A 366 20.54 -28.13 28.51
N ASP A 367 20.27 -27.19 29.41
CA ASP A 367 19.17 -27.42 30.41
C ASP A 367 18.06 -26.45 30.03
N TRP A 368 16.89 -26.88 29.72
CA TRP A 368 15.81 -26.06 29.26
C TRP A 368 14.93 -25.67 30.39
N VAL A 369 15.21 -25.94 31.55
CA VAL A 369 14.33 -25.48 32.68
C VAL A 369 12.88 -25.37 32.31
N SER A 370 12.36 -26.48 31.90
CA SER A 370 10.94 -26.62 31.54
C SER A 370 10.44 -25.77 30.38
N LEU A 371 11.21 -25.20 29.50
CA LEU A 371 10.66 -24.51 28.32
C LEU A 371 9.98 -25.68 27.58
N PRO A 372 8.81 -25.55 27.07
CA PRO A 372 8.07 -26.59 26.34
C PRO A 372 8.94 -27.08 25.20
N GLY A 373 8.62 -28.23 24.75
CA GLY A 373 9.47 -28.72 23.62
C GLY A 373 8.62 -28.57 22.36
N VAL A 374 9.21 -28.57 21.23
CA VAL A 374 8.75 -28.40 19.93
C VAL A 374 8.76 -29.67 19.19
N LEU A 375 7.74 -29.98 18.49
CA LEU A 375 7.43 -31.14 17.64
C LEU A 375 8.21 -31.08 16.36
N PRO A 376 9.19 -31.87 16.12
CA PRO A 376 9.91 -31.82 14.82
C PRO A 376 8.99 -32.32 13.70
N VAL A 377 9.22 -31.71 12.50
CA VAL A 377 8.46 -32.07 11.31
C VAL A 377 9.39 -32.60 10.27
N ALA A 378 9.04 -33.76 9.81
CA ALA A 378 9.83 -34.44 8.72
C ALA A 378 9.08 -34.26 7.44
N SER A 379 9.70 -33.54 6.52
CA SER A 379 9.13 -33.21 5.20
C SER A 379 10.11 -33.06 4.03
N GLY A 380 9.59 -33.32 2.83
CA GLY A 380 10.30 -33.22 1.60
C GLY A 380 10.79 -34.45 0.96
N GLY A 381 10.17 -34.84 -0.15
CA GLY A 381 10.52 -35.98 -0.91
C GLY A 381 10.48 -37.25 -0.13
N ILE A 382 9.50 -37.61 0.60
CA ILE A 382 9.34 -38.82 1.38
C ILE A 382 8.02 -39.42 0.87
N HIS A 383 7.95 -40.70 0.91
CA HIS A 383 6.87 -41.53 0.48
C HIS A 383 6.74 -42.81 1.32
N VAL A 384 5.67 -43.44 1.07
CA VAL A 384 5.10 -44.63 1.62
C VAL A 384 6.25 -45.51 2.02
N TRP A 385 7.16 -45.78 1.14
CA TRP A 385 8.31 -46.65 1.41
C TRP A 385 9.28 -46.07 2.41
N HIS A 386 9.10 -44.90 2.95
CA HIS A 386 10.05 -44.38 3.95
C HIS A 386 9.44 -44.45 5.34
N MET A 387 8.13 -44.82 5.37
CA MET A 387 7.44 -44.79 6.63
C MET A 387 8.14 -45.33 7.86
N PRO A 388 8.54 -46.57 7.75
CA PRO A 388 9.19 -47.32 8.84
C PRO A 388 10.47 -46.68 9.32
N ALA A 389 11.19 -46.09 8.36
CA ALA A 389 12.45 -45.42 8.72
C ALA A 389 12.19 -44.16 9.60
N LEU A 390 11.36 -43.29 9.08
CA LEU A 390 10.94 -42.06 9.73
C LEU A 390 10.41 -42.38 11.12
N THR A 391 9.47 -43.34 11.10
CA THR A 391 8.85 -43.74 12.38
C THR A 391 10.00 -44.05 13.33
N GLU A 392 10.92 -44.93 12.80
CA GLU A 392 12.10 -45.36 13.56
C GLU A 392 12.89 -44.18 14.09
N ILE A 393 13.53 -43.41 13.27
CA ILE A 393 14.35 -42.27 13.56
C ILE A 393 13.69 -41.27 14.48
N PHE A 394 12.43 -40.87 14.19
CA PHE A 394 11.67 -39.89 14.95
C PHE A 394 10.71 -40.29 16.04
N GLY A 395 10.11 -41.47 16.07
CA GLY A 395 9.15 -41.83 17.13
C GLY A 395 7.84 -41.03 17.00
N ASP A 396 6.94 -41.32 17.92
CA ASP A 396 5.64 -40.71 18.00
C ASP A 396 5.60 -39.17 17.93
N ASP A 397 6.38 -38.48 18.69
CA ASP A 397 6.45 -37.04 18.74
C ASP A 397 7.18 -36.38 17.53
N SER A 398 6.44 -36.47 16.42
CA SER A 398 6.91 -35.88 15.16
C SER A 398 5.66 -35.67 14.29
N VAL A 399 5.83 -34.91 13.22
CA VAL A 399 4.76 -34.66 12.22
C VAL A 399 5.35 -35.19 10.93
N LEU A 400 4.78 -36.09 10.21
CA LEU A 400 5.50 -36.50 8.95
C LEU A 400 4.65 -35.95 7.80
N GLN A 401 5.22 -35.14 6.94
CA GLN A 401 4.49 -34.57 5.83
C GLN A 401 4.62 -35.06 4.42
N PHE A 402 3.49 -35.34 3.73
CA PHE A 402 3.45 -35.80 2.36
C PHE A 402 2.80 -34.90 1.35
N GLY A 403 3.67 -34.09 0.73
CA GLY A 403 3.33 -33.15 -0.33
C GLY A 403 2.97 -33.99 -1.57
N GLY A 404 4.08 -34.14 -2.27
CA GLY A 404 4.12 -34.85 -3.55
C GLY A 404 3.52 -36.22 -3.27
N GLY A 405 3.96 -36.75 -2.11
CA GLY A 405 3.54 -38.06 -1.65
C GLY A 405 2.10 -38.37 -1.45
N THR A 406 1.31 -37.32 -1.42
CA THR A 406 -0.11 -37.26 -1.24
C THR A 406 -0.71 -36.81 -2.61
N LEU A 407 -0.49 -35.65 -3.12
CA LEU A 407 -1.09 -35.24 -4.34
C LEU A 407 -0.60 -35.95 -5.55
N GLY A 408 0.37 -36.82 -5.42
CA GLY A 408 0.96 -37.54 -6.54
C GLY A 408 0.42 -38.92 -6.64
N HIS A 409 -0.44 -39.37 -5.80
CA HIS A 409 -1.05 -40.70 -5.81
C HIS A 409 -1.97 -40.80 -7.01
N PRO A 410 -1.87 -41.94 -7.70
CA PRO A 410 -2.66 -42.25 -8.89
C PRO A 410 -4.15 -42.06 -8.75
N TRP A 411 -4.75 -42.16 -7.58
CA TRP A 411 -6.17 -42.01 -7.40
C TRP A 411 -6.61 -40.70 -6.74
N GLY A 412 -5.73 -39.76 -6.72
CA GLY A 412 -5.90 -38.40 -6.13
C GLY A 412 -5.70 -38.35 -4.61
N ASN A 413 -5.90 -37.21 -3.99
CA ASN A 413 -5.75 -36.90 -2.58
C ASN A 413 -6.34 -37.83 -1.55
N ALA A 414 -7.64 -38.02 -1.55
CA ALA A 414 -8.30 -38.89 -0.55
C ALA A 414 -7.53 -40.19 -0.40
N PRO A 415 -7.49 -41.03 -1.39
CA PRO A 415 -6.77 -42.29 -1.44
C PRO A 415 -5.34 -42.05 -1.05
N GLY A 416 -4.66 -41.10 -1.58
CA GLY A 416 -3.23 -40.85 -1.19
C GLY A 416 -3.12 -40.56 0.33
N ALA A 417 -4.08 -39.99 0.92
CA ALA A 417 -4.11 -39.68 2.31
C ALA A 417 -4.20 -41.08 2.97
N VAL A 418 -5.26 -41.79 2.71
CA VAL A 418 -5.51 -43.13 3.22
C VAL A 418 -4.25 -43.97 3.15
N ALA A 419 -3.57 -43.95 2.05
CA ALA A 419 -2.33 -44.66 1.78
C ALA A 419 -1.31 -44.40 2.90
N ASN A 420 -0.98 -43.18 3.13
CA ASN A 420 -0.06 -42.77 4.19
C ASN A 420 -0.63 -43.09 5.60
N ARG A 421 -1.87 -42.87 5.88
CA ARG A 421 -2.39 -43.18 7.22
C ARG A 421 -2.16 -44.68 7.48
N VAL A 422 -2.61 -45.53 6.53
CA VAL A 422 -2.40 -46.98 6.69
C VAL A 422 -0.92 -47.30 6.80
N ALA A 423 -0.07 -46.89 5.94
CA ALA A 423 1.34 -47.15 6.02
C ALA A 423 1.88 -46.85 7.41
N LEU A 424 1.54 -45.74 7.91
CA LEU A 424 1.99 -45.34 9.22
C LEU A 424 1.33 -46.20 10.28
N GLU A 425 0.02 -46.36 10.28
CA GLU A 425 -0.56 -47.15 11.40
C GLU A 425 0.05 -48.54 11.35
N ALA A 426 0.41 -48.94 10.15
CA ALA A 426 1.00 -50.25 9.86
C ALA A 426 2.28 -50.34 10.62
N CYS A 427 3.18 -49.39 10.40
CA CYS A 427 4.46 -49.35 11.09
C CYS A 427 4.30 -49.27 12.57
N VAL A 428 3.36 -48.43 13.01
CA VAL A 428 3.19 -48.26 14.48
C VAL A 428 2.90 -49.57 15.17
N LYS A 429 1.99 -50.40 14.72
CA LYS A 429 1.60 -51.66 15.28
C LYS A 429 2.74 -52.66 15.15
N ALA A 430 3.45 -52.67 14.06
CA ALA A 430 4.55 -53.54 13.84
C ALA A 430 5.48 -53.25 15.04
N ARG A 431 5.75 -52.01 15.17
CA ARG A 431 6.61 -51.57 16.25
C ARG A 431 6.12 -52.06 17.59
N ASN A 432 4.86 -51.83 17.86
CA ASN A 432 4.25 -52.19 19.16
C ASN A 432 4.24 -53.70 19.36
N GLU A 433 4.14 -54.48 18.32
CA GLU A 433 4.12 -55.95 18.46
C GLU A 433 5.56 -56.45 18.73
N GLY A 434 6.47 -55.55 18.62
CA GLY A 434 7.91 -55.84 18.81
C GLY A 434 8.65 -56.02 17.50
N ARG A 435 8.08 -55.85 16.31
CA ARG A 435 8.86 -56.05 15.08
C ARG A 435 9.98 -55.04 15.10
N ASP A 436 10.91 -55.06 14.18
CA ASP A 436 12.02 -54.12 14.17
C ASP A 436 11.89 -53.26 12.90
N LEU A 437 11.44 -52.01 13.15
CA LEU A 437 11.30 -51.13 11.99
C LEU A 437 12.60 -51.08 11.18
N ALA A 438 13.73 -51.01 11.85
CA ALA A 438 14.95 -50.98 10.97
C ALA A 438 15.21 -52.27 10.20
N GLN A 439 15.24 -53.45 10.75
CA GLN A 439 15.48 -54.64 9.94
C GLN A 439 14.26 -54.95 9.08
N GLU A 440 13.22 -55.26 9.77
CA GLU A 440 11.92 -55.66 9.25
C GLU A 440 11.10 -54.63 8.49
N GLY A 441 11.63 -53.43 8.40
CA GLY A 441 10.96 -52.31 7.74
C GLY A 441 10.07 -52.79 6.62
N ASN A 442 10.68 -52.87 5.49
CA ASN A 442 10.28 -53.25 4.17
C ASN A 442 9.21 -54.30 3.91
N GLU A 443 9.07 -55.23 4.84
CA GLU A 443 8.07 -56.29 4.66
C GLU A 443 6.75 -55.70 5.14
N ILE A 444 6.91 -55.07 6.27
CA ILE A 444 5.85 -54.40 6.99
C ILE A 444 5.02 -53.53 6.07
N ILE A 445 5.68 -52.62 5.38
CA ILE A 445 4.74 -51.83 4.52
C ILE A 445 4.29 -52.76 3.39
N ARG A 446 5.24 -53.56 2.91
CA ARG A 446 5.05 -54.53 1.84
C ARG A 446 3.86 -55.53 1.99
N GLU A 447 3.69 -55.80 3.23
CA GLU A 447 2.65 -56.69 3.74
C GLU A 447 1.31 -56.00 3.71
N ALA A 448 1.38 -54.72 4.04
CA ALA A 448 0.21 -53.80 4.14
C ALA A 448 -0.32 -53.43 2.74
N CYS A 449 0.76 -53.17 1.92
CA CYS A 449 0.42 -52.85 0.54
C CYS A 449 -0.53 -53.99 0.10
N LYS A 450 -0.25 -55.21 0.53
CA LYS A 450 -1.12 -56.34 0.10
C LYS A 450 -2.53 -56.20 0.55
N TRP A 451 -2.76 -55.66 1.73
CA TRP A 451 -4.22 -55.57 2.14
C TRP A 451 -4.93 -54.32 1.83
N SER A 452 -4.23 -53.25 1.50
CA SER A 452 -4.89 -51.97 1.19
C SER A 452 -4.79 -51.43 -0.21
N PRO A 453 -5.92 -51.35 -0.90
CA PRO A 453 -6.02 -50.88 -2.27
C PRO A 453 -5.38 -49.53 -2.54
N GLU A 454 -5.60 -48.63 -1.65
CA GLU A 454 -5.03 -47.29 -1.81
C GLU A 454 -3.54 -47.37 -1.53
N LEU A 455 -3.24 -48.15 -0.45
CA LEU A 455 -1.81 -48.26 -0.11
C LEU A 455 -1.05 -48.90 -1.24
N ALA A 456 -1.69 -49.89 -1.83
CA ALA A 456 -1.08 -50.65 -2.93
C ALA A 456 -0.55 -49.69 -3.98
N ALA A 457 -1.60 -49.06 -4.50
CA ALA A 457 -1.43 -48.09 -5.61
C ALA A 457 -0.20 -47.24 -5.39
N ALA A 458 -0.01 -46.78 -4.20
CA ALA A 458 1.09 -45.97 -3.80
C ALA A 458 2.39 -46.75 -3.94
N CYS A 459 2.48 -47.90 -3.26
CA CYS A 459 3.67 -48.74 -3.27
C CYS A 459 4.28 -48.96 -4.64
N GLU A 460 3.36 -49.29 -5.52
CA GLU A 460 3.74 -49.57 -6.94
C GLU A 460 4.40 -48.36 -7.58
N VAL A 461 3.88 -47.16 -7.41
CA VAL A 461 4.36 -45.93 -7.94
C VAL A 461 5.69 -45.43 -7.39
N TRP A 462 5.86 -45.54 -6.06
CA TRP A 462 7.16 -44.96 -5.63
C TRP A 462 8.13 -46.02 -5.31
N LYS A 463 7.83 -47.23 -5.62
CA LYS A 463 8.73 -48.39 -5.27
C LYS A 463 10.19 -48.10 -5.48
N GLU A 464 10.65 -47.89 -6.68
CA GLU A 464 12.05 -47.60 -6.94
C GLU A 464 12.61 -46.26 -6.48
N ILE A 465 11.99 -45.34 -5.80
CA ILE A 465 12.68 -44.08 -5.49
C ILE A 465 13.49 -43.87 -4.27
N VAL A 466 14.65 -43.37 -4.23
CA VAL A 466 15.40 -43.12 -3.00
C VAL A 466 16.19 -41.85 -3.31
N PHE A 467 16.73 -41.21 -2.36
CA PHE A 467 17.54 -39.97 -2.70
C PHE A 467 18.94 -40.15 -2.12
N ASN A 468 19.59 -41.23 -2.58
CA ASN A 468 20.95 -41.43 -2.01
C ASN A 468 21.90 -40.65 -2.95
N PHE A 469 22.65 -39.84 -2.26
CA PHE A 469 23.69 -38.97 -2.79
C PHE A 469 24.54 -38.63 -1.53
N ALA A 470 25.79 -38.75 -1.71
CA ALA A 470 26.84 -38.45 -0.71
C ALA A 470 26.81 -36.99 -0.20
N ALA A 471 26.44 -36.88 1.07
CA ALA A 471 26.26 -35.69 1.87
C ALA A 471 27.40 -34.71 2.08
N VAL A 472 26.95 -33.50 2.43
CA VAL A 472 27.77 -32.30 2.72
C VAL A 472 27.70 -31.95 4.23
N ASP A 473 26.83 -31.19 4.73
N MET B 1 -9.22 -47.53 -9.91
CA MET B 1 -9.32 -46.29 -9.15
C MET B 1 -10.60 -46.27 -8.35
N GLN B 2 -10.56 -46.08 -7.03
CA GLN B 2 -11.84 -46.04 -6.32
C GLN B 2 -11.95 -44.87 -5.31
N VAL B 3 -13.21 -44.38 -5.36
CA VAL B 3 -13.69 -43.29 -4.55
C VAL B 3 -13.85 -43.74 -3.08
N TRP B 4 -12.95 -43.11 -2.32
CA TRP B 4 -12.91 -43.36 -0.84
C TRP B 4 -14.28 -42.83 -0.44
N PRO B 5 -15.08 -43.61 0.15
CA PRO B 5 -16.43 -43.25 0.49
C PRO B 5 -16.48 -42.12 1.46
N PRO B 6 -17.47 -41.30 1.23
CA PRO B 6 -17.74 -40.11 2.03
C PRO B 6 -18.69 -40.38 3.13
N ILE B 7 -19.22 -41.60 3.26
CA ILE B 7 -20.20 -41.82 4.32
C ILE B 7 -20.05 -42.76 5.42
N ASN B 8 -19.70 -44.03 5.50
CA ASN B 8 -19.84 -44.46 7.01
C ASN B 8 -18.46 -44.80 7.48
N LYS B 9 -17.57 -43.85 7.56
CA LYS B 9 -16.20 -44.27 7.98
C LYS B 9 -15.67 -43.35 9.05
N LYS B 10 -16.48 -43.20 10.06
CA LYS B 10 -15.98 -42.33 11.17
C LYS B 10 -14.80 -43.08 11.81
N LYS B 11 -13.72 -42.35 12.11
CA LYS B 11 -12.51 -42.89 12.67
C LYS B 11 -12.43 -42.50 14.10
N TYR B 12 -11.45 -43.13 14.71
CA TYR B 12 -11.13 -43.10 16.14
C TYR B 12 -9.68 -43.06 16.44
N GLU B 13 -9.07 -42.12 15.81
CA GLU B 13 -7.61 -41.86 15.90
C GLU B 13 -6.76 -43.07 15.66
N THR B 14 -5.70 -43.27 16.41
CA THR B 14 -4.73 -44.34 16.26
C THR B 14 -5.30 -45.73 16.16
N LEU B 15 -4.78 -46.39 15.12
CA LEU B 15 -5.09 -47.75 14.73
C LEU B 15 -6.40 -47.94 13.97
N SER B 16 -7.29 -46.98 14.01
CA SER B 16 -8.58 -47.05 13.34
C SER B 16 -8.51 -47.10 11.83
N TYR B 17 -7.37 -47.23 11.22
CA TYR B 17 -7.24 -47.31 9.75
C TYR B 17 -6.80 -48.68 9.30
N LEU B 18 -6.58 -49.58 10.27
CA LEU B 18 -6.13 -50.96 10.10
C LEU B 18 -7.44 -51.71 10.42
N PRO B 19 -7.48 -52.95 10.03
CA PRO B 19 -8.68 -53.78 10.27
C PRO B 19 -8.99 -54.07 11.73
N ASP B 20 -10.26 -54.25 12.00
CA ASP B 20 -10.65 -54.50 13.43
C ASP B 20 -9.64 -55.28 14.18
N LEU B 21 -9.07 -54.77 15.25
CA LEU B 21 -8.06 -55.49 16.06
C LEU B 21 -8.72 -56.70 16.77
N SER B 22 -8.01 -57.77 16.60
CA SER B 22 -8.37 -59.06 17.21
C SER B 22 -7.99 -58.91 18.70
N GLN B 23 -8.48 -59.84 19.47
CA GLN B 23 -8.14 -59.75 20.91
C GLN B 23 -6.65 -59.94 21.20
N GLU B 24 -6.11 -60.72 20.29
CA GLU B 24 -4.67 -61.02 20.39
C GLU B 24 -3.98 -59.68 20.13
N GLN B 25 -4.28 -59.12 19.00
CA GLN B 25 -3.77 -57.86 18.52
C GLN B 25 -3.90 -56.75 19.56
N LEU B 26 -5.14 -56.77 20.08
CA LEU B 26 -5.51 -55.75 21.11
C LEU B 26 -4.65 -55.95 22.33
N LEU B 27 -4.42 -57.19 22.65
CA LEU B 27 -3.57 -57.60 23.75
C LEU B 27 -2.11 -57.17 23.62
N SER B 28 -1.63 -57.14 22.41
CA SER B 28 -0.24 -56.79 22.13
C SER B 28 -0.02 -55.28 22.50
N GLU B 29 -1.14 -54.51 22.42
CA GLU B 29 -1.22 -53.02 22.72
C GLU B 29 -1.16 -52.81 24.19
N VAL B 30 -2.04 -53.36 24.99
CA VAL B 30 -1.97 -53.24 26.46
C VAL B 30 -0.60 -53.73 26.95
N GLU B 31 -0.15 -54.72 26.15
CA GLU B 31 1.14 -55.34 26.40
C GLU B 31 2.24 -54.28 26.36
N TYR B 32 2.34 -53.57 25.27
CA TYR B 32 3.30 -52.49 24.93
C TYR B 32 3.36 -51.31 25.91
N LEU B 33 2.13 -50.99 26.21
CA LEU B 33 1.77 -49.88 27.10
C LEU B 33 2.57 -50.17 28.34
N LEU B 34 2.28 -51.37 28.78
CA LEU B 34 2.91 -51.93 30.05
C LEU B 34 4.38 -51.96 29.91
N LYS B 35 4.92 -52.70 28.98
CA LYS B 35 6.34 -52.79 28.69
C LYS B 35 6.94 -51.44 28.96
N ASN B 36 6.24 -50.37 28.68
CA ASN B 36 6.75 -49.00 28.80
C ASN B 36 6.67 -48.26 30.09
N GLY B 37 5.76 -48.56 30.93
CA GLY B 37 5.55 -47.96 32.23
C GLY B 37 4.32 -47.10 32.28
N TRP B 38 3.59 -47.12 31.20
CA TRP B 38 2.37 -46.25 31.16
C TRP B 38 1.34 -46.81 32.04
N VAL B 39 0.60 -45.99 32.76
CA VAL B 39 -0.47 -46.49 33.65
C VAL B 39 -1.68 -46.65 32.73
N PRO B 40 -2.23 -47.78 32.57
CA PRO B 40 -3.38 -47.93 31.75
C PRO B 40 -4.57 -47.34 32.47
N CYS B 41 -5.44 -46.71 31.73
CA CYS B 41 -6.70 -46.18 32.17
C CYS B 41 -7.83 -46.44 31.16
N LEU B 42 -9.07 -46.48 31.58
CA LEU B 42 -10.20 -46.69 30.62
C LEU B 42 -11.16 -45.52 30.66
N GLU B 43 -11.82 -45.17 29.59
CA GLU B 43 -12.82 -44.05 29.50
C GLU B 43 -13.87 -44.58 28.53
N PHE B 44 -15.09 -44.30 28.75
CA PHE B 44 -16.21 -44.71 27.90
C PHE B 44 -17.06 -43.45 27.76
N GLU B 45 -17.84 -43.47 26.70
CA GLU B 45 -18.78 -42.42 26.26
C GLU B 45 -20.00 -43.09 25.66
N THR B 46 -21.15 -42.59 26.08
CA THR B 46 -22.40 -43.21 25.57
C THR B 46 -23.22 -42.26 24.70
N GLU B 47 -22.75 -41.01 24.63
CA GLU B 47 -23.51 -40.05 23.83
C GLU B 47 -22.93 -39.21 22.75
N HIS B 48 -21.70 -38.75 22.84
CA HIS B 48 -21.08 -37.89 21.86
C HIS B 48 -19.79 -38.50 21.43
N GLY B 49 -20.18 -39.49 20.63
CA GLY B 49 -19.07 -40.27 20.05
C GLY B 49 -18.05 -39.36 19.39
N PHE B 50 -18.32 -38.17 18.94
CA PHE B 50 -17.28 -37.36 18.25
C PHE B 50 -17.25 -35.93 18.70
N VAL B 51 -16.16 -35.21 18.49
CA VAL B 51 -16.07 -33.82 18.94
C VAL B 51 -17.13 -32.96 18.27
N TYR B 52 -17.52 -31.98 18.94
CA TYR B 52 -18.48 -30.99 18.52
C TYR B 52 -18.02 -29.64 18.94
N ARG B 53 -18.75 -28.64 18.66
CA ARG B 53 -18.38 -27.26 19.08
C ARG B 53 -19.66 -26.52 19.50
N GLU B 54 -20.33 -26.85 20.50
CA GLU B 54 -21.54 -26.25 20.95
C GLU B 54 -21.31 -25.10 21.84
N ASN B 55 -20.61 -25.26 22.93
CA ASN B 55 -20.37 -24.15 23.84
C ASN B 55 -19.44 -23.10 23.34
N ASN B 56 -18.55 -23.24 22.45
CA ASN B 56 -17.64 -22.18 22.02
C ASN B 56 -16.92 -22.59 20.74
N LYS B 57 -16.31 -21.61 20.09
CA LYS B 57 -15.58 -21.91 18.87
C LYS B 57 -14.24 -21.17 18.95
N SER B 58 -13.72 -20.74 20.11
CA SER B 58 -12.43 -20.06 19.95
C SER B 58 -11.44 -21.10 19.49
N PRO B 59 -10.25 -20.55 19.11
CA PRO B 59 -9.25 -21.53 18.61
C PRO B 59 -9.05 -22.56 19.64
N GLY B 60 -8.94 -23.76 19.30
CA GLY B 60 -8.66 -24.87 20.22
C GLY B 60 -9.70 -25.42 21.10
N TYR B 61 -10.86 -24.84 21.12
CA TYR B 61 -12.00 -25.26 21.90
C TYR B 61 -12.86 -26.13 21.02
N TYR B 62 -13.18 -27.29 21.46
CA TYR B 62 -13.97 -28.35 20.84
C TYR B 62 -14.70 -29.03 21.97
N ASP B 63 -15.93 -29.26 21.89
CA ASP B 63 -16.67 -29.92 23.02
C ASP B 63 -16.50 -31.40 22.59
N GLY B 64 -16.62 -32.36 23.44
CA GLY B 64 -16.54 -33.74 23.15
C GLY B 64 -15.29 -34.48 23.26
N ARG B 65 -14.25 -33.88 23.83
CA ARG B 65 -12.91 -34.45 24.00
C ARG B 65 -12.85 -35.37 25.17
N TYR B 66 -13.31 -34.82 26.31
CA TYR B 66 -13.34 -35.56 27.56
C TYR B 66 -14.42 -36.64 27.42
N TRP B 67 -14.06 -37.74 27.94
CA TRP B 67 -14.93 -38.98 28.05
C TRP B 67 -15.08 -39.36 29.51
N THR B 68 -15.86 -40.30 29.92
CA THR B 68 -16.00 -40.69 31.35
C THR B 68 -14.97 -41.72 31.76
N MET B 69 -14.29 -41.50 32.85
CA MET B 69 -13.25 -42.41 33.35
C MET B 69 -13.90 -43.66 33.90
N TRP B 70 -13.42 -44.79 33.45
CA TRP B 70 -13.95 -46.09 33.90
C TRP B 70 -13.14 -46.40 35.17
N LYS B 71 -13.80 -46.37 36.31
CA LYS B 71 -13.19 -46.57 37.60
C LYS B 71 -11.98 -45.64 37.76
N LEU B 72 -10.79 -46.07 37.94
CA LEU B 72 -9.57 -45.25 38.15
C LEU B 72 -8.39 -45.74 37.27
N PRO B 73 -7.39 -44.89 37.14
CA PRO B 73 -6.23 -45.31 36.27
C PRO B 73 -5.66 -46.48 37.09
N MET B 74 -5.45 -47.64 36.45
CA MET B 74 -4.98 -48.75 37.28
C MET B 74 -3.48 -48.76 37.40
N PHE B 75 -3.09 -47.94 38.34
CA PHE B 75 -1.72 -47.68 38.82
C PHE B 75 -1.16 -49.02 39.34
N GLY B 76 0.14 -49.25 39.35
CA GLY B 76 0.65 -50.50 39.83
C GLY B 76 0.27 -51.83 39.20
N CYS B 77 -0.73 -51.96 38.36
CA CYS B 77 -1.19 -53.18 37.70
C CYS B 77 -0.15 -53.66 36.70
N THR B 78 -0.03 -54.99 36.54
CA THR B 78 1.02 -55.43 35.54
C THR B 78 0.48 -56.57 34.72
N ASP B 79 -0.80 -56.84 35.07
CA ASP B 79 -1.45 -57.92 34.33
C ASP B 79 -2.19 -57.35 33.13
N ALA B 80 -1.49 -57.37 31.99
CA ALA B 80 -2.15 -56.88 30.75
C ALA B 80 -3.56 -57.49 30.67
N THR B 81 -3.73 -58.73 31.02
CA THR B 81 -5.02 -59.43 31.02
C THR B 81 -6.01 -58.85 32.02
N GLN B 82 -5.59 -58.30 33.14
CA GLN B 82 -6.57 -57.69 34.10
C GLN B 82 -7.24 -56.50 33.38
N VAL B 83 -6.51 -55.58 32.68
CA VAL B 83 -7.08 -54.45 31.97
C VAL B 83 -8.04 -54.89 30.86
N LEU B 84 -7.67 -55.90 30.13
CA LEU B 84 -8.51 -56.42 29.08
C LEU B 84 -9.86 -56.82 29.67
N ALA B 85 -9.75 -57.45 30.84
CA ALA B 85 -10.85 -57.94 31.67
C ALA B 85 -11.93 -56.86 31.80
N GLU B 86 -11.45 -55.71 32.26
CA GLU B 86 -12.10 -54.47 32.47
C GLU B 86 -12.88 -54.05 31.26
N VAL B 87 -12.23 -54.05 30.11
CA VAL B 87 -12.92 -53.68 28.91
C VAL B 87 -14.22 -54.50 28.83
N GLY B 88 -14.07 -55.79 29.05
CA GLY B 88 -15.14 -56.83 29.01
C GLY B 88 -16.23 -56.39 30.00
N GLU B 89 -15.71 -56.15 31.14
CA GLU B 89 -16.54 -55.70 32.27
C GLU B 89 -17.32 -54.47 31.86
N ALA B 90 -16.81 -53.51 31.11
CA ALA B 90 -17.58 -52.30 30.78
C ALA B 90 -18.54 -52.49 29.65
N LYS B 91 -18.27 -53.28 28.65
CA LYS B 91 -19.28 -53.44 27.57
C LYS B 91 -20.51 -54.06 28.21
N LYS B 92 -20.26 -54.74 29.28
CA LYS B 92 -21.33 -55.40 30.11
C LYS B 92 -21.80 -54.15 30.82
N ALA B 93 -22.96 -53.70 30.84
CA ALA B 93 -23.13 -52.40 31.62
C ALA B 93 -23.20 -51.26 30.60
N TYR B 94 -22.19 -51.12 29.74
CA TYR B 94 -22.37 -49.99 28.76
C TYR B 94 -22.18 -50.52 27.35
N PRO B 95 -23.14 -51.39 26.98
CA PRO B 95 -23.16 -52.06 25.68
C PRO B 95 -23.17 -51.05 24.57
N GLN B 96 -23.77 -49.91 24.85
CA GLN B 96 -23.81 -48.84 23.84
C GLN B 96 -22.69 -47.84 23.98
N ALA B 97 -21.75 -47.98 24.82
CA ALA B 97 -20.68 -47.04 24.98
C ALA B 97 -19.63 -47.26 23.93
N TRP B 98 -18.73 -46.37 23.90
CA TRP B 98 -17.58 -46.48 23.01
C TRP B 98 -16.59 -46.69 24.24
N ILE B 99 -15.64 -47.55 24.06
CA ILE B 99 -14.71 -47.67 25.20
C ILE B 99 -13.31 -47.53 24.62
N ARG B 100 -12.52 -46.87 25.31
CA ARG B 100 -11.12 -46.65 24.81
C ARG B 100 -10.16 -46.91 25.92
N ILE B 101 -8.95 -47.24 25.57
CA ILE B 101 -7.89 -47.56 26.57
C ILE B 101 -6.80 -46.52 26.34
N ILE B 102 -6.27 -45.84 27.30
CA ILE B 102 -5.25 -44.86 27.19
C ILE B 102 -4.10 -45.23 28.13
N GLY B 103 -2.90 -44.68 27.81
CA GLY B 103 -1.75 -44.90 28.60
C GLY B 103 -1.06 -43.70 29.19
N PHE B 104 -1.06 -43.40 30.45
CA PHE B 104 -0.35 -42.24 30.97
C PHE B 104 1.16 -42.29 31.24
N ASP B 105 1.98 -41.40 30.78
CA ASP B 105 3.39 -41.33 31.12
C ASP B 105 3.40 -40.29 32.29
N ASN B 106 3.27 -40.47 33.51
CA ASN B 106 3.26 -39.46 34.54
C ASN B 106 4.44 -38.51 34.70
N VAL B 107 5.53 -38.78 34.01
CA VAL B 107 6.71 -37.95 34.08
C VAL B 107 6.60 -36.75 33.12
N ARG B 108 6.06 -37.16 31.99
CA ARG B 108 5.86 -36.20 30.92
C ARG B 108 4.43 -35.63 30.93
N GLN B 109 3.60 -36.32 31.62
CA GLN B 109 2.22 -36.02 31.70
C GLN B 109 1.64 -36.05 30.29
N VAL B 110 1.81 -36.99 29.45
CA VAL B 110 1.13 -36.97 28.14
C VAL B 110 0.44 -38.37 28.12
N GLN B 111 -0.53 -38.60 27.36
CA GLN B 111 -1.20 -39.84 27.15
C GLN B 111 -0.28 -40.29 26.00
N CYS B 112 0.40 -41.35 26.28
CA CYS B 112 1.39 -41.98 25.38
C CYS B 112 0.67 -42.92 24.47
N ILE B 113 -0.58 -43.26 24.77
CA ILE B 113 -1.23 -44.21 23.85
C ILE B 113 -2.71 -44.09 24.06
N SER B 114 -3.38 -44.52 23.06
CA SER B 114 -4.90 -44.44 23.14
C SER B 114 -5.36 -45.16 21.92
N PHE B 115 -6.32 -46.04 22.04
CA PHE B 115 -6.86 -46.85 20.92
C PHE B 115 -8.29 -47.22 21.34
N ILE B 116 -9.11 -47.42 20.35
CA ILE B 116 -10.50 -47.76 20.82
C ILE B 116 -10.50 -49.25 21.07
N ALA B 117 -11.04 -49.63 22.22
CA ALA B 117 -11.12 -51.02 22.63
C ALA B 117 -12.48 -51.64 22.25
N TYR B 118 -13.46 -50.78 22.01
CA TYR B 118 -14.81 -51.26 21.71
C TYR B 118 -15.73 -50.17 21.25
N LYS B 119 -16.27 -50.36 20.02
CA LYS B 119 -17.24 -49.39 19.45
C LYS B 119 -18.59 -50.12 19.70
N PRO B 120 -19.61 -49.35 19.90
CA PRO B 120 -20.93 -49.91 20.11
C PRO B 120 -21.33 -50.31 18.68
N GLU B 121 -22.46 -50.95 18.63
CA GLU B 121 -23.12 -51.48 17.47
C GLU B 121 -23.32 -50.50 16.32
N GLY B 122 -22.72 -50.85 15.19
CA GLY B 122 -22.81 -50.12 13.96
C GLY B 122 -21.92 -48.93 13.78
N TYR B 123 -20.69 -49.12 14.08
CA TYR B 123 -19.57 -48.24 14.06
C TYR B 123 -18.43 -49.29 14.10
N ALA C 9 18.63 23.46 -14.94
CA ALA C 9 19.25 24.68 -15.47
C ALA C 9 19.89 24.46 -16.84
N SER C 10 20.65 25.49 -17.25
CA SER C 10 21.43 25.69 -18.47
C SER C 10 20.52 26.59 -19.35
N VAL C 11 21.12 27.46 -20.13
CA VAL C 11 20.29 28.36 -21.01
C VAL C 11 19.69 29.39 -20.07
N GLY C 12 20.15 30.62 -20.16
CA GLY C 12 19.63 31.70 -19.25
C GLY C 12 18.09 31.72 -19.13
N PHE C 13 17.73 32.20 -17.91
CA PHE C 13 16.26 32.31 -17.64
C PHE C 13 15.97 33.62 -18.46
N LYS C 14 15.00 33.40 -19.35
CA LYS C 14 14.61 34.55 -20.21
C LYS C 14 13.12 34.73 -19.99
N ALA C 15 12.71 35.65 -19.16
CA ALA C 15 11.27 35.91 -18.93
C ALA C 15 10.38 36.12 -20.14
N GLY C 16 9.06 35.89 -19.96
CA GLY C 16 8.09 36.06 -21.08
C GLY C 16 7.51 34.74 -21.59
N VAL C 17 6.35 34.93 -22.26
CA VAL C 17 5.52 33.92 -22.91
C VAL C 17 6.27 33.32 -24.09
N LYS C 18 5.91 32.15 -24.56
CA LYS C 18 6.57 31.39 -25.66
C LYS C 18 5.55 30.38 -26.13
N GLU C 19 5.48 29.90 -27.33
CA GLU C 19 4.40 28.91 -27.58
C GLU C 19 4.74 27.59 -26.81
N TYR C 20 3.62 26.92 -26.48
CA TYR C 20 3.72 25.60 -25.81
C TYR C 20 4.56 24.75 -26.77
N LYS C 21 4.18 24.73 -28.00
CA LYS C 21 4.82 24.02 -29.10
C LYS C 21 6.32 23.87 -28.89
N LEU C 22 6.95 24.93 -28.41
CA LEU C 22 8.42 24.77 -28.25
C LEU C 22 8.92 23.63 -27.39
N THR C 23 8.17 23.22 -26.35
CA THR C 23 8.64 22.17 -25.44
C THR C 23 7.74 20.98 -25.35
N TYR C 24 6.47 21.29 -25.66
CA TYR C 24 5.49 20.14 -25.49
C TYR C 24 5.18 19.44 -26.73
N TYR C 25 5.72 19.90 -27.87
CA TYR C 25 5.44 19.15 -29.16
C TYR C 25 6.76 18.47 -29.46
N THR C 26 6.81 17.17 -29.41
CA THR C 26 7.99 16.33 -29.60
C THR C 26 7.73 15.09 -30.38
N PRO C 27 7.47 15.22 -31.68
CA PRO C 27 7.14 14.10 -32.59
C PRO C 27 8.31 13.16 -32.68
N GLU C 28 9.38 13.68 -32.09
CA GLU C 28 10.64 12.90 -32.05
C GLU C 28 10.54 11.63 -31.16
N TYR C 29 9.92 11.93 -29.97
CA TYR C 29 9.70 10.99 -28.88
C TYR C 29 9.24 9.56 -29.16
N GLN C 30 10.00 8.83 -28.42
CA GLN C 30 9.96 7.33 -28.31
C GLN C 30 9.38 7.07 -26.93
N THR C 31 8.17 6.59 -26.90
CA THR C 31 7.49 6.35 -25.64
C THR C 31 8.15 5.28 -24.80
N LYS C 32 8.22 5.53 -23.47
CA LYS C 32 8.80 4.50 -22.62
C LYS C 32 7.61 3.60 -22.14
N ASP C 33 7.94 2.32 -21.92
CA ASP C 33 7.08 1.31 -21.43
C ASP C 33 6.45 1.67 -20.05
N THR C 34 6.93 2.68 -19.37
CA THR C 34 6.32 3.09 -18.11
C THR C 34 5.61 4.38 -18.29
N ASP C 35 5.41 4.88 -19.48
CA ASP C 35 4.70 6.14 -19.70
C ASP C 35 3.20 6.01 -19.60
N ILE C 36 2.49 7.00 -19.17
CA ILE C 36 0.98 6.88 -19.16
C ILE C 36 0.66 7.46 -20.57
N LEU C 37 -0.12 6.89 -21.39
CA LEU C 37 -0.30 7.53 -22.71
C LEU C 37 -1.77 7.92 -22.79
N ALA C 38 -2.02 9.02 -23.46
CA ALA C 38 -3.41 9.46 -23.60
C ALA C 38 -3.71 9.92 -25.02
N ALA C 39 -4.83 9.44 -25.49
CA ALA C 39 -5.39 9.77 -26.80
C ALA C 39 -6.45 10.84 -26.61
N PHE C 40 -6.16 12.08 -26.75
CA PHE C 40 -7.18 13.18 -26.63
C PHE C 40 -7.75 13.51 -28.03
N ARG C 41 -8.99 13.82 -28.13
CA ARG C 41 -9.63 14.18 -29.45
C ARG C 41 -9.83 15.73 -29.36
N VAL C 42 -8.88 16.43 -29.95
CA VAL C 42 -8.89 17.89 -29.89
C VAL C 42 -9.48 18.60 -31.08
N THR C 43 -10.14 19.75 -30.80
CA THR C 43 -10.79 20.60 -31.78
C THR C 43 -10.39 21.99 -31.42
N PRO C 44 -9.42 22.52 -32.13
CA PRO C 44 -8.89 23.85 -31.76
C PRO C 44 -9.78 24.99 -32.16
N GLN C 45 -9.19 26.10 -31.65
CA GLN C 45 -9.93 27.37 -31.95
C GLN C 45 -9.26 27.76 -33.27
N PRO C 46 -10.11 28.20 -34.16
CA PRO C 46 -9.75 28.74 -35.46
C PRO C 46 -8.29 28.97 -35.78
N GLY C 47 -7.63 29.90 -35.11
CA GLY C 47 -6.21 30.08 -35.51
C GLY C 47 -5.22 29.19 -34.78
N VAL C 48 -5.69 28.08 -34.14
CA VAL C 48 -4.70 27.29 -33.39
C VAL C 48 -4.26 26.05 -34.14
N PRO C 49 -2.97 26.11 -34.43
CA PRO C 49 -2.30 24.98 -35.15
C PRO C 49 -2.53 23.84 -34.15
N PRO C 50 -2.79 22.67 -34.70
CA PRO C 50 -3.06 21.51 -33.86
C PRO C 50 -1.80 21.31 -33.03
N GLU C 51 -0.61 21.45 -33.61
CA GLU C 51 0.54 21.20 -32.76
C GLU C 51 0.71 22.22 -31.67
N GLU C 52 -0.12 23.23 -31.64
CA GLU C 52 0.00 24.17 -30.48
C GLU C 52 -1.05 23.56 -29.50
N ALA C 53 -2.29 23.57 -29.92
CA ALA C 53 -3.39 22.99 -29.09
C ALA C 53 -2.89 21.73 -28.33
N GLY C 54 -2.35 20.83 -29.02
CA GLY C 54 -1.76 19.56 -28.62
C GLY C 54 -0.67 19.85 -27.60
N ALA C 55 0.22 20.76 -27.77
CA ALA C 55 1.26 21.08 -26.80
C ALA C 55 0.62 21.78 -25.61
N ALA C 56 -0.38 22.59 -25.80
CA ALA C 56 -1.00 23.25 -24.62
C ALA C 56 -1.57 22.20 -23.67
N VAL C 57 -2.30 21.25 -24.25
CA VAL C 57 -2.91 20.15 -23.58
C VAL C 57 -1.84 19.33 -22.84
N ALA C 58 -0.69 19.11 -23.42
CA ALA C 58 0.35 18.36 -22.76
C ALA C 58 1.04 19.19 -21.67
N ALA C 59 1.17 20.46 -21.87
CA ALA C 59 1.92 21.23 -20.86
C ALA C 59 1.17 21.51 -19.60
N GLU C 60 -0.03 22.02 -19.79
CA GLU C 60 -0.90 22.45 -18.69
C GLU C 60 -1.48 21.26 -17.98
N SER C 61 -0.97 20.10 -18.34
CA SER C 61 -1.26 18.81 -17.89
C SER C 61 -0.13 18.06 -17.17
N SER C 62 0.99 18.62 -17.13
CA SER C 62 2.15 18.02 -16.55
C SER C 62 3.05 19.01 -15.85
N THR C 63 3.82 19.79 -16.69
CA THR C 63 4.70 20.68 -15.93
C THR C 63 4.66 22.13 -16.08
N GLY C 64 4.09 22.58 -17.17
CA GLY C 64 4.12 24.09 -17.36
C GLY C 64 2.87 24.87 -17.25
N THR C 65 3.21 26.23 -17.34
CA THR C 65 2.20 27.32 -17.30
C THR C 65 2.39 28.11 -18.57
N TRP C 66 1.77 29.28 -18.54
CA TRP C 66 1.71 30.24 -19.65
C TRP C 66 2.85 31.20 -19.84
N THR C 67 3.82 31.28 -18.94
CA THR C 67 4.90 32.30 -19.18
C THR C 67 6.14 31.61 -18.74
N THR C 68 7.32 32.23 -18.78
CA THR C 68 8.54 31.46 -18.40
C THR C 68 8.94 31.71 -16.98
N VAL C 69 9.07 30.54 -16.28
CA VAL C 69 9.42 30.69 -14.78
C VAL C 69 10.79 30.16 -14.53
N TRP C 70 11.70 30.84 -13.83
CA TRP C 70 13.07 30.35 -13.66
C TRP C 70 13.25 29.00 -13.02
N THR C 71 12.39 28.68 -12.06
CA THR C 71 12.35 27.44 -11.29
C THR C 71 12.56 26.17 -12.12
N ASP C 72 12.16 26.29 -13.39
CA ASP C 72 12.34 25.07 -14.24
C ASP C 72 13.80 24.63 -14.15
N GLY C 73 14.68 25.66 -14.15
CA GLY C 73 16.14 25.27 -14.15
C GLY C 73 16.56 24.63 -12.90
N LEU C 74 15.68 24.45 -11.95
CA LEU C 74 16.07 23.87 -10.62
C LEU C 74 16.00 22.37 -10.77
N THR C 75 15.12 21.86 -11.61
CA THR C 75 14.86 20.45 -11.89
C THR C 75 15.19 20.27 -13.35
N SER C 76 14.65 19.26 -13.95
CA SER C 76 14.91 19.05 -15.40
C SER C 76 13.66 18.54 -16.12
N LEU C 77 13.00 19.45 -16.92
CA LEU C 77 11.75 19.08 -17.62
C LEU C 77 11.79 17.87 -18.58
N ASP C 78 13.02 17.56 -18.99
CA ASP C 78 13.11 16.46 -19.98
C ASP C 78 12.62 15.24 -19.24
N ARG C 79 12.83 15.25 -17.91
CA ARG C 79 12.38 14.05 -17.16
C ARG C 79 10.87 13.95 -16.87
N TYR C 80 10.37 15.09 -16.54
CA TYR C 80 9.03 15.33 -16.13
C TYR C 80 8.04 15.88 -17.13
N LYS C 81 8.36 16.71 -18.11
CA LYS C 81 7.34 17.23 -19.01
C LYS C 81 6.45 16.17 -19.64
N GLY C 82 5.20 16.63 -19.76
CA GLY C 82 4.17 15.75 -20.43
C GLY C 82 4.51 15.98 -21.88
N ARG C 83 4.22 15.14 -22.83
CA ARG C 83 4.65 15.47 -24.20
C ARG C 83 3.84 14.83 -25.29
N CYS C 84 3.37 15.77 -26.13
CA CYS C 84 2.59 15.57 -27.34
C CYS C 84 3.50 15.03 -28.46
N TYR C 85 3.47 13.78 -28.67
CA TYR C 85 4.37 13.13 -29.65
C TYR C 85 3.74 12.70 -30.95
N ARG C 86 2.56 13.24 -31.25
CA ARG C 86 1.80 13.06 -32.47
C ARG C 86 0.36 13.51 -32.46
N ILE C 87 0.02 14.01 -33.64
CA ILE C 87 -1.30 14.56 -33.99
C ILE C 87 -1.76 13.74 -35.17
N GLU C 88 -3.03 13.67 -35.33
CA GLU C 88 -3.59 12.85 -36.45
C GLU C 88 -4.91 13.59 -36.74
N ARG C 89 -5.28 13.61 -38.05
CA ARG C 89 -6.55 14.31 -38.39
C ARG C 89 -7.65 13.23 -38.23
N VAL C 90 -8.75 13.84 -37.82
CA VAL C 90 -9.97 12.95 -37.63
C VAL C 90 -10.58 12.96 -39.05
N VAL C 91 -10.34 11.78 -39.69
CA VAL C 91 -10.79 11.63 -41.06
C VAL C 91 -12.36 11.83 -41.03
N GLY C 92 -12.48 12.83 -41.96
CA GLY C 92 -13.85 13.31 -42.25
C GLY C 92 -14.32 13.90 -40.90
N GLU C 93 -13.67 15.05 -40.65
CA GLU C 93 -14.03 15.74 -39.42
C GLU C 93 -13.47 17.17 -39.37
N LYS C 94 -14.48 17.92 -38.95
CA LYS C 94 -14.44 19.35 -38.70
C LYS C 94 -13.15 19.62 -37.91
N ASP C 95 -12.16 20.25 -38.45
CA ASP C 95 -10.95 20.49 -37.70
C ASP C 95 -10.86 19.84 -36.31
N GLN C 96 -10.82 18.51 -36.34
CA GLN C 96 -10.75 17.69 -35.11
C GLN C 96 -9.59 16.72 -35.35
N TYR C 97 -8.87 16.59 -34.27
CA TYR C 97 -7.70 15.75 -34.23
C TYR C 97 -7.50 14.87 -33.02
N ILE C 98 -6.56 13.94 -33.24
CA ILE C 98 -6.21 13.05 -32.19
C ILE C 98 -4.84 13.52 -31.70
N ALA C 99 -4.79 14.18 -30.60
CA ALA C 99 -3.45 14.54 -30.10
C ALA C 99 -3.05 13.30 -29.21
N TYR C 100 -1.84 12.84 -29.20
CA TYR C 100 -1.41 11.77 -28.39
C TYR C 100 -0.41 12.39 -27.40
N VAL C 101 -0.67 12.13 -26.16
CA VAL C 101 0.27 12.59 -25.11
C VAL C 101 0.82 11.43 -24.21
N ALA C 102 2.09 11.59 -23.82
CA ALA C 102 2.88 10.74 -23.01
C ALA C 102 3.23 11.45 -21.69
N TYR C 103 2.97 10.84 -20.58
CA TYR C 103 3.19 11.31 -19.20
C TYR C 103 4.10 10.31 -18.48
N PRO C 104 5.24 10.74 -18.03
CA PRO C 104 6.18 9.89 -17.37
C PRO C 104 5.61 9.41 -16.06
N LEU C 105 5.82 8.16 -15.67
CA LEU C 105 5.40 7.60 -14.43
C LEU C 105 5.69 8.50 -13.26
N ASP C 106 6.91 9.03 -13.11
CA ASP C 106 7.24 9.90 -11.93
C ASP C 106 6.17 10.90 -11.53
N LEU C 107 5.28 11.23 -12.40
CA LEU C 107 4.24 12.25 -12.16
C LEU C 107 3.01 11.92 -11.31
N PHE C 108 2.66 10.67 -11.21
CA PHE C 108 1.52 10.15 -10.52
C PHE C 108 1.84 9.38 -9.21
N GLU C 109 0.99 9.75 -8.30
CA GLU C 109 0.91 9.24 -6.96
C GLU C 109 0.34 7.81 -7.23
N GLU C 110 1.01 6.90 -6.55
CA GLU C 110 0.70 5.51 -6.62
C GLU C 110 -0.65 5.21 -6.06
N GLY C 111 -1.38 4.20 -6.59
CA GLY C 111 -2.62 3.92 -6.03
C GLY C 111 -3.64 4.96 -6.08
N SER C 112 -3.41 6.17 -6.55
CA SER C 112 -4.46 7.21 -6.62
C SER C 112 -5.14 7.62 -7.94
N VAL C 113 -6.28 7.01 -8.36
CA VAL C 113 -6.94 7.43 -9.59
C VAL C 113 -7.17 8.92 -9.39
N THR C 114 -7.54 9.37 -8.24
CA THR C 114 -7.79 10.81 -7.97
C THR C 114 -6.64 11.69 -8.44
N ASN C 115 -5.43 11.17 -8.23
CA ASN C 115 -4.26 11.92 -8.66
C ASN C 115 -4.25 11.84 -10.20
N MET C 116 -4.14 10.68 -10.79
CA MET C 116 -4.12 10.49 -12.24
C MET C 116 -5.12 11.40 -12.92
N PHE C 117 -6.36 11.43 -12.67
CA PHE C 117 -7.34 12.30 -13.27
C PHE C 117 -7.06 13.79 -12.97
N THR C 118 -6.59 14.13 -11.81
CA THR C 118 -6.34 15.53 -11.48
C THR C 118 -5.35 15.97 -12.51
N SER C 119 -4.36 15.27 -12.90
CA SER C 119 -3.39 15.71 -13.91
C SER C 119 -4.03 15.70 -15.31
N ILE C 120 -4.23 14.50 -15.81
CA ILE C 120 -4.72 14.41 -17.18
C ILE C 120 -5.95 15.16 -17.54
N VAL C 121 -6.85 15.47 -16.71
CA VAL C 121 -8.13 16.16 -16.97
C VAL C 121 -8.37 17.29 -16.06
N GLY C 122 -7.53 17.70 -15.17
CA GLY C 122 -7.73 18.80 -14.24
C GLY C 122 -8.01 20.15 -14.85
N ASN C 123 -7.05 20.74 -15.68
CA ASN C 123 -7.40 22.06 -16.27
C ASN C 123 -7.60 22.25 -17.80
N VAL C 124 -6.97 21.41 -18.60
CA VAL C 124 -6.97 21.49 -20.02
C VAL C 124 -8.36 21.59 -20.62
N PHE C 125 -9.34 20.83 -20.15
CA PHE C 125 -10.62 21.03 -20.92
C PHE C 125 -11.18 22.42 -21.03
N GLY C 126 -10.72 23.39 -20.36
CA GLY C 126 -11.20 24.71 -20.33
C GLY C 126 -10.31 25.74 -20.90
N PHE C 127 -9.28 25.32 -21.65
CA PHE C 127 -8.38 26.37 -22.27
C PHE C 127 -9.10 27.26 -23.17
N LYS C 128 -8.76 28.55 -23.21
CA LYS C 128 -9.52 29.42 -24.23
C LYS C 128 -9.22 28.97 -25.68
N ALA C 129 -7.95 28.68 -25.89
CA ALA C 129 -7.43 28.19 -27.16
C ALA C 129 -8.09 26.96 -27.69
N LEU C 130 -8.89 26.21 -26.98
CA LEU C 130 -9.56 25.00 -27.50
C LEU C 130 -11.10 25.30 -27.43
N ARG C 131 -11.85 24.58 -28.28
CA ARG C 131 -13.32 24.92 -28.12
C ARG C 131 -13.97 23.66 -27.57
N ALA C 132 -13.27 22.53 -27.75
CA ALA C 132 -13.77 21.24 -27.25
C ALA C 132 -12.59 20.30 -27.07
N LEU C 133 -12.72 19.44 -26.03
CA LEU C 133 -11.57 18.46 -25.78
C LEU C 133 -12.25 17.20 -25.28
N ARG C 134 -11.74 16.09 -25.63
CA ARG C 134 -12.36 14.82 -25.13
C ARG C 134 -11.32 13.70 -24.93
N LEU C 135 -11.30 13.06 -23.72
CA LEU C 135 -10.28 12.00 -23.54
C LEU C 135 -10.89 10.72 -24.11
N GLU C 136 -10.20 10.12 -25.03
CA GLU C 136 -10.75 8.89 -25.59
C GLU C 136 -10.17 7.62 -24.94
N ASP C 137 -8.85 7.67 -24.61
CA ASP C 137 -8.26 6.40 -24.02
C ASP C 137 -7.01 6.75 -23.28
N LEU C 138 -6.58 5.91 -22.36
CA LEU C 138 -5.40 6.04 -21.52
C LEU C 138 -4.70 4.66 -21.47
N ARG C 139 -3.42 4.68 -21.75
CA ARG C 139 -2.68 3.43 -21.70
C ARG C 139 -2.12 3.33 -20.31
N ILE C 140 -2.56 2.47 -19.40
CA ILE C 140 -1.94 2.45 -18.01
C ILE C 140 -0.82 1.42 -18.02
N PRO C 141 0.38 1.79 -17.76
CA PRO C 141 1.46 0.81 -17.75
C PRO C 141 1.46 -0.15 -16.58
N PRO C 142 2.00 -1.31 -16.83
CA PRO C 142 2.11 -2.33 -15.73
C PRO C 142 2.74 -1.70 -14.50
N ALA C 143 3.72 -0.82 -14.75
CA ALA C 143 4.32 -0.29 -13.49
C ALA C 143 3.34 0.51 -12.70
N TYR C 144 2.23 0.95 -13.23
CA TYR C 144 1.35 1.82 -12.38
C TYR C 144 0.20 0.96 -11.98
N VAL C 145 0.03 -0.06 -12.96
CA VAL C 145 -1.10 -0.97 -12.61
C VAL C 145 -0.79 -1.61 -11.30
N LYS C 146 0.39 -2.20 -11.14
CA LYS C 146 0.73 -2.91 -9.88
C LYS C 146 0.61 -2.05 -8.66
N THR C 147 0.36 -0.74 -8.75
CA THR C 147 0.23 0.03 -7.53
C THR C 147 -1.24 0.04 -7.12
N PHE C 148 -2.19 -0.66 -7.79
CA PHE C 148 -3.56 -0.57 -7.33
C PHE C 148 -3.97 -1.90 -6.78
N GLN C 149 -4.98 -1.79 -5.91
CA GLN C 149 -5.46 -3.03 -5.31
C GLN C 149 -6.37 -3.61 -6.38
N GLY C 150 -7.12 -2.73 -7.00
CA GLY C 150 -8.06 -3.24 -8.01
C GLY C 150 -9.28 -3.77 -7.34
N PRO C 151 -10.08 -4.65 -7.94
CA PRO C 151 -11.27 -5.14 -7.27
C PRO C 151 -11.06 -5.95 -6.05
N PRO C 152 -11.91 -5.74 -5.10
CA PRO C 152 -11.95 -6.53 -3.84
C PRO C 152 -11.83 -8.00 -4.20
N HIS C 153 -12.61 -8.48 -5.16
CA HIS C 153 -12.58 -9.87 -5.60
C HIS C 153 -12.46 -10.26 -7.02
N GLY C 154 -13.19 -9.69 -7.99
CA GLY C 154 -13.15 -10.06 -9.40
C GLY C 154 -13.92 -11.31 -9.75
N ILE C 155 -14.24 -11.49 -10.99
CA ILE C 155 -15.00 -12.57 -11.58
C ILE C 155 -14.71 -13.94 -11.05
N GLN C 156 -13.52 -14.43 -11.01
CA GLN C 156 -13.41 -15.81 -10.49
C GLN C 156 -13.83 -15.95 -9.06
N VAL C 157 -13.30 -15.21 -8.15
CA VAL C 157 -13.64 -15.28 -6.77
C VAL C 157 -15.12 -15.13 -6.48
N GLU C 158 -15.74 -14.26 -7.17
CA GLU C 158 -17.15 -13.96 -6.95
C GLU C 158 -17.86 -15.21 -7.30
N ARG C 159 -17.53 -15.75 -8.45
CA ARG C 159 -18.23 -16.98 -8.87
C ARG C 159 -18.02 -18.05 -7.82
N ASP C 160 -16.76 -18.32 -7.43
CA ASP C 160 -16.35 -19.30 -6.45
C ASP C 160 -16.98 -19.18 -5.05
N LYS C 161 -17.32 -18.00 -4.64
CA LYS C 161 -17.93 -17.65 -3.41
C LYS C 161 -19.43 -17.89 -3.44
N LEU C 162 -20.12 -17.43 -4.45
CA LEU C 162 -21.54 -17.56 -4.66
C LEU C 162 -21.89 -18.97 -5.19
N ASN C 163 -20.95 -19.69 -5.63
CA ASN C 163 -21.05 -21.04 -6.14
C ASN C 163 -21.89 -21.00 -7.38
N LYS C 164 -21.70 -20.12 -8.27
CA LYS C 164 -22.46 -19.99 -9.49
C LYS C 164 -21.63 -19.97 -10.74
N TYR C 165 -21.83 -20.95 -11.60
CA TYR C 165 -21.17 -21.13 -12.85
C TYR C 165 -22.18 -21.31 -13.99
N GLY C 166 -21.68 -21.05 -15.18
CA GLY C 166 -22.22 -21.20 -16.49
C GLY C 166 -23.48 -20.54 -16.90
N ARG C 167 -23.49 -19.24 -17.01
CA ARG C 167 -24.56 -18.41 -17.38
C ARG C 167 -24.47 -17.07 -16.64
N PRO C 168 -24.98 -16.06 -17.26
CA PRO C 168 -25.07 -14.77 -16.69
C PRO C 168 -25.80 -14.85 -15.37
N LEU C 169 -25.42 -14.00 -14.46
CA LEU C 169 -26.08 -13.92 -13.13
C LEU C 169 -27.34 -13.05 -13.37
N LEU C 170 -28.46 -13.28 -12.72
CA LEU C 170 -29.60 -12.37 -12.99
C LEU C 170 -29.88 -11.43 -11.85
N GLY C 171 -30.22 -10.21 -11.98
CA GLY C 171 -30.55 -9.28 -10.90
C GLY C 171 -31.74 -8.38 -11.22
N CYS C 172 -32.28 -7.65 -10.27
CA CYS C 172 -33.41 -6.76 -10.32
C CYS C 172 -33.28 -5.53 -9.41
N THR C 173 -33.64 -4.35 -9.76
CA THR C 173 -33.59 -3.11 -9.03
C THR C 173 -35.01 -2.94 -8.51
N ILE C 174 -35.28 -2.96 -7.27
CA ILE C 174 -36.65 -2.83 -6.77
C ILE C 174 -37.16 -1.50 -7.28
N LYS C 175 -38.43 -1.42 -7.63
CA LYS C 175 -39.00 -0.02 -8.03
C LYS C 175 -40.28 0.13 -7.19
N PRO C 176 -40.85 1.26 -6.96
CA PRO C 176 -40.42 2.55 -7.41
C PRO C 176 -39.07 3.07 -7.00
N LYS C 177 -38.33 3.87 -7.70
CA LYS C 177 -37.05 4.41 -7.29
C LYS C 177 -37.07 4.85 -5.81
N LEU C 178 -37.72 5.90 -5.47
CA LEU C 178 -37.78 6.42 -4.09
C LEU C 178 -39.20 6.21 -3.61
N GLY C 179 -39.59 6.16 -2.40
CA GLY C 179 -40.80 6.03 -1.78
C GLY C 179 -41.33 4.79 -1.19
N LEU C 180 -40.53 3.76 -1.17
CA LEU C 180 -41.04 2.46 -0.59
C LEU C 180 -40.53 2.39 0.82
N SER C 181 -41.21 1.82 1.79
CA SER C 181 -40.88 1.68 3.20
C SER C 181 -39.89 0.55 3.42
N ALA C 182 -39.04 0.64 4.44
CA ALA C 182 -38.08 -0.37 4.77
C ALA C 182 -38.75 -1.72 4.64
N LYS C 183 -39.85 -1.90 5.34
CA LYS C 183 -40.57 -3.17 5.28
C LYS C 183 -41.04 -3.64 3.90
N ASN C 184 -41.59 -2.85 3.07
CA ASN C 184 -42.02 -3.18 1.73
C ASN C 184 -40.78 -3.46 0.86
N TYR C 185 -39.68 -2.81 1.06
CA TYR C 185 -38.50 -3.09 0.29
C TYR C 185 -38.11 -4.55 0.51
N GLY C 186 -38.26 -5.03 1.71
CA GLY C 186 -37.91 -6.38 2.03
C GLY C 186 -38.79 -7.32 1.36
N ARG C 187 -40.07 -7.12 1.47
CA ARG C 187 -41.17 -7.89 0.92
C ARG C 187 -40.88 -8.03 -0.55
N ALA C 188 -40.70 -6.88 -1.21
CA ALA C 188 -40.39 -6.87 -2.62
C ALA C 188 -39.18 -7.73 -2.91
N VAL C 189 -38.15 -7.64 -2.14
CA VAL C 189 -36.89 -8.37 -2.21
C VAL C 189 -37.13 -9.84 -2.03
N TYR C 190 -37.69 -10.30 -1.03
CA TYR C 190 -37.92 -11.78 -0.87
C TYR C 190 -38.57 -12.39 -2.07
N GLU C 191 -39.64 -11.72 -2.46
CA GLU C 191 -40.52 -12.03 -3.60
C GLU C 191 -39.67 -12.03 -4.85
N CYS C 192 -38.91 -11.03 -5.29
CA CYS C 192 -38.08 -11.26 -6.45
C CYS C 192 -37.12 -12.39 -6.26
N LEU C 193 -36.32 -12.43 -5.28
CA LEU C 193 -35.35 -13.51 -5.03
C LEU C 193 -35.95 -14.88 -5.00
N ARG C 194 -37.03 -15.27 -4.39
CA ARG C 194 -37.52 -16.63 -4.37
C ARG C 194 -37.82 -17.22 -5.72
N GLY C 195 -38.09 -16.35 -6.62
CA GLY C 195 -38.43 -16.62 -8.00
C GLY C 195 -37.24 -17.09 -8.75
N GLY C 196 -36.08 -16.68 -8.43
CA GLY C 196 -34.95 -17.23 -9.18
C GLY C 196 -33.93 -16.24 -9.65
N LEU C 197 -34.09 -15.02 -9.23
CA LEU C 197 -33.09 -14.00 -9.51
C LEU C 197 -31.93 -14.34 -8.49
N ASP C 198 -30.71 -14.07 -8.73
CA ASP C 198 -29.56 -14.22 -7.93
C ASP C 198 -29.38 -13.05 -6.98
N PHE C 199 -29.67 -11.86 -7.34
CA PHE C 199 -29.58 -10.63 -6.67
C PHE C 199 -30.71 -9.62 -6.87
N THR C 200 -30.96 -8.76 -5.89
CA THR C 200 -31.95 -7.72 -6.07
C THR C 200 -31.05 -6.53 -5.66
N LYS C 201 -31.37 -5.27 -5.72
CA LYS C 201 -30.64 -4.20 -5.31
C LYS C 201 -31.32 -2.93 -5.04
N ASP C 202 -30.62 -2.05 -4.32
CA ASP C 202 -31.11 -0.74 -3.96
C ASP C 202 -30.97 0.05 -5.26
N ASP C 203 -31.81 0.98 -5.47
CA ASP C 203 -31.69 1.87 -6.68
C ASP C 203 -30.48 2.81 -6.24
N GLU C 204 -29.71 3.25 -7.18
CA GLU C 204 -28.61 4.05 -6.95
C GLU C 204 -28.91 5.27 -6.16
N ASN C 205 -30.10 5.71 -6.00
CA ASN C 205 -30.32 6.96 -5.16
C ASN C 205 -31.01 6.60 -3.86
N VAL C 206 -31.07 5.27 -3.57
CA VAL C 206 -31.63 4.79 -2.32
C VAL C 206 -30.40 4.79 -1.39
N ASN C 207 -30.31 5.77 -0.50
CA ASN C 207 -29.25 5.98 0.47
C ASN C 207 -29.91 5.91 1.85
N SER C 208 -30.29 6.98 2.41
CA SER C 208 -30.99 6.99 3.68
C SER C 208 -31.89 8.25 3.60
N GLN C 209 -33.16 8.13 3.75
CA GLN C 209 -34.11 9.20 3.61
C GLN C 209 -35.31 9.00 4.50
N PRO C 210 -36.12 10.09 4.46
CA PRO C 210 -37.29 10.11 5.41
C PRO C 210 -38.13 8.92 5.22
N PHE C 211 -38.49 8.60 4.06
CA PHE C 211 -39.38 7.46 3.76
C PHE C 211 -38.66 6.22 4.15
N MET C 212 -37.39 6.07 4.25
CA MET C 212 -36.78 4.71 4.59
C MET C 212 -35.29 4.96 4.89
N ARG C 213 -35.05 4.58 6.11
CA ARG C 213 -33.66 4.80 6.59
C ARG C 213 -32.74 3.59 6.41
N TRP C 214 -31.44 3.91 6.01
CA TRP C 214 -30.52 2.82 5.70
C TRP C 214 -30.50 1.64 6.63
N ARG C 215 -30.37 1.85 7.94
CA ARG C 215 -30.32 0.69 8.82
C ARG C 215 -31.56 -0.16 8.77
N ASP C 216 -32.73 0.35 8.67
CA ASP C 216 -33.99 -0.31 8.67
C ASP C 216 -34.04 -1.04 7.33
N ARG C 217 -33.61 -0.44 6.26
CA ARG C 217 -33.67 -1.16 4.95
C ARG C 217 -32.72 -2.34 5.13
N PHE C 218 -31.56 -2.15 5.64
CA PHE C 218 -30.57 -3.16 5.74
C PHE C 218 -31.04 -4.33 6.54
N LEU C 219 -31.66 -4.09 7.64
CA LEU C 219 -32.17 -5.10 8.56
C LEU C 219 -33.19 -5.93 7.89
N PHE C 220 -34.21 -5.37 7.26
CA PHE C 220 -35.23 -6.18 6.57
C PHE C 220 -34.72 -6.82 5.27
N CYS C 221 -33.95 -6.21 4.43
CA CYS C 221 -33.51 -6.94 3.23
C CYS C 221 -32.66 -8.11 3.68
N ALA C 222 -32.05 -8.05 4.88
CA ALA C 222 -31.25 -9.20 5.37
C ALA C 222 -32.27 -10.33 5.63
N GLU C 223 -33.30 -10.02 6.34
CA GLU C 223 -34.35 -10.97 6.70
C GLU C 223 -34.86 -11.71 5.51
N ALA C 224 -35.18 -10.88 4.48
CA ALA C 224 -35.75 -11.36 3.21
C ALA C 224 -34.79 -12.12 2.35
N LEU C 225 -33.55 -11.77 2.23
CA LEU C 225 -32.69 -12.60 1.36
C LEU C 225 -32.37 -13.91 2.06
N TYR C 226 -32.35 -13.86 3.35
CA TYR C 226 -32.09 -15.11 4.08
C TYR C 226 -33.31 -15.94 3.86
N LYS C 227 -34.53 -15.49 3.81
CA LYS C 227 -35.72 -16.39 3.59
C LYS C 227 -35.71 -16.98 2.24
N ALA C 228 -35.53 -16.14 1.22
CA ALA C 228 -35.45 -16.60 -0.16
C ALA C 228 -34.38 -17.65 -0.36
N GLN C 229 -33.20 -17.45 0.25
CA GLN C 229 -32.05 -18.33 0.07
C GLN C 229 -32.35 -19.67 0.63
N ALA C 230 -33.03 -19.70 1.72
CA ALA C 230 -33.38 -20.99 2.36
C ALA C 230 -34.38 -21.78 1.52
N GLU C 231 -35.34 -21.10 1.06
CA GLU C 231 -36.40 -21.57 0.23
C GLU C 231 -35.88 -22.20 -1.03
N THR C 232 -35.18 -21.42 -1.81
CA THR C 232 -34.61 -21.94 -3.07
C THR C 232 -33.44 -22.85 -2.87
N GLY C 233 -32.46 -22.66 -2.00
CA GLY C 233 -31.34 -23.54 -1.80
C GLY C 233 -30.25 -23.04 -2.71
N GLU C 234 -30.35 -21.77 -3.06
CA GLU C 234 -29.35 -21.11 -3.93
C GLU C 234 -28.88 -19.81 -3.24
N ILE C 235 -27.59 -19.62 -3.12
CA ILE C 235 -27.05 -18.46 -2.47
C ILE C 235 -27.70 -17.27 -3.13
N LYS C 236 -28.16 -16.34 -2.38
CA LYS C 236 -28.84 -15.07 -2.77
C LYS C 236 -28.06 -13.87 -2.33
N GLY C 237 -28.22 -12.69 -2.79
CA GLY C 237 -27.53 -11.49 -2.39
C GLY C 237 -28.48 -10.28 -2.66
N HIS C 238 -28.34 -9.22 -1.95
CA HIS C 238 -29.15 -8.05 -2.18
C HIS C 238 -28.20 -6.88 -2.21
N TYR C 239 -27.76 -6.18 -3.15
CA TYR C 239 -26.85 -5.06 -3.09
C TYR C 239 -27.31 -3.99 -2.15
N LEU C 240 -26.74 -3.80 -1.00
CA LEU C 240 -27.15 -2.69 -0.02
C LEU C 240 -26.41 -1.45 -0.36
N ASN C 241 -27.08 -0.36 -0.55
CA ASN C 241 -26.28 0.87 -0.94
C ASN C 241 -25.51 1.55 0.15
N ALA C 242 -24.16 1.58 0.10
CA ALA C 242 -23.31 2.25 1.12
C ALA C 242 -22.93 3.66 0.77
N THR C 243 -23.40 4.15 -0.39
CA THR C 243 -23.14 5.52 -0.84
C THR C 243 -23.74 6.48 0.23
N ALA C 244 -22.87 7.30 0.68
CA ALA C 244 -23.32 8.27 1.73
C ALA C 244 -22.66 9.63 1.43
N GLY C 245 -22.87 10.53 2.30
CA GLY C 245 -22.46 11.85 2.31
C GLY C 245 -21.07 12.00 2.79
N THR C 246 -20.59 11.19 3.72
CA THR C 246 -19.18 11.35 4.25
C THR C 246 -18.51 10.03 4.24
N CYS C 247 -17.22 10.04 4.23
CA CYS C 247 -16.56 8.69 4.29
C CYS C 247 -16.97 7.90 5.57
N GLU C 248 -17.08 8.62 6.64
CA GLU C 248 -17.46 7.99 7.92
C GLU C 248 -18.81 7.37 7.85
N GLU C 249 -19.73 8.06 7.16
CA GLU C 249 -21.03 7.40 7.11
C GLU C 249 -20.89 6.22 6.19
N MET C 250 -20.17 6.38 5.11
CA MET C 250 -20.06 5.33 4.15
C MET C 250 -19.57 4.08 4.77
N ILE C 251 -18.51 4.17 5.52
CA ILE C 251 -17.86 2.95 6.10
C ILE C 251 -18.78 2.34 7.11
N LYS C 252 -19.44 3.16 7.90
CA LYS C 252 -20.33 2.81 8.89
C LYS C 252 -21.45 1.94 8.37
N ARG C 253 -21.91 2.06 7.20
CA ARG C 253 -22.97 1.30 6.54
C ARG C 253 -22.29 0.07 5.98
N ALA C 254 -21.06 0.22 5.47
CA ALA C 254 -20.39 -1.03 5.01
C ALA C 254 -20.28 -1.96 6.23
N VAL C 255 -19.88 -1.44 7.34
CA VAL C 255 -19.71 -2.19 8.56
C VAL C 255 -20.95 -2.92 9.01
N PHE C 256 -22.14 -2.40 9.00
CA PHE C 256 -23.36 -3.10 9.40
C PHE C 256 -23.67 -4.26 8.40
N ALA C 257 -23.40 -4.06 7.13
CA ALA C 257 -23.64 -5.16 6.20
C ALA C 257 -22.79 -6.33 6.68
N ARG C 258 -21.52 -6.04 6.96
CA ARG C 258 -20.61 -7.06 7.49
C ARG C 258 -21.23 -7.68 8.76
N GLU C 259 -21.78 -6.81 9.64
CA GLU C 259 -22.41 -7.38 10.88
C GLU C 259 -23.42 -8.42 10.51
N LEU C 260 -24.30 -8.28 9.60
CA LEU C 260 -25.36 -9.12 9.13
C LEU C 260 -24.88 -10.37 8.37
N GLY C 261 -23.66 -10.42 7.86
CA GLY C 261 -23.20 -11.60 7.14
C GLY C 261 -23.53 -11.67 5.73
N VAL C 262 -24.25 -10.74 5.17
CA VAL C 262 -24.69 -10.56 3.81
C VAL C 262 -23.41 -10.40 2.95
N PRO C 263 -23.48 -10.86 1.70
CA PRO C 263 -22.44 -10.88 0.75
C PRO C 263 -22.17 -9.79 -0.16
N ILE C 264 -22.98 -8.81 -0.41
CA ILE C 264 -22.57 -7.71 -1.33
C ILE C 264 -23.12 -6.41 -0.93
N VAL C 265 -22.43 -5.35 -1.20
CA VAL C 265 -22.73 -3.96 -0.92
C VAL C 265 -22.58 -3.24 -2.26
N MET C 266 -22.87 -2.01 -2.39
CA MET C 266 -22.84 -1.29 -3.68
C MET C 266 -22.41 0.12 -3.44
N HIS C 267 -21.90 0.74 -4.47
CA HIS C 267 -21.50 2.18 -4.24
C HIS C 267 -21.66 2.97 -5.51
N ASP C 268 -22.08 4.18 -5.56
CA ASP C 268 -22.18 4.98 -6.80
C ASP C 268 -20.77 5.61 -6.83
N TYR C 269 -19.83 5.08 -7.51
CA TYR C 269 -18.51 5.61 -7.56
C TYR C 269 -18.34 7.02 -8.06
N LEU C 270 -19.13 7.50 -8.95
CA LEU C 270 -18.95 8.82 -9.53
C LEU C 270 -19.64 9.77 -8.61
N THR C 271 -20.80 9.52 -8.06
CA THR C 271 -21.33 10.64 -7.21
C THR C 271 -20.64 10.72 -5.91
N GLY C 272 -20.16 9.60 -5.46
CA GLY C 272 -19.43 9.42 -4.23
C GLY C 272 -18.02 10.01 -4.37
N GLY C 273 -17.33 9.56 -5.42
CA GLY C 273 -16.03 9.88 -5.85
C GLY C 273 -14.96 8.85 -5.70
N PHE C 274 -13.94 8.88 -6.54
CA PHE C 274 -12.86 7.91 -6.44
C PHE C 274 -12.22 7.93 -5.05
N THR C 275 -11.98 9.08 -4.37
CA THR C 275 -11.36 8.97 -3.02
C THR C 275 -12.19 8.04 -2.09
N ALA C 276 -13.51 8.26 -2.01
CA ALA C 276 -14.36 7.46 -1.17
C ALA C 276 -14.46 6.10 -1.74
N ASN C 277 -14.47 5.86 -2.98
CA ASN C 277 -14.63 4.51 -3.62
C ASN C 277 -13.51 3.59 -3.21
N THR C 278 -12.31 4.06 -3.49
CA THR C 278 -11.10 3.34 -3.19
C THR C 278 -11.05 2.97 -1.72
N SER C 279 -11.62 3.75 -0.81
CA SER C 279 -11.66 3.48 0.61
C SER C 279 -12.59 2.29 0.83
N LEU C 280 -13.69 2.18 0.15
CA LEU C 280 -14.70 1.17 0.20
C LEU C 280 -14.17 -0.06 -0.40
N ALA C 281 -13.42 0.08 -1.45
CA ALA C 281 -12.83 -1.18 -2.06
C ALA C 281 -11.89 -1.83 -1.03
N HIS C 282 -11.13 -0.97 -0.35
CA HIS C 282 -10.21 -1.55 0.59
C HIS C 282 -11.05 -2.20 1.62
N TYR C 283 -12.04 -1.53 2.06
CA TYR C 283 -12.80 -2.09 3.16
C TYR C 283 -13.45 -3.40 2.78
N CYS C 284 -13.87 -3.45 1.55
CA CYS C 284 -14.56 -4.67 1.14
C CYS C 284 -13.54 -5.75 1.01
N ARG C 285 -12.37 -5.32 0.60
CA ARG C 285 -11.34 -6.35 0.40
C ARG C 285 -11.06 -7.07 1.71
N ASP C 286 -10.76 -6.24 2.71
CA ASP C 286 -10.44 -6.79 4.04
C ASP C 286 -11.58 -7.39 4.81
N ASN C 287 -12.79 -7.20 4.36
CA ASN C 287 -13.92 -7.74 5.09
C ASN C 287 -14.73 -8.69 4.26
N GLY C 288 -14.31 -9.06 3.13
CA GLY C 288 -14.98 -9.98 2.27
C GLY C 288 -16.34 -9.82 1.76
N LEU C 289 -16.78 -8.67 1.40
CA LEU C 289 -17.97 -8.13 0.80
C LEU C 289 -17.63 -7.91 -0.71
N LEU C 290 -18.53 -8.17 -1.61
CA LEU C 290 -18.43 -8.04 -3.02
C LEU C 290 -19.00 -6.58 -3.18
N LEU C 291 -18.36 -5.81 -4.05
CA LEU C 291 -18.82 -4.42 -4.24
C LEU C 291 -19.31 -4.22 -5.67
N HIS C 292 -20.58 -3.75 -5.76
CA HIS C 292 -21.24 -3.48 -7.08
C HIS C 292 -21.11 -1.99 -7.32
N ILE C 293 -20.47 -1.58 -8.42
CA ILE C 293 -20.36 -0.15 -8.71
C ILE C 293 -21.54 0.20 -9.64
N HIS C 294 -22.19 1.31 -9.36
CA HIS C 294 -23.28 1.97 -10.05
C HIS C 294 -22.61 3.26 -10.62
N ARG C 295 -22.68 3.44 -11.95
CA ARG C 295 -22.07 4.55 -12.65
C ARG C 295 -22.87 5.84 -12.78
N ALA C 296 -23.81 6.10 -11.95
CA ALA C 296 -24.59 7.28 -11.88
C ALA C 296 -23.68 8.46 -12.20
N MET C 297 -24.23 9.48 -12.90
CA MET C 297 -23.56 10.67 -13.27
C MET C 297 -22.57 10.44 -14.44
N HIS C 298 -22.22 9.27 -14.80
CA HIS C 298 -21.31 9.14 -15.96
C HIS C 298 -21.73 9.75 -17.30
N ALA C 299 -23.04 9.70 -17.61
CA ALA C 299 -23.54 10.23 -18.93
C ALA C 299 -23.32 11.71 -18.98
N VAL C 300 -23.16 12.35 -17.84
CA VAL C 300 -22.87 13.80 -17.92
C VAL C 300 -21.48 13.93 -18.56
N ILE C 301 -20.51 13.10 -18.42
CA ILE C 301 -19.22 13.23 -18.97
C ILE C 301 -18.95 12.48 -20.23
N ASP C 302 -19.60 11.30 -20.36
CA ASP C 302 -19.31 10.50 -21.54
C ASP C 302 -20.21 10.50 -22.71
N ARG C 303 -21.24 11.36 -22.86
CA ARG C 303 -22.14 11.31 -24.05
C ARG C 303 -21.71 11.94 -25.35
N GLN C 304 -21.40 13.17 -25.50
CA GLN C 304 -20.98 13.95 -26.64
C GLN C 304 -19.72 13.47 -27.24
N LYS C 305 -19.58 13.17 -28.48
CA LYS C 305 -18.41 12.66 -29.15
C LYS C 305 -17.36 13.68 -29.30
N ASN C 306 -17.61 14.87 -28.95
CA ASN C 306 -16.59 15.92 -29.07
C ASN C 306 -15.95 16.43 -27.83
N HIS C 307 -16.54 16.36 -26.66
CA HIS C 307 -16.08 16.87 -25.38
C HIS C 307 -16.47 15.92 -24.26
N GLY C 308 -15.58 15.77 -23.31
CA GLY C 308 -15.74 14.90 -22.13
C GLY C 308 -14.71 13.81 -22.09
N ILE C 309 -15.10 12.78 -21.34
CA ILE C 309 -14.17 11.60 -21.20
C ILE C 309 -14.97 10.44 -21.73
N HIS C 310 -14.47 9.54 -22.46
CA HIS C 310 -15.23 8.39 -22.96
C HIS C 310 -15.42 7.38 -21.90
N PHE C 311 -16.57 6.70 -21.76
CA PHE C 311 -16.67 5.64 -20.75
C PHE C 311 -15.54 4.57 -20.72
N ARG C 312 -15.00 4.06 -21.74
CA ARG C 312 -13.94 3.04 -21.61
C ARG C 312 -12.87 3.57 -20.64
N VAL C 313 -12.69 4.91 -20.53
CA VAL C 313 -11.69 5.44 -19.58
C VAL C 313 -12.28 5.38 -18.18
N LEU C 314 -13.54 5.79 -18.10
CA LEU C 314 -14.25 5.76 -16.78
C LEU C 314 -14.13 4.32 -16.25
N ALA C 315 -14.41 3.35 -17.08
CA ALA C 315 -14.32 1.92 -16.86
C ALA C 315 -12.91 1.50 -16.46
N LYS C 316 -11.89 2.04 -17.07
CA LYS C 316 -10.50 1.65 -16.70
C LYS C 316 -10.29 2.11 -15.23
N ALA C 317 -10.59 3.38 -15.01
CA ALA C 317 -10.46 4.02 -13.73
C ALA C 317 -11.08 3.24 -12.60
N LEU C 318 -12.14 2.53 -12.79
CA LEU C 318 -12.81 1.75 -11.76
C LEU C 318 -11.98 0.50 -11.51
N ARG C 319 -11.74 -0.22 -12.54
CA ARG C 319 -10.96 -1.51 -12.37
C ARG C 319 -9.70 -1.12 -11.61
N MET C 320 -9.34 0.18 -11.56
CA MET C 320 -8.09 0.49 -10.84
C MET C 320 -8.43 0.78 -9.43
N SER C 321 -9.46 1.59 -9.27
CA SER C 321 -9.96 2.05 -7.92
C SER C 321 -10.60 0.89 -7.15
N GLY C 322 -11.41 0.06 -7.81
CA GLY C 322 -12.00 -1.07 -7.16
C GLY C 322 -13.43 -1.25 -7.24
N GLY C 323 -13.79 -2.40 -7.79
CA GLY C 323 -15.26 -2.81 -7.89
C GLY C 323 -15.18 -4.23 -8.46
N ASP C 324 -16.14 -4.97 -8.08
CA ASP C 324 -16.30 -6.36 -8.47
C ASP C 324 -17.34 -6.32 -9.58
N HIS C 325 -18.36 -5.50 -9.60
CA HIS C 325 -19.34 -5.34 -10.70
C HIS C 325 -19.28 -3.89 -11.20
N ILE C 326 -19.51 -3.59 -12.40
CA ILE C 326 -19.60 -2.23 -12.98
C ILE C 326 -20.75 -2.35 -14.02
N HIS C 327 -21.55 -1.37 -14.20
CA HIS C 327 -22.68 -1.42 -15.22
C HIS C 327 -21.95 -1.01 -16.50
N SER C 328 -22.17 -1.79 -17.51
CA SER C 328 -21.57 -1.70 -18.83
C SER C 328 -22.47 -1.31 -19.96
N GLY C 329 -23.71 -1.16 -19.75
CA GLY C 329 -24.70 -0.80 -20.74
C GLY C 329 -25.41 -2.04 -21.28
N THR C 330 -26.48 -1.85 -22.07
CA THR C 330 -27.24 -2.88 -22.70
C THR C 330 -27.28 -2.87 -24.23
N VAL C 331 -26.91 -1.76 -24.84
CA VAL C 331 -26.99 -1.67 -26.32
C VAL C 331 -28.47 -1.56 -26.77
N VAL C 332 -29.24 -2.58 -26.59
CA VAL C 332 -30.58 -2.91 -26.80
C VAL C 332 -31.63 -2.40 -25.85
N GLY C 333 -31.41 -1.44 -25.00
CA GLY C 333 -32.44 -0.97 -24.03
C GLY C 333 -32.59 0.52 -23.95
N LYS C 334 -33.19 0.99 -22.84
CA LYS C 334 -33.53 2.39 -22.55
C LYS C 334 -32.38 3.31 -22.55
N LEU C 335 -31.14 3.03 -22.37
CA LEU C 335 -30.10 4.12 -22.43
C LEU C 335 -29.10 3.82 -23.53
N GLU C 336 -28.42 4.90 -23.92
CA GLU C 336 -27.49 4.95 -25.05
C GLU C 336 -26.43 3.89 -24.99
N GLY C 337 -25.91 3.41 -26.09
CA GLY C 337 -24.85 2.40 -26.07
C GLY C 337 -24.68 1.61 -27.35
N GLU C 338 -23.53 1.82 -28.06
CA GLU C 338 -23.41 0.98 -29.28
C GLU C 338 -22.51 -0.23 -29.06
N ARG C 339 -22.94 -1.31 -29.64
CA ARG C 339 -22.43 -2.61 -29.64
C ARG C 339 -20.93 -2.73 -29.70
N ASP C 340 -20.30 -2.18 -30.67
CA ASP C 340 -18.85 -2.37 -30.87
C ASP C 340 -17.97 -1.79 -29.79
N ILE C 341 -18.42 -0.61 -29.47
CA ILE C 341 -17.77 0.18 -28.44
C ILE C 341 -17.99 -0.62 -27.16
N THR C 342 -19.20 -1.00 -26.94
CA THR C 342 -19.49 -1.78 -25.74
C THR C 342 -18.62 -3.03 -25.71
N LEU C 343 -18.51 -3.80 -26.74
CA LEU C 343 -17.70 -5.00 -26.74
C LEU C 343 -16.27 -4.72 -26.40
N GLY C 344 -15.84 -3.57 -26.85
CA GLY C 344 -14.50 -3.05 -26.69
C GLY C 344 -14.22 -2.84 -25.26
N PHE C 345 -14.95 -2.02 -24.55
CA PHE C 345 -14.61 -1.81 -23.10
C PHE C 345 -15.04 -2.98 -22.24
N VAL C 346 -15.95 -3.82 -22.62
CA VAL C 346 -16.33 -4.94 -21.83
C VAL C 346 -15.03 -5.72 -21.67
N ASP C 347 -14.33 -5.96 -22.74
CA ASP C 347 -13.03 -6.66 -22.71
C ASP C 347 -12.06 -5.79 -21.86
N LEU C 348 -12.09 -4.50 -21.92
CA LEU C 348 -11.18 -3.73 -21.10
C LEU C 348 -11.46 -4.09 -19.63
N LEU C 349 -12.71 -4.37 -19.32
CA LEU C 349 -13.16 -4.66 -17.98
C LEU C 349 -12.83 -6.04 -17.47
N ARG C 350 -12.98 -7.06 -18.25
CA ARG C 350 -12.72 -8.43 -17.90
C ARG C 350 -11.43 -9.05 -18.35
N ASP C 351 -10.84 -8.94 -19.48
CA ASP C 351 -9.57 -9.58 -19.85
C ASP C 351 -8.28 -9.14 -19.18
N ASP C 352 -7.27 -9.93 -19.44
CA ASP C 352 -5.94 -9.65 -18.87
C ASP C 352 -5.12 -8.75 -19.77
N PHE C 353 -5.21 -9.04 -21.01
CA PHE C 353 -4.57 -8.35 -22.11
C PHE C 353 -5.56 -7.99 -23.23
N VAL C 354 -5.53 -6.75 -23.56
CA VAL C 354 -6.43 -6.30 -24.65
C VAL C 354 -5.53 -5.53 -25.62
N GLU C 355 -5.59 -6.16 -26.74
CA GLU C 355 -4.87 -5.75 -27.94
C GLU C 355 -5.62 -4.55 -28.50
N GLN C 356 -4.88 -3.58 -28.93
CA GLN C 356 -5.39 -2.36 -29.55
C GLN C 356 -6.36 -2.56 -30.67
N ASP C 357 -7.49 -1.98 -30.84
CA ASP C 357 -8.32 -2.29 -32.06
C ASP C 357 -9.20 -1.07 -32.36
N ARG C 358 -8.63 -0.18 -33.18
CA ARG C 358 -9.36 1.08 -33.52
C ARG C 358 -10.78 0.89 -34.00
N SER C 359 -10.99 -0.31 -34.47
CA SER C 359 -12.34 -0.70 -34.96
C SER C 359 -13.24 -0.42 -33.79
N ARG C 360 -13.08 -1.09 -32.68
CA ARG C 360 -13.80 -0.98 -31.43
C ARG C 360 -13.47 0.09 -30.44
N GLY C 361 -12.80 1.15 -30.73
CA GLY C 361 -12.46 2.30 -29.95
C GLY C 361 -11.29 2.17 -29.03
N ILE C 362 -10.58 1.04 -29.12
CA ILE C 362 -9.42 0.82 -28.25
C ILE C 362 -8.16 1.43 -28.81
N TYR C 363 -7.81 2.65 -28.40
CA TYR C 363 -6.62 3.20 -28.97
C TYR C 363 -5.26 2.62 -28.59
N PHE C 364 -5.12 1.90 -27.51
CA PHE C 364 -3.87 1.30 -27.05
C PHE C 364 -4.00 -0.18 -26.60
N THR C 365 -2.94 -0.92 -26.66
CA THR C 365 -2.96 -2.32 -26.11
C THR C 365 -2.95 -2.13 -24.58
N GLN C 366 -3.78 -2.88 -23.88
CA GLN C 366 -3.79 -2.60 -22.37
C GLN C 366 -3.32 -3.84 -21.70
N ASP C 367 -2.32 -3.79 -20.91
CA ASP C 367 -1.95 -5.14 -20.21
C ASP C 367 -2.29 -4.92 -18.72
N TRP C 368 -3.15 -5.81 -18.15
CA TRP C 368 -3.57 -5.67 -16.75
C TRP C 368 -2.78 -6.50 -15.72
N VAL C 369 -1.68 -7.04 -16.12
CA VAL C 369 -0.76 -7.74 -15.29
C VAL C 369 -1.53 -8.28 -14.11
N SER C 370 -2.41 -9.14 -14.46
CA SER C 370 -3.28 -9.88 -13.57
C SER C 370 -4.13 -9.07 -12.71
N LEU C 371 -4.47 -7.81 -12.92
CA LEU C 371 -5.46 -7.23 -11.92
C LEU C 371 -6.74 -8.07 -12.27
N PRO C 372 -7.49 -8.42 -11.30
CA PRO C 372 -8.79 -9.19 -11.45
C PRO C 372 -9.73 -8.41 -12.34
N GLY C 373 -10.59 -9.11 -12.95
CA GLY C 373 -11.57 -8.55 -13.95
C GLY C 373 -12.90 -8.25 -13.36
N VAL C 374 -13.53 -7.24 -13.87
CA VAL C 374 -14.83 -6.87 -13.27
C VAL C 374 -15.96 -7.40 -14.02
N LEU C 375 -17.06 -7.82 -13.49
CA LEU C 375 -18.23 -8.36 -14.12
C LEU C 375 -19.05 -7.18 -14.66
N PRO C 376 -19.24 -7.06 -15.96
CA PRO C 376 -20.09 -6.02 -16.51
C PRO C 376 -21.56 -6.41 -16.25
N VAL C 377 -22.40 -5.43 -15.95
CA VAL C 377 -23.81 -5.35 -15.69
C VAL C 377 -24.57 -4.58 -16.80
N ALA C 378 -25.51 -5.30 -17.35
CA ALA C 378 -26.47 -4.99 -18.38
C ALA C 378 -27.80 -4.73 -17.66
N SER C 379 -28.21 -3.51 -17.64
CA SER C 379 -29.44 -3.10 -17.00
C SER C 379 -30.12 -1.88 -17.58
N GLY C 380 -31.47 -1.84 -17.42
CA GLY C 380 -32.24 -0.64 -17.86
C GLY C 380 -33.07 -0.73 -19.08
N GLY C 381 -34.36 -0.85 -18.85
CA GLY C 381 -35.36 -1.02 -19.89
C GLY C 381 -35.08 -2.30 -20.68
N ILE C 382 -34.82 -3.45 -20.13
CA ILE C 382 -34.56 -4.70 -20.86
C ILE C 382 -35.68 -5.69 -20.41
N HIS C 383 -36.07 -6.61 -21.29
CA HIS C 383 -37.12 -7.58 -20.96
C HIS C 383 -36.83 -8.89 -21.73
N VAL C 384 -37.67 -9.78 -21.27
CA VAL C 384 -37.71 -11.19 -21.68
C VAL C 384 -37.27 -11.33 -23.08
N TRP C 385 -37.92 -10.54 -23.92
CA TRP C 385 -37.56 -10.58 -25.36
C TRP C 385 -36.17 -10.11 -25.54
N HIS C 386 -35.33 -9.66 -24.62
CA HIS C 386 -33.96 -9.23 -25.09
C HIS C 386 -32.91 -10.26 -24.72
N MET C 387 -33.42 -11.27 -24.03
CA MET C 387 -32.57 -12.31 -23.44
C MET C 387 -31.44 -12.84 -24.27
N PRO C 388 -31.88 -13.40 -25.37
CA PRO C 388 -30.95 -14.01 -26.34
C PRO C 388 -29.93 -13.03 -26.91
N ALA C 389 -30.22 -11.79 -27.05
CA ALA C 389 -29.28 -10.80 -27.57
C ALA C 389 -28.24 -10.47 -26.47
N LEU C 390 -28.77 -10.19 -25.29
CA LEU C 390 -27.89 -9.90 -24.11
C LEU C 390 -26.96 -11.12 -23.93
N THR C 391 -27.61 -12.28 -23.73
CA THR C 391 -26.80 -13.45 -23.61
C THR C 391 -25.71 -13.46 -24.71
N GLU C 392 -25.98 -13.13 -25.93
CA GLU C 392 -25.10 -13.16 -27.05
C GLU C 392 -23.96 -12.19 -26.90
N ILE C 393 -24.34 -10.96 -26.83
CA ILE C 393 -23.40 -9.87 -26.74
C ILE C 393 -22.55 -10.01 -25.53
N PHE C 394 -23.16 -10.42 -24.36
CA PHE C 394 -22.30 -10.48 -23.14
C PHE C 394 -21.73 -11.77 -22.66
N GLY C 395 -22.27 -12.89 -23.01
CA GLY C 395 -21.71 -14.17 -22.51
C GLY C 395 -22.06 -14.34 -21.04
N ASP C 396 -21.75 -15.50 -20.53
CA ASP C 396 -21.95 -15.91 -19.16
C ASP C 396 -21.41 -14.87 -18.18
N ASP C 397 -20.20 -14.37 -18.28
CA ASP C 397 -19.64 -13.44 -17.36
C ASP C 397 -20.21 -12.00 -17.49
N SER C 398 -21.42 -11.94 -17.03
CA SER C 398 -22.21 -10.74 -16.99
C SER C 398 -23.33 -10.94 -15.98
N VAL C 399 -23.97 -9.83 -15.56
CA VAL C 399 -25.10 -9.77 -14.64
C VAL C 399 -26.19 -9.10 -15.47
N LEU C 400 -27.36 -9.67 -15.65
CA LEU C 400 -28.40 -8.95 -16.48
C LEU C 400 -29.49 -8.54 -15.55
N GLN C 401 -29.82 -7.32 -15.41
CA GLN C 401 -30.86 -6.86 -14.49
C GLN C 401 -32.22 -6.49 -14.94
N PHE C 402 -33.27 -6.87 -14.30
CA PHE C 402 -34.63 -6.58 -14.60
C PHE C 402 -35.47 -5.98 -13.50
N GLY C 403 -35.44 -4.63 -13.58
CA GLY C 403 -36.19 -3.80 -12.65
C GLY C 403 -37.68 -3.90 -12.97
N GLY C 404 -37.99 -3.03 -13.93
CA GLY C 404 -39.34 -2.88 -14.45
C GLY C 404 -39.70 -4.27 -15.02
N GLY C 405 -38.72 -4.87 -15.65
CA GLY C 405 -38.84 -6.20 -16.18
C GLY C 405 -39.18 -7.37 -15.26
N THR C 406 -39.23 -7.20 -13.97
CA THR C 406 -39.51 -8.11 -12.90
C THR C 406 -40.67 -7.54 -12.14
N LEU C 407 -40.64 -6.44 -11.51
CA LEU C 407 -41.82 -5.88 -10.79
C LEU C 407 -42.99 -5.41 -11.65
N GLY C 408 -42.80 -5.42 -12.94
CA GLY C 408 -43.72 -5.08 -13.99
C GLY C 408 -44.52 -6.30 -14.55
N HIS C 409 -44.20 -7.51 -14.17
CA HIS C 409 -44.92 -8.69 -14.66
C HIS C 409 -46.33 -8.70 -14.05
N PRO C 410 -47.32 -9.08 -14.84
CA PRO C 410 -48.70 -9.20 -14.46
C PRO C 410 -49.03 -9.98 -13.17
N TRP C 411 -48.19 -10.94 -12.80
CA TRP C 411 -48.48 -11.74 -11.61
C TRP C 411 -47.55 -11.40 -10.42
N GLY C 412 -46.90 -10.28 -10.39
CA GLY C 412 -46.03 -9.84 -9.31
C GLY C 412 -44.67 -10.47 -9.50
N ASN C 413 -43.83 -10.13 -8.55
CA ASN C 413 -42.42 -10.48 -8.43
C ASN C 413 -41.98 -11.90 -8.53
N ALA C 414 -42.45 -12.85 -7.77
CA ALA C 414 -41.96 -14.24 -7.93
C ALA C 414 -42.05 -14.72 -9.37
N PRO C 415 -43.24 -14.72 -9.97
CA PRO C 415 -43.50 -15.13 -11.34
C PRO C 415 -42.59 -14.36 -12.24
N GLY C 416 -42.51 -13.06 -12.20
CA GLY C 416 -41.58 -12.27 -13.05
C GLY C 416 -40.14 -12.72 -12.94
N ALA C 417 -39.76 -13.16 -11.75
CA ALA C 417 -38.43 -13.68 -11.46
C ALA C 417 -38.37 -14.98 -12.32
N VAL C 418 -39.19 -15.92 -12.06
CA VAL C 418 -39.23 -17.18 -12.80
C VAL C 418 -39.10 -16.95 -14.30
N ALA C 419 -39.90 -16.04 -14.76
CA ALA C 419 -39.98 -15.61 -16.16
C ALA C 419 -38.54 -15.49 -16.68
N ASN C 420 -37.96 -14.44 -16.14
CA ASN C 420 -36.54 -14.19 -16.56
C ASN C 420 -35.62 -15.37 -16.33
N ARG C 421 -35.79 -16.14 -15.26
CA ARG C 421 -34.79 -17.28 -15.10
C ARG C 421 -34.93 -18.24 -16.23
N VAL C 422 -36.20 -18.63 -16.49
CA VAL C 422 -36.46 -19.56 -17.62
C VAL C 422 -35.93 -18.95 -18.92
N ALA C 423 -36.41 -17.76 -19.24
CA ALA C 423 -35.89 -17.17 -20.49
C ALA C 423 -34.41 -17.34 -20.66
N LEU C 424 -33.65 -17.06 -19.60
CA LEU C 424 -32.20 -17.10 -19.61
C LEU C 424 -31.66 -18.50 -19.67
N GLU C 425 -32.30 -19.37 -18.90
CA GLU C 425 -31.79 -20.79 -18.95
C GLU C 425 -32.11 -21.38 -20.33
N ALA C 426 -33.18 -20.86 -20.90
CA ALA C 426 -33.63 -21.29 -22.24
C ALA C 426 -32.57 -20.82 -23.25
N CYS C 427 -32.20 -19.57 -23.19
CA CYS C 427 -31.23 -19.07 -24.12
C CYS C 427 -29.96 -19.84 -23.92
N VAL C 428 -29.63 -20.07 -22.66
CA VAL C 428 -28.31 -20.81 -22.40
C VAL C 428 -28.23 -22.17 -23.06
N LYS C 429 -29.25 -22.97 -22.95
CA LYS C 429 -29.30 -24.33 -23.53
C LYS C 429 -29.28 -24.34 -25.04
N ALA C 430 -30.03 -23.40 -25.60
CA ALA C 430 -30.13 -23.28 -27.05
C ALA C 430 -28.69 -23.06 -27.54
N ARG C 431 -28.06 -22.12 -26.88
CA ARG C 431 -26.68 -21.77 -27.18
C ARG C 431 -25.87 -23.05 -27.09
N ASN C 432 -25.95 -23.66 -25.91
CA ASN C 432 -25.16 -24.90 -25.69
C ASN C 432 -25.48 -25.94 -26.72
N GLU C 433 -26.76 -26.10 -27.15
CA GLU C 433 -27.03 -27.16 -28.17
C GLU C 433 -26.49 -26.82 -29.59
N GLY C 434 -26.02 -25.64 -29.71
CA GLY C 434 -25.51 -25.10 -30.93
C GLY C 434 -26.49 -24.22 -31.64
N ARG C 435 -27.62 -23.80 -31.13
CA ARG C 435 -28.51 -22.85 -31.88
C ARG C 435 -27.77 -21.54 -32.01
N ASP C 436 -28.28 -20.59 -32.73
CA ASP C 436 -27.63 -19.27 -32.96
C ASP C 436 -28.51 -18.17 -32.33
N LEU C 437 -28.11 -17.82 -31.13
CA LEU C 437 -28.86 -16.80 -30.44
C LEU C 437 -29.18 -15.63 -31.39
N ALA C 438 -28.27 -15.19 -32.19
CA ALA C 438 -28.54 -14.02 -33.10
C ALA C 438 -29.55 -14.39 -34.17
N GLN C 439 -29.32 -15.38 -34.97
CA GLN C 439 -30.33 -15.69 -35.95
C GLN C 439 -31.57 -16.21 -35.22
N GLU C 440 -31.50 -17.41 -34.67
CA GLU C 440 -32.55 -18.13 -33.98
C GLU C 440 -33.16 -17.60 -32.72
N GLY C 441 -32.64 -16.46 -32.33
CA GLY C 441 -33.06 -15.75 -31.10
C GLY C 441 -34.52 -16.06 -30.80
N ASN C 442 -35.29 -15.19 -31.34
CA ASN C 442 -36.71 -15.06 -31.30
C ASN C 442 -37.60 -16.28 -31.23
N GLU C 443 -37.15 -17.43 -31.74
CA GLU C 443 -38.03 -18.58 -31.67
C GLU C 443 -37.85 -19.16 -30.29
N ILE C 444 -36.59 -19.17 -29.96
CA ILE C 444 -36.11 -19.68 -28.70
C ILE C 444 -36.89 -19.21 -27.47
N ILE C 445 -37.07 -17.90 -27.37
CA ILE C 445 -37.79 -17.49 -26.13
C ILE C 445 -39.22 -17.82 -26.46
N ARG C 446 -39.59 -17.51 -27.65
CA ARG C 446 -40.94 -17.77 -28.16
C ARG C 446 -41.47 -19.20 -27.95
N GLU C 447 -40.53 -20.11 -28.07
CA GLU C 447 -40.79 -21.53 -27.88
C GLU C 447 -41.07 -21.86 -26.41
N ALA C 448 -40.29 -21.12 -25.60
CA ALA C 448 -40.23 -21.24 -24.14
C ALA C 448 -41.49 -20.70 -23.55
N CYS C 449 -41.83 -19.58 -24.16
CA CYS C 449 -43.06 -18.91 -23.71
C CYS C 449 -44.10 -20.02 -23.76
N LYS C 450 -44.04 -20.82 -24.79
CA LYS C 450 -45.08 -21.89 -24.86
C LYS C 450 -45.15 -22.76 -23.65
N TRP C 451 -44.03 -23.25 -23.19
CA TRP C 451 -44.00 -24.17 -22.04
C TRP C 451 -44.02 -23.52 -20.70
N SER C 452 -43.71 -22.24 -20.50
CA SER C 452 -43.80 -21.65 -19.18
C SER C 452 -44.87 -20.63 -18.91
N PRO C 453 -45.88 -20.88 -18.06
CA PRO C 453 -46.96 -19.99 -17.70
C PRO C 453 -46.46 -18.63 -17.26
N GLU C 454 -45.44 -18.63 -16.39
CA GLU C 454 -44.89 -17.36 -15.94
C GLU C 454 -44.16 -16.70 -17.13
N LEU C 455 -43.41 -17.51 -17.85
CA LEU C 455 -42.71 -16.91 -19.00
C LEU C 455 -43.73 -16.33 -19.95
N ALA C 456 -44.76 -17.08 -20.26
CA ALA C 456 -45.79 -16.63 -21.22
C ALA C 456 -46.32 -15.24 -20.88
N ALA C 457 -46.93 -15.23 -19.74
CA ALA C 457 -47.48 -14.02 -19.20
C ALA C 457 -46.61 -12.81 -19.51
N ALA C 458 -45.33 -12.92 -19.41
CA ALA C 458 -44.34 -11.91 -19.66
C ALA C 458 -44.24 -11.55 -21.13
N CYS C 459 -44.01 -12.58 -21.93
CA CYS C 459 -43.89 -12.45 -23.37
C CYS C 459 -44.99 -11.56 -23.97
N GLU C 460 -46.21 -11.93 -23.61
CA GLU C 460 -47.37 -11.23 -24.10
C GLU C 460 -47.32 -9.77 -23.80
N VAL C 461 -46.96 -9.37 -22.60
CA VAL C 461 -46.87 -8.05 -22.09
C VAL C 461 -45.81 -7.21 -22.77
N TRP C 462 -44.63 -7.74 -22.92
CA TRP C 462 -43.59 -6.89 -23.51
C TRP C 462 -43.27 -7.18 -24.95
N LYS C 463 -44.04 -7.98 -25.61
CA LYS C 463 -43.85 -8.34 -27.03
C LYS C 463 -43.46 -7.16 -27.88
N GLU C 464 -44.32 -6.22 -28.06
CA GLU C 464 -44.00 -5.08 -28.93
C GLU C 464 -43.00 -4.07 -28.50
N ILE C 465 -42.29 -4.08 -27.42
CA ILE C 465 -41.37 -3.01 -27.04
C ILE C 465 -39.94 -3.05 -27.50
N VAL C 466 -39.38 -2.01 -28.01
CA VAL C 466 -37.97 -2.00 -28.40
C VAL C 466 -37.66 -0.51 -28.14
N PHE C 467 -36.40 -0.20 -28.15
CA PHE C 467 -35.97 1.20 -27.89
C PHE C 467 -35.03 1.57 -29.04
N ASN C 468 -35.62 1.46 -30.25
CA ASN C 468 -34.74 1.86 -31.38
C ASN C 468 -34.99 3.40 -31.55
N PHE C 469 -33.86 4.04 -31.60
CA PHE C 469 -33.65 5.46 -31.77
C PHE C 469 -32.15 5.61 -32.19
N ALA C 470 -31.96 6.44 -33.18
CA ALA C 470 -30.64 6.80 -33.73
C ALA C 470 -29.65 7.46 -32.73
N ALA C 471 -28.66 6.67 -32.33
CA ALA C 471 -27.61 6.96 -31.40
C ALA C 471 -26.72 8.17 -31.60
N VAL C 472 -26.14 8.57 -30.43
CA VAL C 472 -25.21 9.71 -30.25
C VAL C 472 -23.79 9.20 -29.93
N ASP C 473 -23.36 8.98 -28.75
N MET D 1 -53.55 -16.12 -13.07
CA MET D 1 -52.48 -15.66 -12.16
C MET D 1 -52.18 -16.77 -11.17
N GLN D 2 -50.90 -17.19 -11.05
CA GLN D 2 -50.66 -18.25 -10.09
C GLN D 2 -49.38 -18.09 -9.24
N VAL D 3 -49.69 -18.43 -7.97
CA VAL D 3 -48.78 -18.43 -6.85
C VAL D 3 -47.70 -19.48 -6.99
N TRP D 4 -46.56 -18.93 -7.24
CA TRP D 4 -45.29 -19.69 -7.39
C TRP D 4 -45.21 -20.36 -6.05
N PRO D 5 -45.20 -21.65 -6.00
CA PRO D 5 -45.18 -22.35 -4.70
C PRO D 5 -43.96 -22.08 -3.86
N PRO D 6 -44.20 -21.98 -2.58
CA PRO D 6 -43.17 -21.72 -1.59
C PRO D 6 -42.59 -23.02 -1.09
N ILE D 7 -43.15 -24.21 -1.46
CA ILE D 7 -42.56 -25.38 -0.89
C ILE D 7 -41.87 -26.43 -1.62
N ASN D 8 -42.11 -27.11 -2.66
CA ASN D 8 -41.01 -28.17 -2.88
C ASN D 8 -40.29 -27.80 -4.13
N LYS D 9 -39.66 -26.60 -4.16
CA LYS D 9 -38.96 -26.24 -5.43
C LYS D 9 -37.49 -25.84 -5.28
N LYS D 10 -36.73 -26.69 -4.62
CA LYS D 10 -35.32 -26.45 -4.33
C LYS D 10 -34.61 -26.55 -5.64
N LYS D 11 -33.77 -25.54 -5.92
CA LYS D 11 -33.07 -25.59 -7.22
C LYS D 11 -31.66 -26.00 -7.06
N TYR D 12 -31.02 -26.16 -8.18
CA TYR D 12 -29.67 -26.57 -8.36
C TYR D 12 -28.91 -25.71 -9.34
N GLU D 13 -29.03 -24.45 -9.27
CA GLU D 13 -28.32 -23.52 -10.17
C GLU D 13 -28.69 -23.69 -11.60
N THR D 14 -27.69 -23.57 -12.45
CA THR D 14 -27.88 -23.65 -13.90
C THR D 14 -28.62 -24.86 -14.40
N LEU D 15 -29.59 -24.57 -15.24
CA LEU D 15 -30.49 -25.43 -15.92
C LEU D 15 -31.63 -25.94 -15.09
N SER D 16 -31.58 -25.82 -13.79
CA SER D 16 -32.69 -26.34 -12.94
C SER D 16 -34.00 -25.66 -13.10
N TYR D 17 -34.15 -24.73 -14.00
CA TYR D 17 -35.47 -24.02 -14.11
C TYR D 17 -36.22 -24.44 -15.38
N LEU D 18 -35.59 -25.29 -16.17
CA LEU D 18 -36.04 -25.91 -17.39
C LEU D 18 -36.46 -27.33 -16.93
N PRO D 19 -37.26 -28.02 -17.74
CA PRO D 19 -37.69 -29.41 -17.41
C PRO D 19 -36.51 -30.36 -17.35
N ASP D 20 -36.61 -31.38 -16.53
CA ASP D 20 -35.60 -32.44 -16.30
C ASP D 20 -34.94 -32.83 -17.57
N LEU D 21 -33.65 -32.58 -17.60
CA LEU D 21 -32.89 -32.90 -18.82
C LEU D 21 -32.91 -34.44 -19.10
N SER D 22 -33.24 -34.67 -20.34
CA SER D 22 -33.27 -35.99 -20.93
C SER D 22 -31.77 -36.35 -21.12
N GLN D 23 -31.50 -37.60 -21.28
CA GLN D 23 -30.09 -37.97 -21.49
C GLN D 23 -29.53 -37.35 -22.76
N GLU D 24 -30.37 -37.16 -23.77
CA GLU D 24 -29.93 -36.55 -25.05
C GLU D 24 -29.43 -35.15 -24.69
N GLN D 25 -30.31 -34.47 -24.05
CA GLN D 25 -30.19 -33.13 -23.57
C GLN D 25 -28.95 -32.92 -22.71
N LEU D 26 -28.82 -33.88 -21.85
CA LEU D 26 -27.68 -33.85 -20.91
C LEU D 26 -26.44 -34.08 -21.71
N LEU D 27 -26.53 -34.93 -22.67
CA LEU D 27 -25.40 -35.26 -23.55
C LEU D 27 -24.90 -34.09 -24.36
N SER D 28 -25.78 -33.19 -24.69
CA SER D 28 -25.38 -32.05 -25.49
C SER D 28 -24.57 -31.08 -24.59
N GLU D 29 -24.78 -31.20 -23.28
CA GLU D 29 -24.06 -30.39 -22.23
C GLU D 29 -22.66 -30.86 -22.12
N VAL D 30 -22.43 -32.12 -21.83
CA VAL D 30 -21.04 -32.63 -21.75
C VAL D 30 -20.31 -32.40 -23.08
N GLU D 31 -21.05 -32.47 -24.18
CA GLU D 31 -20.42 -32.27 -25.51
C GLU D 31 -19.93 -30.81 -25.63
N TYR D 32 -20.77 -29.86 -25.16
CA TYR D 32 -20.47 -28.38 -25.20
C TYR D 32 -19.16 -28.06 -24.48
N LEU D 33 -19.19 -28.65 -23.31
CA LEU D 33 -18.09 -28.56 -22.33
C LEU D 33 -16.84 -28.90 -23.11
N LEU D 34 -16.93 -30.12 -23.60
CA LEU D 34 -15.79 -30.67 -24.40
C LEU D 34 -15.47 -29.80 -25.58
N LYS D 35 -16.37 -29.41 -26.42
CA LYS D 35 -16.18 -28.57 -27.56
C LYS D 35 -15.27 -27.43 -27.18
N ASN D 36 -15.42 -27.00 -25.94
CA ASN D 36 -14.67 -25.86 -25.43
C ASN D 36 -13.29 -26.01 -24.88
N GLY D 37 -13.04 -27.20 -24.36
CA GLY D 37 -11.77 -27.60 -23.78
C GLY D 37 -11.80 -27.73 -22.26
N TRP D 38 -12.97 -27.69 -21.77
CA TRP D 38 -13.08 -27.76 -20.28
C TRP D 38 -12.85 -29.16 -19.89
N VAL D 39 -12.18 -29.34 -18.72
CA VAL D 39 -11.89 -30.74 -18.23
C VAL D 39 -13.12 -31.11 -17.47
N PRO D 40 -13.91 -32.05 -17.82
CA PRO D 40 -15.09 -32.44 -17.10
C PRO D 40 -14.74 -33.03 -15.75
N CYS D 41 -15.45 -32.83 -14.70
CA CYS D 41 -15.20 -33.41 -13.38
C CYS D 41 -16.56 -33.74 -12.75
N LEU D 42 -16.55 -34.74 -11.91
CA LEU D 42 -17.74 -35.17 -11.18
C LEU D 42 -17.64 -34.94 -9.65
N GLU D 43 -18.74 -34.59 -9.00
CA GLU D 43 -18.78 -34.36 -7.57
C GLU D 43 -20.13 -34.86 -7.09
N PHE D 44 -20.28 -35.49 -6.02
CA PHE D 44 -21.52 -36.01 -5.47
C PHE D 44 -21.55 -35.67 -4.00
N GLU D 45 -22.68 -35.73 -3.41
CA GLU D 45 -22.94 -35.35 -2.02
C GLU D 45 -24.14 -36.21 -1.64
N THR D 46 -24.04 -36.72 -0.43
CA THR D 46 -25.06 -37.60 0.08
C THR D 46 -25.72 -37.03 1.31
N GLU D 47 -25.14 -35.91 1.83
CA GLU D 47 -25.80 -35.37 3.05
C GLU D 47 -26.28 -33.97 3.16
N HIS D 48 -25.64 -33.04 2.47
CA HIS D 48 -26.04 -31.65 2.60
C HIS D 48 -26.24 -31.10 1.22
N GLY D 49 -27.42 -31.48 0.85
CA GLY D 49 -27.89 -31.05 -0.47
C GLY D 49 -27.83 -29.58 -0.65
N PHE D 50 -27.91 -28.78 0.37
CA PHE D 50 -27.85 -27.30 0.15
C PHE D 50 -27.00 -26.51 1.13
N VAL D 51 -26.43 -25.39 0.76
CA VAL D 51 -25.58 -24.56 1.55
C VAL D 51 -26.18 -24.27 2.92
N TYR D 52 -25.33 -24.15 3.87
CA TYR D 52 -25.69 -23.88 5.24
C TYR D 52 -24.62 -22.96 5.83
N ARG D 53 -24.82 -22.57 7.07
CA ARG D 53 -23.86 -21.66 7.68
C ARG D 53 -23.79 -22.00 9.15
N GLU D 54 -23.18 -23.14 9.41
CA GLU D 54 -22.99 -23.71 10.74
C GLU D 54 -21.73 -23.25 11.33
N ASN D 55 -20.61 -23.42 10.75
CA ASN D 55 -19.36 -22.98 11.34
C ASN D 55 -19.11 -21.54 11.38
N ASN D 56 -19.69 -20.66 10.57
CA ASN D 56 -19.39 -19.19 10.58
C ASN D 56 -20.43 -18.48 9.81
N LYS D 57 -20.49 -17.21 10.07
CA LYS D 57 -21.45 -16.32 9.29
C LYS D 57 -20.70 -15.08 8.74
N SER D 58 -19.40 -14.98 8.67
CA SER D 58 -18.83 -13.78 8.16
C SER D 58 -19.26 -13.69 6.72
N PRO D 59 -19.07 -12.53 6.07
CA PRO D 59 -19.45 -12.33 4.67
C PRO D 59 -18.72 -13.32 3.80
N GLY D 60 -19.39 -13.95 2.88
CA GLY D 60 -18.91 -14.90 1.93
C GLY D 60 -18.71 -16.33 2.35
N TYR D 61 -18.92 -16.63 3.63
CA TYR D 61 -18.76 -17.89 4.24
C TYR D 61 -20.09 -18.57 4.24
N TYR D 62 -20.09 -19.72 3.69
CA TYR D 62 -21.25 -20.58 3.65
C TYR D 62 -20.65 -21.99 3.81
N ASP D 63 -21.25 -22.81 4.57
CA ASP D 63 -20.80 -24.21 4.70
C ASP D 63 -21.64 -24.93 3.60
N GLY D 64 -21.28 -26.02 3.05
CA GLY D 64 -21.99 -26.75 2.08
C GLY D 64 -21.71 -26.53 0.63
N ARG D 65 -20.68 -25.83 0.23
CA ARG D 65 -20.34 -25.52 -1.16
C ARG D 65 -19.52 -26.67 -1.74
N TYR D 66 -18.57 -27.11 -0.98
CA TYR D 66 -17.67 -28.17 -1.36
C TYR D 66 -18.44 -29.48 -1.40
N TRP D 67 -18.22 -30.28 -2.35
CA TRP D 67 -18.86 -31.58 -2.50
C TRP D 67 -17.79 -32.67 -2.60
N THR D 68 -18.02 -33.99 -2.70
CA THR D 68 -16.92 -34.93 -2.84
C THR D 68 -16.65 -35.20 -4.31
N MET D 69 -15.38 -35.19 -4.60
CA MET D 69 -14.89 -35.41 -5.98
C MET D 69 -15.17 -36.88 -6.34
N TRP D 70 -15.73 -37.14 -7.47
CA TRP D 70 -15.96 -38.51 -7.91
C TRP D 70 -14.67 -38.82 -8.71
N LYS D 71 -13.81 -39.65 -8.18
CA LYS D 71 -12.52 -40.04 -8.81
C LYS D 71 -11.67 -38.80 -9.01
N LEU D 72 -11.22 -38.49 -10.21
CA LEU D 72 -10.40 -37.29 -10.53
C LEU D 72 -10.97 -36.59 -11.77
N PRO D 73 -10.62 -35.37 -12.01
CA PRO D 73 -11.10 -34.61 -13.17
C PRO D 73 -10.51 -35.43 -14.33
N MET D 74 -11.39 -35.80 -15.28
CA MET D 74 -10.90 -36.64 -16.40
C MET D 74 -10.25 -35.79 -17.43
N PHE D 75 -9.02 -35.40 -17.15
CA PHE D 75 -8.15 -34.61 -18.02
C PHE D 75 -7.97 -35.39 -19.30
N GLY D 76 -7.58 -34.90 -20.44
CA GLY D 76 -7.43 -35.71 -21.65
C GLY D 76 -8.56 -36.51 -22.30
N CYS D 77 -9.66 -36.79 -21.63
CA CYS D 77 -10.80 -37.54 -22.11
C CYS D 77 -11.47 -36.80 -23.24
N THR D 78 -12.08 -37.52 -24.17
CA THR D 78 -12.74 -36.73 -25.26
C THR D 78 -14.04 -37.40 -25.63
N ASP D 79 -14.28 -38.42 -24.82
CA ASP D 79 -15.50 -39.17 -25.07
C ASP D 79 -16.59 -38.68 -24.15
N ALA D 80 -17.44 -37.85 -24.75
CA ALA D 80 -18.57 -37.28 -23.99
C ALA D 80 -19.22 -38.47 -23.29
N THR D 81 -19.34 -39.53 -24.07
CA THR D 81 -20.02 -40.74 -23.57
C THR D 81 -19.32 -41.33 -22.38
N GLN D 82 -18.01 -41.28 -22.37
CA GLN D 82 -17.27 -41.84 -21.18
C GLN D 82 -17.72 -41.04 -19.97
N VAL D 83 -17.87 -39.70 -19.99
CA VAL D 83 -18.27 -39.04 -18.76
C VAL D 83 -19.65 -39.43 -18.31
N LEU D 84 -20.49 -39.62 -19.30
CA LEU D 84 -21.91 -39.98 -18.99
C LEU D 84 -21.96 -41.27 -18.23
N ALA D 85 -21.13 -42.19 -18.69
CA ALA D 85 -20.93 -43.53 -18.12
C ALA D 85 -20.74 -43.38 -16.61
N GLU D 86 -19.76 -42.51 -16.30
CA GLU D 86 -19.39 -42.17 -14.93
C GLU D 86 -20.57 -41.77 -14.14
N VAL D 87 -21.46 -40.94 -14.72
CA VAL D 87 -22.64 -40.56 -13.98
C VAL D 87 -23.45 -41.78 -13.53
N GLY D 88 -23.55 -42.68 -14.55
CA GLY D 88 -24.32 -43.96 -14.36
C GLY D 88 -23.66 -44.78 -13.21
N GLU D 89 -22.36 -44.86 -13.39
CA GLU D 89 -21.44 -45.55 -12.50
C GLU D 89 -21.58 -45.01 -11.12
N ALA D 90 -21.80 -43.71 -10.85
CA ALA D 90 -21.91 -43.21 -9.47
C ALA D 90 -23.30 -43.35 -8.92
N LYS D 91 -24.35 -43.29 -9.67
CA LYS D 91 -25.69 -43.48 -9.03
C LYS D 91 -25.68 -44.90 -8.53
N LYS D 92 -24.89 -45.68 -9.22
CA LYS D 92 -24.73 -47.15 -8.76
C LYS D 92 -23.88 -46.92 -7.54
N ALA D 93 -24.10 -47.32 -6.36
CA ALA D 93 -23.05 -46.92 -5.34
C ALA D 93 -23.61 -45.73 -4.60
N TYR D 94 -24.04 -44.64 -5.18
CA TYR D 94 -24.55 -43.56 -4.31
C TYR D 94 -25.88 -43.10 -4.85
N PRO D 95 -26.78 -44.05 -4.78
CA PRO D 95 -28.16 -43.90 -5.27
C PRO D 95 -28.82 -42.72 -4.58
N GLN D 96 -28.33 -42.40 -3.40
CA GLN D 96 -28.90 -41.28 -2.65
C GLN D 96 -28.07 -40.02 -2.83
N ALA D 97 -27.03 -40.05 -3.61
CA ALA D 97 -26.16 -38.90 -3.81
C ALA D 97 -26.89 -37.96 -4.73
N TRP D 98 -26.43 -36.74 -4.80
CA TRP D 98 -26.82 -35.68 -5.67
C TRP D 98 -25.55 -35.74 -6.57
N ILE D 99 -25.65 -35.83 -7.82
CA ILE D 99 -24.36 -35.91 -8.64
C ILE D 99 -24.38 -34.73 -9.59
N ARG D 100 -23.22 -34.20 -9.74
CA ARG D 100 -23.18 -32.95 -10.61
C ARG D 100 -22.04 -33.10 -11.51
N ILE D 101 -21.99 -32.45 -12.61
CA ILE D 101 -20.91 -32.43 -13.62
C ILE D 101 -20.40 -31.00 -13.71
N ILE D 102 -19.18 -30.70 -13.69
CA ILE D 102 -18.54 -29.40 -13.77
C ILE D 102 -17.45 -29.39 -14.83
N GLY D 103 -17.09 -28.18 -15.26
CA GLY D 103 -16.08 -28.04 -16.31
C GLY D 103 -15.01 -27.07 -15.98
N PHE D 104 -13.78 -27.46 -15.89
CA PHE D 104 -12.70 -26.59 -15.58
C PHE D 104 -12.02 -25.83 -16.68
N ASP D 105 -11.84 -24.56 -16.61
CA ASP D 105 -11.12 -23.80 -17.61
C ASP D 105 -9.72 -23.67 -16.98
N ASN D 106 -8.78 -24.57 -17.05
CA ASN D 106 -7.50 -24.36 -16.36
C ASN D 106 -6.69 -23.08 -16.59
N VAL D 107 -6.99 -22.34 -17.60
CA VAL D 107 -6.29 -21.11 -17.90
C VAL D 107 -6.79 -19.90 -17.05
N ARG D 108 -8.04 -19.87 -16.87
CA ARG D 108 -8.70 -18.88 -16.13
C ARG D 108 -9.00 -19.36 -14.71
N GLN D 109 -8.93 -20.65 -14.58
CA GLN D 109 -9.19 -21.36 -13.37
C GLN D 109 -10.62 -20.99 -12.92
N VAL D 110 -11.66 -21.20 -13.73
CA VAL D 110 -12.99 -20.90 -13.22
C VAL D 110 -13.73 -22.20 -13.61
N GLN D 111 -14.74 -22.59 -12.96
CA GLN D 111 -15.56 -23.75 -13.36
C GLN D 111 -16.45 -23.05 -14.42
N CYS D 112 -16.26 -23.43 -15.64
CA CYS D 112 -16.97 -22.83 -16.76
C CYS D 112 -18.36 -23.37 -16.87
N ILE D 113 -18.60 -24.51 -16.17
CA ILE D 113 -19.93 -25.09 -16.29
C ILE D 113 -20.23 -25.96 -15.11
N SER D 114 -21.45 -26.28 -14.85
CA SER D 114 -21.90 -27.09 -13.74
C SER D 114 -23.42 -27.17 -13.91
N PHE D 115 -23.97 -28.35 -13.85
CA PHE D 115 -25.36 -28.70 -13.99
C PHE D 115 -25.54 -30.02 -13.24
N ILE D 116 -26.65 -30.13 -12.59
CA ILE D 116 -26.86 -31.42 -11.84
C ILE D 116 -27.21 -32.49 -12.85
N ALA D 117 -26.45 -33.58 -12.68
CA ALA D 117 -26.57 -34.79 -13.52
C ALA D 117 -27.50 -35.83 -12.90
N TYR D 118 -27.82 -35.65 -11.63
CA TYR D 118 -28.70 -36.61 -10.97
C TYR D 118 -29.11 -36.23 -9.58
N LYS D 119 -30.41 -36.13 -9.32
CA LYS D 119 -30.90 -35.78 -7.97
C LYS D 119 -31.32 -37.16 -7.47
N PRO D 120 -31.28 -37.33 -6.20
CA PRO D 120 -31.65 -38.61 -5.59
C PRO D 120 -33.17 -38.49 -5.55
N GLU D 121 -33.71 -39.58 -5.07
CA GLU D 121 -35.16 -39.69 -4.97
C GLU D 121 -35.89 -38.62 -4.19
N GLY D 122 -36.80 -37.96 -4.90
CA GLY D 122 -37.67 -36.92 -4.33
C GLY D 122 -37.13 -35.52 -4.19
N TYR D 123 -36.53 -35.08 -5.26
CA TYR D 123 -35.90 -33.82 -5.53
C TYR D 123 -35.92 -33.88 -7.07
N ALA E 9 -52.11 2.70 -3.49
CA ALA E 9 -53.04 1.89 -4.33
C ALA E 9 -54.18 2.73 -4.91
N SER E 10 -55.22 2.00 -5.34
CA SER E 10 -56.45 2.43 -5.99
C SER E 10 -56.12 2.36 -7.53
N VAL E 11 -57.17 2.03 -8.27
CA VAL E 11 -56.91 1.90 -9.75
C VAL E 11 -56.08 0.61 -9.93
N GLY E 12 -56.70 -0.37 -10.54
CA GLY E 12 -56.04 -1.65 -10.76
C GLY E 12 -54.63 -1.51 -11.38
N PHE E 13 -53.80 -2.49 -10.98
CA PHE E 13 -52.47 -2.66 -11.45
C PHE E 13 -52.74 -3.15 -12.92
N LYS E 14 -52.23 -2.32 -13.83
CA LYS E 14 -52.37 -2.69 -15.26
C LYS E 14 -50.97 -2.70 -15.91
N ALA E 15 -50.41 -3.89 -16.00
CA ALA E 15 -49.12 -4.14 -16.56
C ALA E 15 -48.84 -3.55 -17.90
N GLY E 16 -47.62 -3.13 -18.20
CA GLY E 16 -47.30 -2.57 -19.52
C GLY E 16 -46.75 -1.14 -19.47
N VAL E 17 -46.10 -0.77 -20.56
CA VAL E 17 -45.52 0.54 -20.79
C VAL E 17 -46.61 1.60 -20.96
N LYS E 18 -46.39 2.84 -20.67
CA LYS E 18 -47.22 4.03 -20.72
C LYS E 18 -46.30 5.26 -20.98
N GLU E 19 -46.76 6.36 -21.51
CA GLU E 19 -45.77 7.42 -21.74
C GLU E 19 -45.56 8.05 -20.33
N TYR E 20 -44.41 8.59 -20.22
CA TYR E 20 -43.99 9.25 -18.98
C TYR E 20 -45.01 10.35 -18.69
N LYS E 21 -45.27 11.08 -19.73
CA LYS E 21 -46.19 12.21 -19.79
C LYS E 21 -47.34 12.04 -18.83
N LEU E 22 -47.98 10.88 -18.88
CA LEU E 22 -49.14 10.62 -18.05
C LEU E 22 -48.96 10.90 -16.59
N THR E 23 -47.77 10.81 -16.00
CA THR E 23 -47.62 11.05 -14.56
C THR E 23 -46.57 12.11 -14.27
N TYR E 24 -45.67 12.25 -15.17
CA TYR E 24 -44.63 13.27 -14.82
C TYR E 24 -44.67 14.61 -15.44
N TYR E 25 -45.73 14.85 -16.22
CA TYR E 25 -45.96 16.20 -16.87
C TYR E 25 -47.19 16.73 -16.12
N THR E 26 -46.96 17.73 -15.32
CA THR E 26 -47.97 18.34 -14.41
C THR E 26 -47.87 19.82 -14.35
N PRO E 27 -48.32 20.45 -15.42
CA PRO E 27 -48.26 21.93 -15.59
C PRO E 27 -49.22 22.64 -14.66
N GLU E 28 -50.02 21.75 -14.04
CA GLU E 28 -51.01 22.11 -13.04
C GLU E 28 -50.27 22.59 -11.76
N TYR E 29 -49.23 21.82 -11.43
CA TYR E 29 -48.39 21.96 -10.29
C TYR E 29 -47.91 23.38 -9.87
N GLN E 30 -48.13 23.56 -8.62
CA GLN E 30 -47.91 24.61 -7.72
C GLN E 30 -46.75 24.17 -6.83
N THR E 31 -45.61 24.77 -7.07
CA THR E 31 -44.40 24.40 -6.31
C THR E 31 -44.54 24.76 -4.84
N LYS E 32 -43.98 23.88 -3.99
CA LYS E 32 -43.96 23.97 -2.55
C LYS E 32 -42.56 24.55 -2.17
N ASP E 33 -42.75 25.29 -1.09
CA ASP E 33 -41.50 25.97 -0.55
C ASP E 33 -40.38 25.01 -0.26
N THR E 34 -40.64 23.76 0.02
CA THR E 34 -39.58 22.80 0.31
C THR E 34 -39.19 21.99 -0.88
N ASP E 35 -39.67 22.24 -2.09
CA ASP E 35 -39.27 21.49 -3.26
C ASP E 35 -37.91 21.86 -3.79
N ILE E 36 -37.19 20.93 -4.32
CA ILE E 36 -35.86 21.23 -4.93
C ILE E 36 -36.35 21.54 -6.37
N LEU E 37 -35.90 22.54 -7.03
CA LEU E 37 -36.43 22.73 -8.41
C LEU E 37 -35.22 22.70 -9.27
N ALA E 38 -35.44 22.24 -10.46
CA ALA E 38 -34.27 22.18 -11.40
C ALA E 38 -34.74 22.68 -12.76
N ALA E 39 -33.86 23.46 -13.34
CA ALA E 39 -34.12 23.99 -14.68
C ALA E 39 -33.24 23.23 -15.66
N PHE E 40 -33.73 22.20 -16.29
CA PHE E 40 -32.90 21.40 -17.29
C PHE E 40 -33.08 21.94 -18.73
N ARG E 41 -31.99 21.98 -19.45
CA ARG E 41 -32.05 22.48 -20.86
C ARG E 41 -32.08 21.24 -21.73
N VAL E 42 -33.23 20.76 -22.12
CA VAL E 42 -33.38 19.54 -22.93
C VAL E 42 -33.42 19.68 -24.41
N THR E 43 -32.97 18.79 -25.22
CA THR E 43 -32.90 18.73 -26.64
C THR E 43 -33.30 17.31 -27.04
N PRO E 44 -34.59 17.17 -27.32
CA PRO E 44 -35.13 15.84 -27.62
C PRO E 44 -34.57 15.31 -28.86
N GLN E 45 -35.10 14.14 -29.04
CA GLN E 45 -34.77 13.32 -30.25
C GLN E 45 -36.00 13.63 -31.13
N PRO E 46 -35.78 13.95 -32.36
CA PRO E 46 -36.78 14.17 -33.38
C PRO E 46 -38.23 13.91 -33.09
N GLY E 47 -38.64 12.68 -32.79
CA GLY E 47 -40.06 12.42 -32.54
C GLY E 47 -40.51 12.56 -31.13
N VAL E 48 -39.72 13.13 -30.24
CA VAL E 48 -40.11 13.27 -28.84
C VAL E 48 -40.62 14.65 -28.51
N PRO E 49 -41.89 14.61 -28.19
CA PRO E 49 -42.65 15.83 -27.78
C PRO E 49 -41.87 16.20 -26.49
N PRO E 50 -41.65 17.48 -26.35
CA PRO E 50 -40.87 17.98 -25.21
C PRO E 50 -41.54 17.53 -23.94
N GLU E 51 -42.83 17.66 -23.85
CA GLU E 51 -43.49 17.20 -22.58
C GLU E 51 -43.33 15.70 -22.36
N GLU E 52 -42.76 14.98 -23.31
CA GLU E 52 -42.57 13.55 -23.00
C GLU E 52 -41.12 13.73 -22.45
N ALA E 53 -40.23 14.12 -23.32
CA ALA E 53 -38.83 14.30 -22.88
C ALA E 53 -38.81 14.72 -21.40
N GLY E 54 -39.43 15.79 -21.16
CA GLY E 54 -39.56 16.47 -19.85
C GLY E 54 -40.07 15.53 -18.80
N ALA E 55 -41.07 14.76 -19.07
CA ALA E 55 -41.58 13.77 -18.09
C ALA E 55 -40.61 12.59 -18.01
N ALA E 56 -39.78 12.25 -18.97
CA ALA E 56 -38.84 11.13 -18.81
C ALA E 56 -37.79 11.62 -17.77
N VAL E 57 -37.27 12.79 -18.02
CA VAL E 57 -36.30 13.42 -17.22
C VAL E 57 -36.83 13.49 -15.80
N ALA E 58 -38.06 13.74 -15.57
CA ALA E 58 -38.64 13.83 -14.20
C ALA E 58 -38.94 12.47 -13.62
N ALA E 59 -39.25 11.53 -14.47
CA ALA E 59 -39.61 10.18 -13.88
C ALA E 59 -38.39 9.38 -13.47
N GLU E 60 -37.50 9.30 -14.42
CA GLU E 60 -36.25 8.52 -14.24
C GLU E 60 -35.29 9.22 -13.31
N SER E 61 -35.70 10.26 -12.66
CA SER E 61 -35.00 11.02 -11.73
C SER E 61 -35.58 11.06 -10.31
N SER E 62 -36.67 10.30 -10.10
CA SER E 62 -37.34 10.32 -8.86
C SER E 62 -37.96 9.03 -8.51
N THR E 63 -39.07 8.71 -9.03
CA THR E 63 -39.73 7.48 -8.67
C THR E 63 -40.01 6.56 -9.76
N GLY E 64 -39.89 6.79 -11.02
CA GLY E 64 -40.27 5.80 -12.00
C GLY E 64 -39.38 5.10 -12.91
N THR E 65 -39.91 4.04 -13.55
CA THR E 65 -39.08 3.28 -14.51
C THR E 65 -39.89 3.20 -15.82
N TRP E 66 -39.45 2.38 -16.77
CA TRP E 66 -40.07 2.23 -18.07
C TRP E 66 -41.31 1.41 -18.24
N THR E 67 -41.81 0.76 -17.30
CA THR E 67 -43.03 -0.10 -17.48
C THR E 67 -43.82 0.08 -16.23
N THR E 68 -44.91 -0.57 -16.05
CA THR E 68 -45.74 -0.35 -14.83
C THR E 68 -45.46 -1.40 -13.84
N VAL E 69 -45.17 -0.88 -12.62
CA VAL E 69 -44.83 -1.94 -11.53
C VAL E 69 -45.88 -1.89 -10.50
N TRP E 70 -46.46 -2.92 -9.97
CA TRP E 70 -47.54 -2.82 -8.92
C TRP E 70 -47.14 -2.16 -7.60
N THR E 71 -45.96 -2.30 -7.13
CA THR E 71 -45.47 -1.74 -5.92
C THR E 71 -45.89 -0.31 -5.77
N ASP E 72 -46.06 0.45 -6.85
CA ASP E 72 -46.43 1.90 -6.78
C ASP E 72 -47.67 2.10 -5.93
N GLY E 73 -48.54 1.14 -5.92
CA GLY E 73 -49.77 1.17 -5.14
C GLY E 73 -49.53 0.91 -3.70
N LEU E 74 -48.29 0.65 -3.30
CA LEU E 74 -47.96 0.34 -1.86
C LEU E 74 -47.76 1.66 -1.13
N THR E 75 -47.24 2.59 -1.83
CA THR E 75 -46.92 3.96 -1.45
C THR E 75 -47.84 4.94 -2.15
N SER E 76 -47.54 6.18 -2.27
CA SER E 76 -48.35 7.19 -2.99
C SER E 76 -47.48 8.16 -3.81
N LEU E 77 -47.35 7.93 -5.11
CA LEU E 77 -46.49 8.73 -5.97
C LEU E 77 -46.79 10.24 -5.96
N ASP E 78 -48.02 10.55 -5.56
CA ASP E 78 -48.35 12.00 -5.57
C ASP E 78 -47.43 12.70 -4.62
N ARG E 79 -47.01 12.01 -3.60
CA ARG E 79 -46.14 12.50 -2.52
C ARG E 79 -44.69 12.60 -2.91
N TYR E 80 -44.37 11.48 -3.60
CA TYR E 80 -43.00 11.30 -4.05
C TYR E 80 -42.62 11.63 -5.44
N LYS E 81 -43.34 11.46 -6.49
CA LYS E 81 -42.98 11.70 -7.85
C LYS E 81 -42.31 13.03 -8.11
N GLY E 82 -41.31 12.94 -8.95
CA GLY E 82 -40.56 14.18 -9.35
C GLY E 82 -41.54 14.72 -10.39
N ARG E 83 -41.58 16.04 -10.61
CA ARG E 83 -42.60 16.45 -11.63
C ARG E 83 -42.19 17.68 -12.38
N CYS E 84 -42.37 17.45 -13.70
CA CYS E 84 -42.15 18.42 -14.79
C CYS E 84 -43.48 19.27 -14.89
N TYR E 85 -43.34 20.44 -14.32
CA TYR E 85 -44.44 21.42 -14.24
C TYR E 85 -44.33 22.53 -15.26
N ARG E 86 -43.52 22.51 -16.31
CA ARG E 86 -43.37 23.48 -17.35
C ARG E 86 -42.06 23.39 -18.19
N ILE E 87 -42.36 23.61 -19.46
CA ILE E 87 -41.40 23.56 -20.58
C ILE E 87 -41.41 24.97 -21.12
N GLU E 88 -40.47 25.38 -21.85
CA GLU E 88 -40.35 26.72 -22.40
C GLU E 88 -39.51 26.56 -23.67
N ARG E 89 -39.74 27.36 -24.74
CA ARG E 89 -38.88 27.16 -25.92
C ARG E 89 -37.66 28.11 -25.69
N VAL E 90 -36.56 27.53 -26.20
CA VAL E 90 -35.26 28.19 -26.14
C VAL E 90 -35.35 29.05 -27.41
N VAL E 91 -35.59 30.31 -27.02
CA VAL E 91 -35.72 31.28 -28.11
C VAL E 91 -34.39 31.30 -28.92
N GLY E 92 -34.86 31.00 -30.17
CA GLY E 92 -33.80 31.01 -31.25
C GLY E 92 -32.81 29.91 -30.87
N GLU E 93 -33.43 28.75 -31.01
CA GLU E 93 -32.71 27.52 -30.74
C GLU E 93 -33.48 26.26 -31.21
N LYS E 94 -32.54 25.51 -31.81
CA LYS E 94 -32.67 24.19 -32.40
C LYS E 94 -33.38 23.34 -31.32
N ASP E 95 -34.61 22.98 -31.63
CA ASP E 95 -35.44 22.17 -30.75
C ASP E 95 -34.85 21.94 -29.35
N GLN E 96 -34.61 23.05 -28.68
CA GLN E 96 -34.06 23.07 -27.32
C GLN E 96 -35.05 23.78 -26.42
N TYR E 97 -35.29 23.18 -25.30
CA TYR E 97 -36.18 23.69 -24.27
C TYR E 97 -35.64 23.78 -22.87
N ILE E 98 -36.42 24.35 -21.99
CA ILE E 98 -36.10 24.46 -20.59
C ILE E 98 -37.20 23.64 -19.89
N ALA E 99 -36.90 22.42 -19.49
CA ALA E 99 -37.99 21.61 -18.78
C ALA E 99 -37.78 22.05 -17.33
N TYR E 100 -38.76 22.32 -16.52
CA TYR E 100 -38.59 22.70 -15.15
C TYR E 100 -39.16 21.48 -14.33
N VAL E 101 -38.28 21.05 -13.39
CA VAL E 101 -38.67 19.90 -12.56
C VAL E 101 -38.64 20.22 -11.07
N ALA E 102 -39.62 19.63 -10.41
CA ALA E 102 -39.76 19.84 -8.98
C ALA E 102 -39.56 18.54 -8.18
N TYR E 103 -38.68 18.45 -7.25
CA TYR E 103 -38.46 17.26 -6.48
C TYR E 103 -38.85 17.53 -5.02
N PRO E 104 -39.70 16.74 -4.42
CA PRO E 104 -40.12 16.93 -3.05
C PRO E 104 -38.98 16.62 -2.09
N LEU E 105 -38.99 17.34 -0.98
CA LEU E 105 -37.96 17.17 0.04
C LEU E 105 -37.70 15.72 0.35
N ASP E 106 -38.77 15.06 0.75
CA ASP E 106 -38.73 13.67 1.16
C ASP E 106 -37.77 12.79 0.31
N LEU E 107 -37.35 13.22 -0.84
CA LEU E 107 -36.49 12.34 -1.61
C LEU E 107 -35.03 12.48 -1.37
N PHE E 108 -34.53 13.39 -0.66
CA PHE E 108 -33.10 13.60 -0.46
C PHE E 108 -32.62 13.42 1.01
N GLU E 109 -31.50 12.75 1.04
CA GLU E 109 -30.84 12.38 2.30
C GLU E 109 -30.28 13.66 2.76
N GLU E 110 -30.41 14.04 3.93
CA GLU E 110 -29.97 15.32 4.49
C GLU E 110 -28.48 15.34 4.47
N GLY E 111 -27.77 16.40 4.47
CA GLY E 111 -26.38 16.65 4.43
C GLY E 111 -25.71 16.04 3.27
N SER E 112 -26.34 15.39 2.33
CA SER E 112 -25.57 14.72 1.24
C SER E 112 -25.62 15.21 -0.17
N VAL E 113 -24.67 16.08 -0.61
CA VAL E 113 -24.69 16.49 -2.03
C VAL E 113 -24.65 15.17 -2.78
N THR E 114 -23.88 14.17 -2.41
CA THR E 114 -23.79 12.89 -3.08
C THR E 114 -25.15 12.36 -3.41
N ASN E 115 -26.01 12.32 -2.46
CA ASN E 115 -27.40 11.85 -2.63
C ASN E 115 -28.13 12.70 -3.70
N MET E 116 -28.32 13.96 -3.46
CA MET E 116 -28.93 14.96 -4.34
C MET E 116 -28.39 14.82 -5.79
N PHE E 117 -27.16 14.84 -6.07
CA PHE E 117 -26.65 14.63 -7.42
C PHE E 117 -27.01 13.24 -7.92
N THR E 118 -27.08 12.24 -7.09
CA THR E 118 -27.35 10.84 -7.59
C THR E 118 -28.74 10.88 -8.16
N SER E 119 -29.61 11.64 -7.63
CA SER E 119 -30.99 11.69 -8.11
C SER E 119 -31.05 12.55 -9.40
N ILE E 120 -30.93 13.84 -9.24
CA ILE E 120 -31.04 14.75 -10.32
C ILE E 120 -30.23 14.49 -11.53
N VAL E 121 -29.12 13.92 -11.41
CA VAL E 121 -28.16 13.67 -12.54
C VAL E 121 -27.69 12.30 -12.69
N GLY E 122 -28.22 11.43 -11.94
CA GLY E 122 -27.89 9.99 -12.01
C GLY E 122 -28.00 9.36 -13.34
N ASN E 123 -29.27 9.14 -13.83
CA ASN E 123 -29.36 8.48 -15.17
C ASN E 123 -29.92 9.16 -16.38
N VAL E 124 -30.74 10.17 -16.34
CA VAL E 124 -31.40 10.86 -17.43
C VAL E 124 -30.47 11.39 -18.50
N PHE E 125 -29.20 11.72 -18.10
CA PHE E 125 -28.38 12.27 -19.21
C PHE E 125 -28.18 11.19 -20.20
N GLY E 126 -28.46 9.95 -20.02
CA GLY E 126 -28.14 9.01 -21.12
C GLY E 126 -29.34 8.43 -21.72
N PHE E 127 -30.49 9.08 -21.52
CA PHE E 127 -31.69 8.40 -22.17
C PHE E 127 -31.59 8.22 -23.63
N LYS E 128 -32.03 7.16 -24.28
CA LYS E 128 -31.94 7.17 -25.78
C LYS E 128 -32.85 8.29 -26.32
N ALA E 129 -34.06 8.43 -25.92
CA ALA E 129 -35.02 9.44 -26.29
C ALA E 129 -34.44 10.81 -26.15
N LEU E 130 -33.32 11.18 -25.61
CA LEU E 130 -32.88 12.59 -25.58
C LEU E 130 -31.57 12.53 -26.40
N ARG E 131 -31.17 13.69 -26.83
CA ARG E 131 -29.88 13.59 -27.59
C ARG E 131 -28.89 14.42 -26.81
N ALA E 132 -29.41 15.26 -25.96
CA ALA E 132 -28.50 16.12 -25.14
C ALA E 132 -29.28 16.63 -23.96
N LEU E 133 -28.63 16.73 -22.80
CA LEU E 133 -29.42 17.29 -21.59
C LEU E 133 -28.44 18.14 -20.80
N ARG E 134 -28.80 19.09 -20.05
CA ARG E 134 -27.82 19.91 -19.32
C ARG E 134 -28.52 20.65 -18.18
N LEU E 135 -27.88 20.55 -16.99
CA LEU E 135 -28.60 21.15 -15.83
C LEU E 135 -28.04 22.56 -15.81
N GLU E 136 -28.96 23.50 -15.73
CA GLU E 136 -28.58 24.91 -15.70
C GLU E 136 -28.70 25.44 -14.31
N ASP E 137 -29.68 24.98 -13.58
CA ASP E 137 -29.80 25.53 -12.21
C ASP E 137 -30.68 24.68 -11.33
N LEU E 138 -30.49 24.89 -10.02
CA LEU E 138 -31.22 24.14 -9.00
C LEU E 138 -31.49 25.13 -7.81
N ARG E 139 -32.70 25.02 -7.39
CA ARG E 139 -33.18 25.84 -6.28
C ARG E 139 -33.11 25.01 -4.99
N ILE E 140 -32.14 25.28 -4.11
CA ILE E 140 -32.08 24.44 -2.87
C ILE E 140 -32.95 25.13 -1.85
N PRO E 141 -34.00 24.61 -1.36
CA PRO E 141 -34.86 25.24 -0.34
C PRO E 141 -34.21 25.38 0.96
N PRO E 142 -34.57 26.33 1.77
CA PRO E 142 -33.96 26.49 3.11
C PRO E 142 -34.13 25.23 3.95
N ALA E 143 -35.18 24.47 3.70
CA ALA E 143 -35.32 23.31 4.60
C ALA E 143 -34.30 22.32 4.23
N TYR E 144 -33.52 22.40 3.24
CA TYR E 144 -32.51 21.41 2.81
C TYR E 144 -31.17 22.09 3.02
N VAL E 145 -31.21 23.46 2.86
CA VAL E 145 -29.93 24.15 3.14
C VAL E 145 -29.55 23.91 4.60
N LYS E 146 -30.50 24.13 5.54
CA LYS E 146 -30.15 23.98 6.98
C LYS E 146 -29.57 22.62 7.34
N THR E 147 -29.64 21.62 6.42
CA THR E 147 -29.10 20.34 6.80
C THR E 147 -27.66 20.35 6.40
N PHE E 148 -27.02 21.42 6.02
CA PHE E 148 -25.56 21.24 5.57
C PHE E 148 -24.76 22.06 6.52
N GLN E 149 -23.51 21.77 6.60
CA GLN E 149 -22.63 22.49 7.53
C GLN E 149 -22.15 23.69 6.80
N GLY E 150 -21.94 23.38 5.51
CA GLY E 150 -21.44 24.51 4.62
C GLY E 150 -19.94 24.74 4.91
N PRO E 151 -19.39 25.91 4.60
CA PRO E 151 -18.02 26.12 4.78
C PRO E 151 -17.54 25.99 6.19
N PRO E 152 -16.39 25.37 6.33
CA PRO E 152 -15.78 25.29 7.64
C PRO E 152 -15.84 26.69 8.25
N HIS E 153 -15.46 27.74 7.46
CA HIS E 153 -15.48 29.10 8.00
C HIS E 153 -16.10 30.22 7.25
N GLY E 154 -15.90 30.36 5.95
CA GLY E 154 -16.56 31.58 5.32
C GLY E 154 -15.78 32.87 5.44
N ILE E 155 -16.04 33.74 4.42
CA ILE E 155 -15.42 35.05 4.24
C ILE E 155 -15.12 35.84 5.52
N GLN E 156 -16.15 36.13 6.31
CA GLN E 156 -15.98 36.85 7.56
C GLN E 156 -14.91 36.26 8.49
N VAL E 157 -15.13 35.07 9.01
CA VAL E 157 -14.19 34.41 9.90
C VAL E 157 -12.86 34.25 9.27
N GLU E 158 -12.76 33.96 7.92
CA GLU E 158 -11.42 33.83 7.30
C GLU E 158 -10.66 35.17 7.45
N ARG E 159 -11.40 36.31 7.11
CA ARG E 159 -10.71 37.59 7.26
C ARG E 159 -10.36 37.79 8.73
N ASP E 160 -11.37 37.61 9.61
CA ASP E 160 -11.20 37.82 11.01
C ASP E 160 -9.96 37.12 11.54
N LYS E 161 -9.71 35.91 11.04
CA LYS E 161 -8.63 35.01 11.46
C LYS E 161 -7.23 35.41 11.00
N LEU E 162 -7.09 35.62 9.75
CA LEU E 162 -5.88 36.08 9.08
C LEU E 162 -5.70 37.60 9.35
N ASN E 163 -6.71 38.26 9.90
CA ASN E 163 -6.54 39.74 10.19
C ASN E 163 -6.45 40.57 8.90
N LYS E 164 -7.20 40.11 7.85
CA LYS E 164 -7.10 40.84 6.61
C LYS E 164 -8.35 41.47 6.10
N TYR E 165 -8.29 42.79 5.94
CA TYR E 165 -9.35 43.62 5.45
C TYR E 165 -9.01 44.60 4.30
N GLY E 166 -10.07 45.06 3.59
CA GLY E 166 -10.22 45.95 2.52
C GLY E 166 -9.34 45.81 1.34
N ARG E 167 -9.61 44.84 0.47
CA ARG E 167 -8.90 44.49 -0.70
C ARG E 167 -8.86 42.94 -0.89
N PRO E 168 -8.71 42.53 -2.14
CA PRO E 168 -8.52 41.14 -2.53
C PRO E 168 -7.23 40.57 -1.87
N LEU E 169 -7.34 39.30 -1.49
CA LEU E 169 -6.19 38.59 -0.84
C LEU E 169 -5.35 38.19 -2.10
N LEU E 170 -4.03 38.11 -1.98
CA LEU E 170 -3.26 37.75 -3.21
C LEU E 170 -2.60 36.40 -3.01
N GLY E 171 -2.48 35.64 -4.08
CA GLY E 171 -1.88 34.31 -3.95
C GLY E 171 -1.18 33.84 -5.20
N CYS E 172 -0.33 32.80 -5.08
CA CYS E 172 0.49 32.24 -6.16
C CYS E 172 0.57 30.73 -6.15
N THR E 173 0.54 30.04 -7.26
CA THR E 173 0.65 28.59 -7.39
C THR E 173 2.12 28.39 -7.75
N ILE E 174 2.94 27.76 -6.96
CA ILE E 174 4.32 27.49 -7.33
C ILE E 174 4.36 26.75 -8.67
N LYS E 175 5.31 26.98 -9.53
CA LYS E 175 5.45 26.24 -10.84
C LYS E 175 6.96 25.87 -10.87
N PRO E 176 7.43 24.92 -11.60
CA PRO E 176 6.63 24.05 -12.47
C PRO E 176 5.56 23.23 -11.76
N LYS E 177 4.49 22.84 -12.47
CA LYS E 177 3.38 22.03 -11.90
C LYS E 177 3.96 20.84 -11.09
N LEU E 178 4.59 19.85 -11.66
CA LEU E 178 5.19 18.70 -11.01
C LEU E 178 6.71 18.72 -11.25
N GLY E 179 7.58 18.05 -10.58
CA GLY E 179 8.99 17.97 -10.70
C GLY E 179 9.89 18.75 -9.78
N LEU E 180 9.42 19.57 -8.90
CA LEU E 180 10.23 20.40 -7.93
C LEU E 180 10.56 19.60 -6.67
N SER E 181 11.62 19.69 -5.91
CA SER E 181 11.89 18.85 -4.73
C SER E 181 11.30 19.53 -3.51
N ALA E 182 10.99 18.69 -2.50
CA ALA E 182 10.35 19.28 -1.28
C ALA E 182 11.09 20.55 -0.92
N LYS E 183 12.43 20.38 -0.89
CA LYS E 183 13.19 21.61 -0.49
C LYS E 183 13.01 22.87 -1.34
N ASN E 184 13.04 22.67 -2.65
CA ASN E 184 12.92 23.81 -3.56
C ASN E 184 11.57 24.41 -3.43
N TYR E 185 10.60 23.55 -3.11
CA TYR E 185 9.18 24.07 -3.00
C TYR E 185 9.15 25.05 -1.86
N GLY E 186 9.82 24.76 -0.81
CA GLY E 186 9.83 25.64 0.34
C GLY E 186 10.55 26.96 0.11
N ARG E 187 11.62 26.81 -0.68
CA ARG E 187 12.46 27.95 -1.09
C ARG E 187 11.55 28.91 -1.86
N ALA E 188 11.08 28.31 -2.96
CA ALA E 188 10.13 29.10 -3.78
C ALA E 188 9.02 29.69 -2.93
N VAL E 189 8.55 28.99 -1.96
CA VAL E 189 7.38 29.52 -1.13
C VAL E 189 7.77 30.68 -0.29
N TYR E 190 8.87 30.62 0.42
CA TYR E 190 9.29 31.74 1.33
C TYR E 190 9.47 33.01 0.50
N GLU E 191 10.23 32.72 -0.56
CA GLU E 191 10.54 33.78 -1.61
C GLU E 191 9.20 34.31 -2.06
N CYS E 192 8.19 33.62 -2.64
CA CYS E 192 6.97 34.36 -2.94
C CYS E 192 6.44 35.13 -1.74
N LEU E 193 6.23 34.42 -0.67
CA LEU E 193 5.63 35.06 0.53
C LEU E 193 6.33 36.30 1.03
N ARG E 194 7.61 36.35 1.22
CA ARG E 194 8.26 37.57 1.77
C ARG E 194 7.96 38.82 0.92
N GLY E 195 7.84 38.59 -0.40
CA GLY E 195 7.54 39.71 -1.34
C GLY E 195 6.24 40.39 -1.00
N GLY E 196 5.23 39.81 -0.40
CA GLY E 196 3.96 40.47 -0.06
C GLY E 196 2.74 39.70 -0.55
N LEU E 197 2.82 38.45 -0.97
CA LEU E 197 1.65 37.66 -1.39
C LEU E 197 1.13 37.16 0.02
N ASP E 198 -0.13 36.89 0.14
CA ASP E 198 -0.71 36.40 1.41
C ASP E 198 -0.55 34.87 1.54
N PHE E 199 -0.69 34.15 0.41
CA PHE E 199 -0.69 32.80 0.17
C PHE E 199 0.07 32.21 -1.05
N THR E 200 0.69 31.03 -0.84
CA THR E 200 1.28 30.36 -1.97
C THR E 200 0.51 29.05 -1.98
N LYS E 201 0.53 28.18 -2.91
CA LYS E 201 -0.13 27.00 -2.87
C LYS E 201 0.33 25.88 -3.73
N ASP E 202 -0.17 24.68 -3.45
CA ASP E 202 0.19 23.46 -4.17
C ASP E 202 -0.63 23.54 -5.49
N ASP E 203 -0.09 22.96 -6.54
CA ASP E 203 -0.77 22.91 -7.82
C ASP E 203 -1.69 21.70 -7.45
N GLU E 204 -2.90 21.82 -7.96
CA GLU E 204 -3.91 20.85 -7.71
C GLU E 204 -3.45 19.46 -8.04
N ASN E 205 -2.37 19.29 -8.79
CA ASN E 205 -2.01 17.81 -9.01
C ASN E 205 -0.77 17.53 -8.20
N VAL E 206 -0.45 18.42 -7.23
CA VAL E 206 0.72 18.17 -6.33
C VAL E 206 0.13 17.37 -5.08
N ASN E 207 0.32 16.01 -5.09
CA ASN E 207 -0.23 15.27 -3.90
C ASN E 207 1.00 14.67 -3.19
N SER E 208 1.40 13.49 -3.60
CA SER E 208 2.61 12.83 -3.00
C SER E 208 3.14 12.01 -4.18
N GLN E 209 4.29 12.29 -4.72
CA GLN E 209 4.83 11.59 -5.86
C GLN E 209 6.32 11.37 -5.55
N PRO E 210 6.93 10.56 -6.46
CA PRO E 210 8.35 10.16 -6.32
C PRO E 210 9.23 11.35 -6.24
N PHE E 211 8.98 12.39 -6.99
CA PHE E 211 9.84 13.58 -6.92
C PHE E 211 9.64 14.33 -5.62
N MET E 212 8.57 14.22 -4.90
CA MET E 212 8.38 15.02 -3.66
C MET E 212 7.14 14.44 -2.99
N ARG E 213 7.43 14.01 -1.77
CA ARG E 213 6.36 13.36 -0.96
C ARG E 213 5.63 14.27 -0.06
N TRP E 214 4.29 14.07 0.03
CA TRP E 214 3.56 15.06 0.86
C TRP E 214 4.17 15.36 2.20
N ARG E 215 4.63 14.42 2.96
CA ARG E 215 5.09 14.87 4.35
C ARG E 215 6.29 15.82 4.35
N ASP E 216 7.18 15.69 3.40
CA ASP E 216 8.36 16.40 3.16
C ASP E 216 7.94 17.81 2.73
N ARG E 217 7.11 17.94 1.76
CA ARG E 217 6.66 19.28 1.34
C ARG E 217 6.01 20.00 2.51
N PHE E 218 5.15 19.26 3.25
CA PHE E 218 4.47 19.98 4.34
C PHE E 218 5.44 20.57 5.34
N LEU E 219 6.45 19.80 5.69
CA LEU E 219 7.43 20.19 6.68
C LEU E 219 8.17 21.42 6.18
N PHE E 220 8.64 21.30 4.90
CA PHE E 220 9.43 22.50 4.45
C PHE E 220 8.51 23.69 4.24
N CYS E 221 7.35 23.50 3.57
CA CYS E 221 6.56 24.73 3.41
C CYS E 221 6.22 25.31 4.79
N ALA E 222 6.23 24.50 5.81
CA ALA E 222 5.90 25.13 7.12
C ALA E 222 7.07 26.06 7.53
N GLU E 223 8.24 25.54 7.32
CA GLU E 223 9.45 26.31 7.68
C GLU E 223 9.42 27.71 7.03
N ALA E 224 9.18 27.63 5.73
CA ALA E 224 9.18 28.80 4.87
C ALA E 224 8.06 29.71 5.21
N LEU E 225 6.82 29.35 5.33
CA LEU E 225 5.79 30.42 5.60
C LEU E 225 6.03 31.05 6.94
N TYR E 226 6.57 30.22 7.84
CA TYR E 226 6.87 30.77 9.20
C TYR E 226 7.98 31.80 9.04
N LYS E 227 8.90 31.63 8.10
CA LYS E 227 10.06 32.58 7.90
C LYS E 227 9.46 33.89 7.43
N ALA E 228 8.80 33.76 6.28
CA ALA E 228 8.14 34.85 5.62
C ALA E 228 7.20 35.61 6.50
N GLN E 229 6.48 34.91 7.38
CA GLN E 229 5.51 35.72 8.20
C GLN E 229 6.26 36.55 9.19
N ALA E 230 7.33 35.98 9.72
CA ALA E 230 8.15 36.65 10.74
C ALA E 230 8.68 38.00 10.14
N GLU E 231 9.36 37.73 9.03
CA GLU E 231 9.98 38.73 8.23
C GLU E 231 8.95 39.79 7.93
N THR E 232 7.84 39.50 7.29
CA THR E 232 6.87 40.55 6.94
C THR E 232 6.08 41.06 8.10
N GLY E 233 5.75 40.20 9.06
CA GLY E 233 4.94 40.83 10.18
C GLY E 233 3.52 40.77 9.61
N GLU E 234 3.32 39.88 8.62
CA GLU E 234 1.89 39.76 8.13
C GLU E 234 1.53 38.26 8.06
N ILE E 235 0.44 37.92 8.74
CA ILE E 235 0.06 36.45 8.71
C ILE E 235 0.14 35.94 7.27
N LYS E 236 0.74 34.83 7.09
CA LYS E 236 0.93 34.11 5.82
C LYS E 236 0.32 32.70 5.95
N GLY E 237 0.16 31.99 4.87
CA GLY E 237 -0.38 30.66 4.80
C GLY E 237 0.06 30.04 3.48
N HIS E 238 0.14 28.79 3.32
CA HIS E 238 0.50 28.14 2.05
C HIS E 238 -0.50 27.06 1.72
N TYR E 239 -1.48 27.14 0.86
CA TYR E 239 -2.34 25.91 0.68
C TYR E 239 -1.59 24.55 0.64
N LEU E 240 -1.85 23.72 1.66
CA LEU E 240 -1.22 22.33 1.65
C LEU E 240 -2.27 21.37 1.02
N ASN E 241 -1.88 20.76 -0.10
CA ASN E 241 -2.86 19.84 -0.76
C ASN E 241 -3.06 18.49 0.01
N ALA E 242 -4.29 18.22 0.40
CA ALA E 242 -4.67 17.03 1.13
C ALA E 242 -5.36 16.04 0.22
N THR E 243 -5.53 16.29 -1.04
CA THR E 243 -6.23 15.43 -1.96
C THR E 243 -5.35 14.20 -2.06
N ALA E 244 -6.10 13.08 -1.84
CA ALA E 244 -5.31 11.80 -1.83
C ALA E 244 -6.18 10.75 -2.41
N GLY E 245 -5.72 9.52 -2.44
CA GLY E 245 -6.44 8.46 -3.00
C GLY E 245 -7.48 7.77 -2.25
N THR E 246 -7.46 7.87 -0.93
CA THR E 246 -8.43 7.25 0.03
C THR E 246 -8.78 8.26 1.11
N CYS E 247 -9.91 8.25 1.73
CA CYS E 247 -10.25 9.18 2.80
C CYS E 247 -9.21 9.10 3.91
N GLU E 248 -8.87 7.86 4.23
CA GLU E 248 -7.84 7.67 5.31
C GLU E 248 -6.57 8.46 5.01
N GLU E 249 -6.10 8.32 3.80
CA GLU E 249 -4.86 9.11 3.47
C GLU E 249 -5.11 10.62 3.57
N MET E 250 -6.22 11.01 3.00
CA MET E 250 -6.61 12.37 2.97
C MET E 250 -6.67 12.96 4.37
N ILE E 251 -7.31 12.34 5.30
CA ILE E 251 -7.49 12.95 6.61
C ILE E 251 -6.16 13.02 7.30
N LYS E 252 -5.37 12.00 6.97
CA LYS E 252 -4.06 11.79 7.57
C LYS E 252 -3.13 12.92 7.32
N ARG E 253 -3.29 13.56 6.18
CA ARG E 253 -2.46 14.69 5.77
C ARG E 253 -3.09 15.89 6.46
N ALA E 254 -4.43 15.88 6.44
CA ALA E 254 -5.12 17.02 7.08
C ALA E 254 -4.57 17.16 8.48
N VAL E 255 -4.52 15.94 9.03
CA VAL E 255 -3.95 15.87 10.43
C VAL E 255 -2.54 16.42 10.61
N PHE E 256 -1.65 16.15 9.72
CA PHE E 256 -0.28 16.73 9.77
C PHE E 256 -0.32 18.28 9.68
N ALA E 257 -1.02 18.87 8.74
CA ALA E 257 -1.09 20.33 8.75
C ALA E 257 -1.52 20.77 10.12
N ARG E 258 -2.56 20.19 10.64
CA ARG E 258 -3.01 20.62 12.05
C ARG E 258 -1.79 20.56 12.99
N GLU E 259 -1.01 19.42 13.01
CA GLU E 259 0.12 19.31 13.88
C GLU E 259 1.06 20.47 13.63
N LEU E 260 1.32 20.91 12.42
CA LEU E 260 2.22 22.05 12.11
C LEU E 260 1.66 23.39 12.51
N GLY E 261 0.40 23.56 12.81
CA GLY E 261 -0.20 24.85 13.23
C GLY E 261 -0.53 25.78 12.10
N VAL E 262 -0.21 25.34 10.90
CA VAL E 262 -0.44 26.07 9.63
C VAL E 262 -1.91 26.36 9.53
N PRO E 263 -2.26 27.42 8.85
CA PRO E 263 -3.72 27.79 8.77
C PRO E 263 -4.61 27.35 7.70
N ILE E 264 -4.22 26.81 6.59
CA ILE E 264 -5.15 26.36 5.49
C ILE E 264 -4.58 25.17 4.76
N VAL E 265 -5.50 24.44 4.22
CA VAL E 265 -5.27 23.20 3.47
C VAL E 265 -6.13 23.41 2.24
N MET E 266 -6.04 22.45 1.35
CA MET E 266 -6.75 22.53 0.07
C MET E 266 -7.24 21.23 -0.39
N HIS E 267 -8.19 21.16 -1.27
CA HIS E 267 -8.66 19.83 -1.77
C HIS E 267 -9.21 19.91 -3.13
N ASP E 268 -8.92 19.10 -4.08
CA ASP E 268 -9.57 19.19 -5.45
C ASP E 268 -10.95 18.53 -5.24
N TYR E 269 -11.97 19.21 -4.88
CA TYR E 269 -13.25 18.59 -4.65
C TYR E 269 -13.82 17.69 -5.72
N LEU E 270 -13.64 17.85 -7.00
CA LEU E 270 -14.31 17.01 -7.98
C LEU E 270 -13.57 15.77 -8.20
N THR E 271 -12.24 15.78 -8.35
CA THR E 271 -11.51 14.51 -8.61
C THR E 271 -11.49 13.67 -7.29
N GLY E 272 -11.64 14.18 -6.12
CA GLY E 272 -11.63 13.58 -4.82
C GLY E 272 -13.02 13.01 -4.62
N GLY E 273 -13.98 13.86 -4.73
CA GLY E 273 -15.36 13.64 -4.68
C GLY E 273 -16.12 14.34 -3.59
N PHE E 274 -17.44 14.39 -3.75
CA PHE E 274 -18.21 15.02 -2.70
C PHE E 274 -18.06 14.30 -1.36
N THR E 275 -18.13 12.92 -1.42
CA THR E 275 -18.07 12.13 -0.17
C THR E 275 -16.81 12.46 0.60
N ALA E 276 -15.72 12.45 -0.15
CA ALA E 276 -14.47 12.82 0.59
C ALA E 276 -14.42 14.29 0.93
N ASN E 277 -15.01 15.14 0.15
CA ASN E 277 -14.97 16.59 0.38
C ASN E 277 -15.59 16.92 1.70
N THR E 278 -16.82 16.49 1.79
CA THR E 278 -17.60 16.77 3.00
C THR E 278 -16.88 16.32 4.31
N SER E 279 -16.17 15.14 4.17
CA SER E 279 -15.46 14.59 5.31
C SER E 279 -14.45 15.64 5.72
N LEU E 280 -13.75 16.17 4.78
CA LEU E 280 -12.69 17.18 4.88
C LEU E 280 -13.25 18.47 5.42
N ALA E 281 -14.40 18.91 4.90
CA ALA E 281 -14.94 20.11 5.46
C ALA E 281 -15.20 19.88 6.95
N HIS E 282 -15.75 18.71 7.26
CA HIS E 282 -16.06 18.54 8.71
C HIS E 282 -14.78 18.59 9.53
N TYR E 283 -13.78 17.85 9.06
CA TYR E 283 -12.50 17.80 9.74
C TYR E 283 -11.91 19.22 9.94
N CYS E 284 -12.12 20.01 8.80
CA CYS E 284 -11.57 21.37 8.91
C CYS E 284 -12.33 22.17 9.93
N ARG E 285 -13.64 22.09 9.79
CA ARG E 285 -14.45 22.81 10.78
C ARG E 285 -14.03 22.64 12.24
N ASP E 286 -13.94 21.36 12.68
CA ASP E 286 -13.61 20.94 14.01
C ASP E 286 -12.16 21.17 14.43
N ASN E 287 -11.33 21.35 13.39
CA ASN E 287 -9.93 21.55 13.76
C ASN E 287 -9.41 22.89 13.36
N GLY E 288 -10.24 23.83 12.95
CA GLY E 288 -9.81 25.11 12.62
C GLY E 288 -8.91 25.40 11.47
N LEU E 289 -8.92 24.64 10.42
CA LEU E 289 -8.13 24.91 9.20
C LEU E 289 -9.08 25.55 8.16
N LEU E 290 -8.57 26.31 7.23
CA LEU E 290 -9.45 26.95 6.21
C LEU E 290 -9.14 25.98 5.06
N LEU E 291 -10.20 25.78 4.34
CA LEU E 291 -10.11 24.88 3.13
C LEU E 291 -10.26 25.64 1.81
N HIS E 292 -9.36 25.45 0.88
CA HIS E 292 -9.48 26.13 -0.46
C HIS E 292 -9.89 25.08 -1.44
N ILE E 293 -10.90 25.14 -2.18
CA ILE E 293 -11.28 24.06 -3.11
C ILE E 293 -10.78 24.38 -4.48
N HIS E 294 -10.27 23.61 -5.26
CA HIS E 294 -9.65 23.69 -6.60
C HIS E 294 -10.58 22.79 -7.43
N ARG E 295 -11.12 23.39 -8.52
CA ARG E 295 -12.18 22.71 -9.29
C ARG E 295 -11.75 21.83 -10.45
N ALA E 296 -10.50 21.36 -10.25
CA ALA E 296 -10.06 20.44 -11.32
C ALA E 296 -11.22 19.52 -11.73
N MET E 297 -11.21 19.17 -12.97
CA MET E 297 -12.11 18.34 -13.75
C MET E 297 -13.43 18.99 -14.21
N HIS E 298 -13.80 20.06 -13.61
CA HIS E 298 -15.08 20.78 -13.82
C HIS E 298 -15.39 21.09 -15.24
N ALA E 299 -14.36 21.63 -15.89
CA ALA E 299 -14.60 21.92 -17.37
C ALA E 299 -15.02 20.68 -18.16
N VAL E 300 -14.87 19.49 -17.59
CA VAL E 300 -15.23 18.28 -18.29
C VAL E 300 -16.75 18.26 -18.29
N ILE E 301 -17.33 18.88 -17.28
CA ILE E 301 -18.75 18.90 -17.16
C ILE E 301 -19.54 20.10 -17.62
N ASP E 302 -18.87 21.23 -17.30
CA ASP E 302 -19.49 22.53 -17.58
C ASP E 302 -19.12 23.27 -18.82
N ARG E 303 -18.41 22.81 -19.83
CA ARG E 303 -18.16 23.71 -21.00
C ARG E 303 -19.24 23.81 -22.05
N GLN E 304 -19.61 22.75 -22.71
CA GLN E 304 -20.62 22.77 -23.74
C GLN E 304 -21.95 23.34 -23.31
N LYS E 305 -22.63 24.21 -24.06
CA LYS E 305 -23.89 24.82 -23.74
C LYS E 305 -25.11 23.95 -23.92
N ASN E 306 -24.91 22.80 -24.48
CA ASN E 306 -26.02 21.92 -24.70
C ASN E 306 -26.10 20.69 -23.84
N HIS E 307 -24.99 20.22 -23.24
CA HIS E 307 -24.87 19.01 -22.44
C HIS E 307 -23.92 19.23 -21.23
N GLY E 308 -24.36 18.76 -20.08
CA GLY E 308 -23.61 18.81 -18.82
C GLY E 308 -24.33 19.43 -17.62
N ILE E 309 -23.38 19.98 -16.83
CA ILE E 309 -23.86 20.65 -15.63
C ILE E 309 -23.22 22.05 -15.66
N HIS E 310 -24.02 23.06 -15.40
CA HIS E 310 -23.43 24.41 -15.44
C HIS E 310 -22.63 24.68 -14.19
N PHE E 311 -21.45 25.30 -14.26
CA PHE E 311 -20.73 25.55 -13.01
C PHE E 311 -21.52 26.20 -11.92
N ARG E 312 -22.56 26.99 -12.26
CA ARG E 312 -23.32 27.68 -11.11
C ARG E 312 -23.83 26.56 -10.21
N VAL E 313 -24.12 25.40 -10.86
CA VAL E 313 -24.60 24.30 -9.97
C VAL E 313 -23.44 23.71 -9.14
N LEU E 314 -22.38 23.36 -9.82
CA LEU E 314 -21.13 22.82 -9.19
C LEU E 314 -20.81 23.78 -8.03
N ALA E 315 -20.81 25.08 -8.19
CA ALA E 315 -20.53 26.12 -7.24
C ALA E 315 -21.58 26.03 -6.14
N LYS E 316 -22.85 25.87 -6.40
CA LYS E 316 -23.84 25.74 -5.34
C LYS E 316 -23.46 24.51 -4.51
N ALA E 317 -23.21 23.37 -5.16
CA ALA E 317 -22.88 22.09 -4.61
C ALA E 317 -21.77 22.19 -3.61
N LEU E 318 -20.78 22.97 -3.91
CA LEU E 318 -19.65 23.19 -2.99
C LEU E 318 -20.07 24.03 -1.76
N ARG E 319 -20.77 25.08 -1.99
CA ARG E 319 -21.13 25.89 -0.77
C ARG E 319 -21.96 24.98 0.10
N MET E 320 -22.43 23.90 -0.34
CA MET E 320 -23.25 23.00 0.54
C MET E 320 -22.32 21.99 1.23
N SER E 321 -21.43 21.42 0.45
CA SER E 321 -20.48 20.42 0.93
C SER E 321 -19.46 21.11 1.82
N GLY E 322 -18.79 22.14 1.50
CA GLY E 322 -17.92 22.84 2.41
C GLY E 322 -16.74 23.29 1.71
N GLY E 323 -16.48 24.51 1.85
CA GLY E 323 -15.18 25.08 1.13
C GLY E 323 -15.23 26.56 1.68
N ASP E 324 -14.03 27.04 1.86
CA ASP E 324 -13.81 28.43 2.33
C ASP E 324 -13.49 29.24 1.03
N HIS E 325 -12.78 28.80 0.11
CA HIS E 325 -12.40 29.37 -1.14
C HIS E 325 -12.92 28.46 -2.21
N ILE E 326 -13.19 28.80 -3.41
CA ILE E 326 -13.58 28.05 -4.59
C ILE E 326 -13.02 28.86 -5.78
N HIS E 327 -12.55 28.18 -6.72
CA HIS E 327 -12.01 28.98 -7.89
C HIS E 327 -13.30 29.37 -8.62
N SER E 328 -13.42 30.63 -9.05
CA SER E 328 -14.57 31.17 -9.75
C SER E 328 -14.31 31.56 -11.20
N GLY E 329 -13.08 31.56 -11.64
CA GLY E 329 -12.70 31.93 -13.01
C GLY E 329 -12.04 33.37 -12.93
N THR E 330 -11.59 33.84 -14.17
CA THR E 330 -10.98 35.19 -14.27
C THR E 330 -11.59 36.18 -15.32
N VAL E 331 -12.31 35.52 -16.25
CA VAL E 331 -12.95 36.25 -17.35
C VAL E 331 -11.84 36.56 -18.40
N VAL E 332 -10.94 37.38 -17.95
CA VAL E 332 -9.78 37.94 -18.59
C VAL E 332 -8.50 37.19 -18.72
N GLY E 333 -8.45 35.92 -18.46
CA GLY E 333 -7.20 35.16 -18.51
C GLY E 333 -7.19 33.93 -19.36
N LYS E 334 -6.30 32.93 -19.13
CA LYS E 334 -6.12 31.74 -19.94
C LYS E 334 -7.29 30.82 -20.14
N LEU E 335 -8.24 30.79 -19.20
CA LEU E 335 -9.33 29.78 -19.47
C LEU E 335 -10.66 30.45 -19.59
N GLU E 336 -11.59 29.80 -20.25
CA GLU E 336 -12.93 30.16 -20.55
C GLU E 336 -13.73 30.76 -19.40
N GLY E 337 -14.63 31.71 -19.67
CA GLY E 337 -15.48 32.37 -18.70
C GLY E 337 -15.95 33.76 -19.09
N GLU E 338 -17.30 33.89 -19.11
CA GLU E 338 -17.86 35.22 -19.44
C GLU E 338 -18.39 35.94 -18.19
N ARG E 339 -18.07 37.20 -18.18
CA ARG E 339 -18.35 38.18 -17.21
C ARG E 339 -19.68 38.17 -16.51
N ASP E 340 -20.75 38.09 -17.21
CA ASP E 340 -22.07 38.16 -16.58
C ASP E 340 -22.44 36.95 -15.77
N ILE E 341 -22.20 35.87 -16.45
CA ILE E 341 -22.46 34.52 -15.85
C ILE E 341 -21.62 34.48 -14.53
N THR E 342 -20.34 34.85 -14.71
CA THR E 342 -19.47 34.83 -13.61
C THR E 342 -20.09 35.68 -12.52
N LEU E 343 -20.53 36.86 -12.90
CA LEU E 343 -21.07 37.79 -11.81
C LEU E 343 -22.19 37.15 -11.06
N GLY E 344 -22.87 36.40 -11.93
CA GLY E 344 -24.07 35.64 -11.45
C GLY E 344 -23.68 34.60 -10.42
N PHE E 345 -22.83 33.64 -10.76
CA PHE E 345 -22.47 32.62 -9.67
C PHE E 345 -21.57 33.18 -8.60
N VAL E 346 -20.77 34.14 -8.86
CA VAL E 346 -19.98 34.71 -7.74
C VAL E 346 -20.96 35.11 -6.62
N ASP E 347 -22.06 35.77 -6.91
CA ASP E 347 -23.06 36.18 -5.94
C ASP E 347 -23.68 34.91 -5.29
N LEU E 348 -23.85 33.88 -6.07
CA LEU E 348 -24.40 32.61 -5.59
C LEU E 348 -23.40 32.06 -4.57
N LEU E 349 -22.13 32.28 -4.72
CA LEU E 349 -21.14 31.80 -3.76
C LEU E 349 -21.06 32.62 -2.51
N ARG E 350 -21.00 33.96 -2.64
CA ARG E 350 -20.91 34.80 -1.43
C ARG E 350 -22.23 35.39 -0.80
N ASP E 351 -23.30 35.72 -1.55
CA ASP E 351 -24.48 36.32 -0.97
C ASP E 351 -25.49 35.50 -0.14
N ASP E 352 -26.26 36.26 0.69
CA ASP E 352 -27.17 35.57 1.57
C ASP E 352 -28.42 35.26 0.77
N PHE E 353 -28.79 36.25 0.00
CA PHE E 353 -30.02 36.04 -0.82
C PHE E 353 -29.64 36.53 -2.20
N VAL E 354 -30.06 35.73 -3.18
CA VAL E 354 -29.81 36.06 -4.57
C VAL E 354 -31.11 35.86 -5.34
N GLU E 355 -31.56 37.00 -5.73
CA GLU E 355 -32.78 37.18 -6.52
C GLU E 355 -32.47 36.60 -7.87
N GLN E 356 -33.47 36.02 -8.42
CA GLN E 356 -33.46 35.39 -9.79
C GLN E 356 -33.08 36.34 -10.91
N ASP E 357 -32.22 36.18 -11.88
CA ASP E 357 -31.91 37.21 -12.92
C ASP E 357 -31.46 36.50 -14.17
N ARG E 358 -32.45 36.13 -14.98
CA ARG E 358 -32.14 35.35 -16.18
C ARG E 358 -31.11 35.98 -17.04
N SER E 359 -30.93 37.26 -16.74
CA SER E 359 -29.92 38.05 -17.51
C SER E 359 -28.66 37.22 -17.30
N ARG E 360 -28.26 37.25 -16.02
CA ARG E 360 -27.08 36.55 -15.48
C ARG E 360 -27.13 35.04 -15.28
N GLY E 361 -28.04 34.32 -15.89
CA GLY E 361 -28.12 32.89 -15.83
C GLY E 361 -28.66 32.32 -14.54
N ILE E 362 -29.15 33.16 -13.64
CA ILE E 362 -29.69 32.64 -12.40
C ILE E 362 -31.13 32.26 -12.59
N TYR E 363 -31.62 31.07 -12.81
CA TYR E 363 -33.02 30.81 -13.01
C TYR E 363 -33.89 30.80 -11.80
N PHE E 364 -33.42 30.84 -10.62
CA PHE E 364 -34.23 30.79 -9.38
C PHE E 364 -33.61 31.69 -8.28
N THR E 365 -34.57 32.12 -7.47
CA THR E 365 -34.11 32.98 -6.27
C THR E 365 -33.52 31.92 -5.36
N GLN E 366 -32.43 32.24 -4.80
CA GLN E 366 -31.66 31.34 -3.92
C GLN E 366 -31.54 31.98 -2.55
N ASP E 367 -32.22 31.36 -1.54
CA ASP E 367 -32.00 31.99 -0.14
C ASP E 367 -30.99 31.10 0.59
N TRP E 368 -29.88 31.51 1.07
CA TRP E 368 -28.96 30.61 1.78
C TRP E 368 -29.18 30.56 3.29
N VAL E 369 -30.18 31.13 3.83
CA VAL E 369 -30.52 31.14 5.21
C VAL E 369 -29.26 31.07 6.01
N SER E 370 -28.47 32.08 5.87
CA SER E 370 -27.23 32.28 6.57
C SER E 370 -26.18 31.28 6.25
N LEU E 371 -26.21 30.44 5.26
CA LEU E 371 -24.97 29.56 5.16
C LEU E 371 -23.84 30.56 4.94
N PRO E 372 -22.65 30.45 5.47
CA PRO E 372 -21.51 31.29 5.27
C PRO E 372 -21.20 31.31 3.77
N GLY E 373 -20.55 32.37 3.37
CA GLY E 373 -20.29 32.45 1.93
C GLY E 373 -18.88 32.06 1.64
N VAL E 374 -18.63 31.67 0.41
CA VAL E 374 -17.24 31.30 0.00
C VAL E 374 -16.53 32.42 -0.78
N LEU E 375 -15.28 32.61 -0.64
CA LEU E 375 -14.39 33.59 -1.26
C LEU E 375 -13.99 33.12 -2.63
N PRO E 376 -14.44 33.68 -3.69
CA PRO E 376 -14.07 33.25 -5.05
C PRO E 376 -12.60 33.54 -5.32
N VAL E 377 -11.96 32.68 -6.08
CA VAL E 377 -10.54 32.81 -6.44
C VAL E 377 -10.41 32.90 -7.98
N ALA E 378 -9.62 33.94 -8.27
CA ALA E 378 -9.30 34.34 -9.63
C ALA E 378 -7.86 33.87 -9.95
N SER E 379 -7.83 32.86 -10.89
CA SER E 379 -6.55 32.34 -11.25
C SER E 379 -6.44 31.84 -12.68
N GLY E 380 -5.11 31.72 -13.06
CA GLY E 380 -4.72 31.21 -14.38
C GLY E 380 -4.61 32.18 -15.52
N GLY E 381 -3.38 32.34 -15.93
CA GLY E 381 -2.95 33.27 -17.01
C GLY E 381 -3.32 34.74 -16.61
N ILE E 382 -3.07 35.26 -15.44
CA ILE E 382 -3.39 36.66 -15.14
C ILE E 382 -2.05 37.33 -14.71
N HIS E 383 -1.99 38.62 -14.99
CA HIS E 383 -0.80 39.45 -14.73
C HIS E 383 -1.21 40.91 -14.46
N VAL E 384 -0.13 41.54 -13.99
CA VAL E 384 -0.02 42.95 -13.52
C VAL E 384 -1.04 43.73 -14.29
N TRP E 385 -0.99 43.69 -15.60
CA TRP E 385 -1.99 44.46 -16.41
C TRP E 385 -3.37 43.94 -16.30
N HIS E 386 -3.78 43.10 -15.35
CA HIS E 386 -5.23 42.65 -15.39
C HIS E 386 -5.86 43.13 -14.05
N MET E 387 -4.87 43.50 -13.19
CA MET E 387 -5.18 43.95 -11.87
C MET E 387 -6.49 44.71 -11.70
N PRO E 388 -6.53 45.88 -12.32
CA PRO E 388 -7.67 46.79 -12.30
C PRO E 388 -9.00 46.18 -12.70
N ALA E 389 -8.92 45.28 -13.69
CA ALA E 389 -10.19 44.62 -14.19
C ALA E 389 -10.74 43.66 -13.12
N LEU E 390 -9.76 42.78 -12.69
CA LEU E 390 -10.09 41.76 -11.64
C LEU E 390 -10.67 42.50 -10.43
N THR E 391 -9.82 43.45 -9.97
CA THR E 391 -10.28 44.24 -8.85
C THR E 391 -11.69 44.72 -9.25
N GLU E 392 -11.82 45.20 -10.46
CA GLU E 392 -13.16 45.70 -10.83
C GLU E 392 -14.27 44.68 -10.70
N ILE E 393 -14.14 43.63 -11.48
CA ILE E 393 -15.08 42.56 -11.55
C ILE E 393 -15.31 41.85 -10.22
N PHE E 394 -14.23 41.58 -9.47
CA PHE E 394 -14.44 40.86 -8.18
C PHE E 394 -14.59 41.62 -6.94
N GLY E 395 -14.02 42.73 -6.64
CA GLY E 395 -14.29 43.43 -5.32
C GLY E 395 -13.26 42.86 -4.35
N ASP E 396 -13.24 43.50 -3.20
CA ASP E 396 -12.30 43.08 -2.15
C ASP E 396 -12.35 41.58 -1.76
N ASP E 397 -13.53 40.98 -1.63
CA ASP E 397 -13.80 39.64 -1.28
C ASP E 397 -13.53 38.68 -2.46
N SER E 398 -12.29 38.50 -2.66
CA SER E 398 -11.79 37.64 -3.71
C SER E 398 -10.32 37.33 -3.44
N VAL E 399 -9.83 36.19 -3.99
CA VAL E 399 -8.40 35.83 -3.85
C VAL E 399 -7.86 35.90 -5.29
N LEU E 400 -6.79 36.61 -5.56
CA LEU E 400 -6.36 36.67 -7.01
C LEU E 400 -4.97 36.05 -6.96
N GLN E 401 -4.82 35.09 -7.83
CA GLN E 401 -3.61 34.32 -7.91
C GLN E 401 -2.63 34.38 -9.02
N PHE E 402 -1.38 34.57 -8.75
CA PHE E 402 -0.28 34.70 -9.69
C PHE E 402 0.83 33.67 -9.67
N GLY E 403 0.52 32.56 -10.44
CA GLY E 403 1.39 31.45 -10.65
C GLY E 403 2.56 31.97 -11.52
N GLY E 404 2.25 31.90 -12.79
CA GLY E 404 3.31 32.33 -13.82
C GLY E 404 3.67 33.78 -13.56
N GLY E 405 2.53 34.54 -13.38
CA GLY E 405 2.63 35.96 -13.08
C GLY E 405 3.54 36.28 -11.86
N THR E 406 4.09 35.27 -11.15
CA THR E 406 4.89 35.55 -9.98
C THR E 406 6.18 34.87 -10.33
N LEU E 407 6.33 33.63 -10.40
CA LEU E 407 7.61 32.99 -10.76
C LEU E 407 8.14 33.19 -12.17
N GLY E 408 7.47 34.01 -12.91
CA GLY E 408 7.68 34.51 -14.27
C GLY E 408 8.32 35.92 -14.36
N HIS E 409 8.44 36.63 -13.28
CA HIS E 409 9.06 37.94 -13.14
C HIS E 409 10.62 37.81 -13.28
N PRO E 410 11.14 38.73 -14.09
CA PRO E 410 12.56 38.84 -14.43
C PRO E 410 13.52 38.84 -13.24
N TRP E 411 13.03 39.27 -12.08
CA TRP E 411 14.02 39.25 -10.98
C TRP E 411 13.71 38.18 -9.97
N GLY E 412 12.93 37.19 -10.34
CA GLY E 412 12.47 36.12 -9.42
C GLY E 412 11.28 36.52 -8.56
N ASN E 413 10.82 35.52 -7.78
CA ASN E 413 9.67 35.51 -6.86
C ASN E 413 9.43 36.72 -5.94
N ALA E 414 10.33 37.09 -5.00
CA ALA E 414 10.11 38.25 -4.10
C ALA E 414 9.62 39.50 -4.83
N PRO E 415 10.49 39.95 -5.72
CA PRO E 415 10.22 41.07 -6.55
C PRO E 415 8.83 40.84 -7.19
N GLY E 416 8.70 39.66 -7.82
CA GLY E 416 7.36 39.43 -8.50
C GLY E 416 6.17 39.65 -7.55
N ALA E 417 6.49 39.16 -6.34
CA ALA E 417 5.40 39.33 -5.30
C ALA E 417 5.02 40.84 -5.26
N VAL E 418 6.07 41.54 -4.74
CA VAL E 418 6.06 42.99 -4.58
C VAL E 418 5.35 43.74 -5.71
N ALA E 419 5.64 43.34 -6.93
CA ALA E 419 5.06 43.81 -8.15
C ALA E 419 3.51 43.74 -8.01
N ASN E 420 3.00 42.51 -7.90
CA ASN E 420 1.55 42.31 -7.78
C ASN E 420 0.96 43.06 -6.57
N ARG E 421 1.76 43.04 -5.45
CA ARG E 421 1.15 43.74 -4.27
C ARG E 421 0.86 45.20 -4.59
N VAL E 422 1.89 45.90 -5.09
CA VAL E 422 1.82 47.34 -5.42
C VAL E 422 0.73 47.48 -6.47
N ALA E 423 0.82 46.71 -7.51
CA ALA E 423 -0.23 46.77 -8.56
C ALA E 423 -1.65 46.80 -8.00
N LEU E 424 -1.93 45.86 -7.12
CA LEU E 424 -3.19 45.73 -6.46
C LEU E 424 -3.37 46.88 -5.46
N GLU E 425 -2.41 47.14 -4.59
CA GLU E 425 -2.74 48.30 -3.62
C GLU E 425 -3.01 49.60 -4.39
N ALA E 426 -2.27 49.68 -5.52
CA ALA E 426 -2.34 50.77 -6.47
C ALA E 426 -3.84 50.84 -6.90
N CYS E 427 -4.30 49.71 -7.49
CA CYS E 427 -5.69 49.72 -7.94
C CYS E 427 -6.65 50.13 -6.82
N VAL E 428 -6.33 49.56 -5.66
CA VAL E 428 -7.25 49.77 -4.52
C VAL E 428 -7.41 51.20 -4.16
N LYS E 429 -6.33 51.89 -4.12
CA LYS E 429 -6.45 53.39 -3.71
C LYS E 429 -7.13 54.22 -4.79
N ALA E 430 -6.85 53.95 -6.04
CA ALA E 430 -7.42 54.64 -7.17
C ALA E 430 -8.95 54.50 -7.03
N ARG E 431 -9.26 53.26 -6.71
CA ARG E 431 -10.67 52.96 -6.57
C ARG E 431 -11.23 53.83 -5.46
N ASN E 432 -10.50 53.77 -4.35
CA ASN E 432 -10.97 54.51 -3.16
C ASN E 432 -10.97 56.04 -3.38
N GLU E 433 -10.02 56.54 -4.19
CA GLU E 433 -9.96 58.00 -4.48
C GLU E 433 -11.16 58.44 -5.41
N GLY E 434 -11.79 57.43 -5.96
CA GLY E 434 -12.90 57.54 -6.83
C GLY E 434 -12.43 57.36 -8.23
N ARG E 435 -11.24 56.86 -8.52
CA ARG E 435 -10.96 56.75 -10.05
C ARG E 435 -11.82 55.68 -10.64
N ASP E 436 -11.83 55.37 -11.89
CA ASP E 436 -12.68 54.36 -12.48
C ASP E 436 -11.81 53.20 -13.02
N LEU E 437 -11.65 52.20 -12.15
CA LEU E 437 -10.87 51.04 -12.59
C LEU E 437 -11.17 50.70 -14.08
N ALA E 438 -12.47 50.67 -14.46
CA ALA E 438 -12.71 50.27 -15.87
C ALA E 438 -12.20 51.32 -16.89
N GLN E 439 -12.70 52.57 -16.76
CA GLN E 439 -12.19 53.52 -17.79
C GLN E 439 -10.67 53.71 -17.52
N GLU E 440 -10.39 54.31 -16.38
CA GLU E 440 -9.05 54.67 -15.94
C GLU E 440 -8.01 53.63 -15.63
N GLY E 441 -8.44 52.39 -15.77
CA GLY E 441 -7.62 51.20 -15.50
C GLY E 441 -6.15 51.48 -15.73
N ASN E 442 -5.79 51.23 -16.94
CA ASN E 442 -4.54 51.32 -17.65
C ASN E 442 -3.47 52.37 -17.33
N GLU E 443 -3.95 53.52 -16.90
CA GLU E 443 -3.03 54.59 -16.52
C GLU E 443 -2.48 54.23 -15.12
N ILE E 444 -3.48 53.91 -14.27
CA ILE E 444 -3.34 53.53 -12.93
C ILE E 444 -2.18 52.59 -12.69
N ILE E 445 -2.25 51.50 -13.47
CA ILE E 445 -1.03 50.57 -13.18
C ILE E 445 0.17 51.22 -13.87
N ARG E 446 -0.06 51.71 -15.08
CA ARG E 446 0.92 52.40 -15.88
C ARG E 446 1.72 53.47 -15.10
N GLU E 447 0.97 54.19 -14.29
CA GLU E 447 1.45 55.22 -13.40
C GLU E 447 2.44 54.72 -12.34
N ALA E 448 1.88 53.61 -11.78
CA ALA E 448 2.61 52.95 -10.68
C ALA E 448 3.84 52.24 -11.21
N CYS E 449 3.70 51.64 -12.43
CA CYS E 449 4.94 50.96 -12.92
C CYS E 449 6.06 52.02 -12.85
N LYS E 450 5.62 53.28 -13.07
CA LYS E 450 6.62 54.41 -13.02
C LYS E 450 7.32 54.48 -11.66
N TRP E 451 6.54 54.53 -10.60
CA TRP E 451 7.21 54.59 -9.28
C TRP E 451 7.73 53.29 -8.75
N SER E 452 7.37 52.10 -9.24
CA SER E 452 7.93 50.83 -8.67
C SER E 452 8.86 50.01 -9.55
N PRO E 453 10.11 49.88 -9.11
CA PRO E 453 11.13 49.13 -9.87
C PRO E 453 10.72 47.71 -10.17
N GLU E 454 10.20 47.08 -9.06
CA GLU E 454 9.74 45.67 -9.28
C GLU E 454 8.48 45.73 -10.18
N LEU E 455 7.60 46.67 -9.77
CA LEU E 455 6.39 46.75 -10.60
C LEU E 455 6.68 47.01 -12.07
N ALA E 456 7.65 47.89 -12.33
CA ALA E 456 8.01 48.24 -13.75
C ALA E 456 8.45 46.99 -14.56
N ALA E 457 9.48 46.36 -13.99
CA ALA E 457 10.10 45.15 -14.56
C ALA E 457 9.01 44.25 -15.10
N ALA E 458 7.95 44.20 -14.30
CA ALA E 458 6.75 43.43 -14.57
C ALA E 458 6.10 43.93 -15.84
N CYS E 459 5.56 45.14 -15.70
CA CYS E 459 4.83 45.80 -16.78
C CYS E 459 5.42 45.56 -18.17
N GLU E 460 6.75 45.73 -18.17
CA GLU E 460 7.54 45.61 -19.41
C GLU E 460 7.39 44.27 -20.06
N VAL E 461 7.58 43.21 -19.32
CA VAL E 461 7.46 41.81 -19.69
C VAL E 461 6.06 41.36 -20.13
N TRP E 462 5.03 41.69 -19.35
CA TRP E 462 3.72 41.19 -19.82
C TRP E 462 2.86 42.19 -20.52
N LYS E 463 3.39 43.34 -20.86
CA LYS E 463 2.58 44.42 -21.53
C LYS E 463 1.66 43.99 -22.64
N GLU E 464 2.19 43.42 -23.73
CA GLU E 464 1.41 42.95 -24.87
C GLU E 464 0.58 41.68 -24.68
N ILE E 465 0.38 41.08 -23.51
CA ILE E 465 -0.36 39.82 -23.41
C ILE E 465 -1.83 39.87 -23.08
N VAL E 466 -2.67 39.17 -23.77
CA VAL E 466 -4.10 39.12 -23.51
C VAL E 466 -4.53 37.71 -23.96
N PHE E 467 -5.72 37.30 -23.58
CA PHE E 467 -6.19 35.98 -24.05
C PHE E 467 -7.60 36.18 -24.62
N ASN E 468 -7.59 37.01 -25.66
CA ASN E 468 -8.88 37.23 -26.32
C ASN E 468 -8.90 36.10 -27.43
N PHE E 469 -10.02 35.44 -27.31
CA PHE E 469 -10.48 34.36 -28.14
C PHE E 469 -12.03 34.27 -27.81
N ALA E 470 -12.73 34.13 -28.92
CA ALA E 470 -14.20 34.02 -28.94
C ALA E 470 -14.71 32.81 -28.18
N ALA E 471 -15.34 33.08 -27.03
CA ALA E 471 -15.92 32.11 -26.10
C ALA E 471 -17.00 31.11 -26.52
N VAL E 472 -17.03 30.06 -25.67
CA VAL E 472 -17.95 28.90 -25.74
C VAL E 472 -19.02 29.00 -24.63
N ASP E 473 -18.90 28.44 -23.50
N MET F 1 18.27 44.33 -11.75
CA MET F 1 17.70 43.27 -10.87
C MET F 1 18.06 43.64 -9.44
N GLN F 2 17.04 43.76 -8.53
CA GLN F 2 17.50 44.10 -7.14
C GLN F 2 16.71 43.29 -6.04
N VAL F 3 17.65 42.84 -5.15
CA VAL F 3 17.41 42.09 -4.00
C VAL F 3 16.51 42.85 -2.99
N TRP F 4 15.25 42.36 -3.06
CA TRP F 4 14.22 42.90 -2.13
C TRP F 4 14.89 42.63 -0.78
N PRO F 5 15.06 43.66 0.02
CA PRO F 5 15.69 43.55 1.31
C PRO F 5 14.91 42.65 2.25
N PRO F 6 15.70 41.85 2.94
CA PRO F 6 15.16 40.94 3.94
C PRO F 6 15.05 41.61 5.29
N ILE F 7 15.49 42.86 5.50
CA ILE F 7 15.39 43.41 6.84
C ILE F 7 14.58 44.54 7.34
N ASN F 8 14.33 45.70 6.84
CA ASN F 8 13.49 46.59 7.82
C ASN F 8 12.31 46.97 6.97
N LYS F 9 11.57 45.94 6.63
CA LYS F 9 10.39 46.23 5.76
C LYS F 9 9.07 45.68 6.29
N LYS F 10 8.94 45.76 7.62
CA LYS F 10 7.68 45.23 8.27
C LYS F 10 6.42 45.90 7.74
N LYS F 11 5.46 45.08 7.34
CA LYS F 11 4.24 45.69 6.73
C LYS F 11 3.12 45.81 7.73
N TYR F 12 2.07 46.41 7.21
CA TYR F 12 0.87 46.72 7.99
C TYR F 12 -0.38 46.54 7.15
N GLU F 13 -0.35 45.42 6.43
CA GLU F 13 -1.54 45.09 5.58
C GLU F 13 -1.86 46.11 4.52
N THR F 14 -3.17 46.29 4.28
CA THR F 14 -3.60 47.19 3.21
C THR F 14 -2.96 48.56 3.21
N LEU F 15 -2.50 48.89 1.99
CA LEU F 15 -1.84 50.11 1.59
C LEU F 15 -0.35 50.21 1.95
N SER F 16 0.10 49.46 2.95
CA SER F 16 1.53 49.56 3.37
C SER F 16 2.53 49.23 2.30
N TYR F 17 2.14 49.19 1.06
CA TYR F 17 3.16 48.83 0.02
C TYR F 17 3.32 49.98 -0.97
N LEU F 18 2.49 51.01 -0.80
CA LEU F 18 2.53 52.24 -1.58
C LEU F 18 3.33 53.17 -0.61
N PRO F 19 3.80 54.29 -1.09
CA PRO F 19 4.52 55.28 -0.31
C PRO F 19 3.58 55.92 0.73
N ASP F 20 4.25 56.26 1.83
CA ASP F 20 3.54 56.89 3.00
C ASP F 20 2.41 57.83 2.56
N LEU F 21 1.22 57.49 3.07
CA LEU F 21 0.05 58.31 2.74
C LEU F 21 0.13 59.70 3.40
N SER F 22 -0.03 60.63 2.49
CA SER F 22 -0.09 62.06 2.84
C SER F 22 -1.42 62.21 3.60
N GLN F 23 -1.51 63.34 4.28
CA GLN F 23 -2.82 63.54 4.99
C GLN F 23 -4.00 63.64 4.01
N GLU F 24 -3.67 64.12 2.83
CA GLU F 24 -4.73 64.28 1.81
C GLU F 24 -5.27 62.85 1.55
N GLN F 25 -4.27 62.08 1.18
CA GLN F 25 -4.35 60.68 0.79
C GLN F 25 -5.08 59.87 1.85
N LEU F 26 -4.64 60.23 3.05
CA LEU F 26 -5.27 59.54 4.23
C LEU F 26 -6.72 59.96 4.29
N LEU F 27 -6.93 61.23 4.07
CA LEU F 27 -8.29 61.78 4.06
C LEU F 27 -9.26 61.16 3.05
N SER F 28 -8.73 60.72 1.92
CA SER F 28 -9.52 60.09 0.88
C SER F 28 -10.15 58.83 1.40
N GLU F 29 -9.33 58.15 2.18
CA GLU F 29 -9.68 56.88 2.85
C GLU F 29 -10.81 57.08 3.81
N VAL F 30 -10.57 57.84 4.89
CA VAL F 30 -11.72 58.06 5.82
C VAL F 30 -12.99 58.50 5.07
N GLU F 31 -12.65 59.18 3.96
CA GLU F 31 -13.74 59.67 3.08
C GLU F 31 -14.50 58.49 2.47
N TYR F 32 -13.79 57.53 1.91
CA TYR F 32 -14.34 56.34 1.24
C TYR F 32 -15.20 55.48 2.18
N LEU F 33 -14.55 55.42 3.31
CA LEU F 33 -15.11 54.62 4.42
C LEU F 33 -16.54 55.09 4.61
N LEU F 34 -16.58 56.35 4.85
CA LEU F 34 -17.87 57.08 5.11
C LEU F 34 -18.79 56.96 3.96
N LYS F 35 -18.27 57.24 2.78
CA LYS F 35 -19.08 57.17 1.56
C LYS F 35 -19.97 55.94 1.54
N ASN F 36 -19.34 54.91 2.15
CA ASN F 36 -19.98 53.58 2.22
C ASN F 36 -20.95 53.23 3.32
N GLY F 37 -20.84 53.84 4.46
CA GLY F 37 -21.74 53.53 5.59
C GLY F 37 -20.98 52.75 6.69
N TRP F 38 -19.68 52.68 6.55
CA TRP F 38 -18.88 51.95 7.57
C TRP F 38 -18.72 52.80 8.80
N VAL F 39 -18.73 52.19 9.98
CA VAL F 39 -18.56 53.01 11.21
C VAL F 39 -17.09 53.10 11.39
N PRO F 40 -16.48 54.26 11.42
CA PRO F 40 -15.03 54.30 11.59
C PRO F 40 -14.73 54.01 13.05
N CYS F 41 -13.64 53.32 13.22
CA CYS F 41 -13.16 53.03 14.60
C CYS F 41 -11.64 53.18 14.75
N LEU F 42 -11.14 53.35 15.94
CA LEU F 42 -9.64 53.51 16.00
C LEU F 42 -9.08 52.51 17.01
N GLU F 43 -7.85 52.09 16.79
CA GLU F 43 -7.29 51.11 17.74
C GLU F 43 -5.79 51.40 17.63
N PHE F 44 -5.17 51.33 18.79
CA PHE F 44 -3.70 51.64 18.87
C PHE F 44 -3.09 50.50 19.65
N GLU F 45 -1.78 50.33 19.56
CA GLU F 45 -1.08 49.25 20.23
C GLU F 45 0.31 49.80 20.50
N THR F 46 0.70 49.71 21.73
CA THR F 46 2.02 50.22 22.09
C THR F 46 3.02 49.14 22.38
N GLU F 47 2.64 47.86 22.31
CA GLU F 47 3.69 46.86 22.64
C GLU F 47 4.03 45.71 21.75
N HIS F 48 3.07 45.23 21.01
CA HIS F 48 3.26 44.09 20.11
C HIS F 48 2.76 44.49 18.71
N GLY F 49 3.71 45.25 18.18
CA GLY F 49 3.56 45.76 16.83
C GLY F 49 3.23 44.56 15.91
N PHE F 50 3.58 43.31 16.25
CA PHE F 50 3.16 42.29 15.20
C PHE F 50 2.68 41.02 15.81
N VAL F 51 1.86 40.23 15.01
CA VAL F 51 1.36 38.96 15.59
C VAL F 51 2.51 38.08 16.13
N TYR F 52 2.03 37.36 17.14
CA TYR F 52 2.95 36.35 17.74
C TYR F 52 2.06 35.08 17.95
N ARG F 53 2.75 34.17 18.66
CA ARG F 53 2.13 32.94 18.99
C ARG F 53 2.81 32.45 20.28
N GLU F 54 2.52 33.13 21.33
CA GLU F 54 3.04 32.72 22.65
C GLU F 54 2.04 31.82 23.34
N ASN F 55 0.79 32.21 23.62
CA ASN F 55 -0.08 31.25 24.30
C ASN F 55 -0.55 30.00 23.60
N ASN F 56 -0.51 29.77 22.34
CA ASN F 56 -0.97 28.64 21.61
C ASN F 56 -0.45 28.61 20.19
N LYS F 57 -0.49 27.46 19.52
CA LYS F 57 -0.08 27.37 18.12
C LYS F 57 -1.09 26.54 17.37
N SER F 58 -2.29 26.35 17.97
CA SER F 58 -3.21 25.45 17.09
C SER F 58 -3.43 26.23 15.83
N PRO F 59 -4.06 25.59 14.88
CA PRO F 59 -4.37 26.30 13.53
C PRO F 59 -5.24 27.52 13.88
N GLY F 60 -4.96 28.56 13.10
CA GLY F 60 -5.74 29.83 13.31
C GLY F 60 -5.48 30.64 14.55
N TYR F 61 -4.65 30.20 15.50
CA TYR F 61 -4.46 30.99 16.74
C TYR F 61 -3.10 31.67 16.54
N TYR F 62 -3.28 32.99 16.79
CA TYR F 62 -2.12 33.92 16.71
C TYR F 62 -2.39 34.90 17.86
N ASP F 63 -1.37 35.16 18.66
CA ASP F 63 -1.52 36.17 19.75
C ASP F 63 -1.03 37.47 18.97
N GLY F 64 -1.49 38.61 19.49
CA GLY F 64 -1.09 39.85 18.76
C GLY F 64 -2.12 40.37 17.76
N ARG F 65 -3.35 39.86 17.52
CA ARG F 65 -4.33 40.41 16.57
C ARG F 65 -5.18 41.59 17.13
N TYR F 66 -5.71 41.41 18.29
CA TYR F 66 -6.47 42.39 19.02
C TYR F 66 -5.51 43.51 19.38
N TRP F 67 -6.00 44.69 19.29
CA TRP F 67 -5.28 45.99 19.64
C TRP F 67 -6.24 46.75 20.54
N THR F 68 -5.89 47.86 21.21
CA THR F 68 -6.82 48.59 22.09
C THR F 68 -7.69 49.58 21.30
N MET F 69 -8.95 49.54 21.68
CA MET F 69 -9.93 50.44 21.03
C MET F 69 -9.57 51.82 21.52
N TRP F 70 -9.60 52.79 20.62
CA TRP F 70 -9.36 54.19 21.05
C TRP F 70 -10.82 54.73 21.24
N LYS F 71 -11.19 54.99 22.44
CA LYS F 71 -12.56 55.51 22.73
C LYS F 71 -13.63 54.55 22.24
N LEU F 72 -14.58 54.95 21.42
CA LEU F 72 -15.60 53.99 20.92
C LEU F 72 -15.67 54.16 19.38
N PRO F 73 -16.32 53.18 18.79
CA PRO F 73 -16.44 53.25 17.28
C PRO F 73 -17.28 54.52 17.16
N MET F 74 -16.93 55.48 16.29
CA MET F 74 -17.76 56.74 16.27
C MET F 74 -18.94 56.57 15.32
N PHE F 75 -19.97 56.01 15.86
CA PHE F 75 -21.26 55.67 15.27
C PHE F 75 -21.84 57.00 14.86
N GLY F 76 -22.74 57.07 13.91
CA GLY F 76 -23.32 58.36 13.53
C GLY F 76 -22.47 59.53 13.04
N CYS F 77 -21.15 59.47 13.18
CA CYS F 77 -20.24 60.54 12.74
C CYS F 77 -20.28 60.69 11.22
N THR F 78 -20.04 61.89 10.73
CA THR F 78 -20.06 62.02 9.24
C THR F 78 -18.96 63.00 8.85
N ASP F 79 -18.23 63.36 9.90
CA ASP F 79 -17.17 64.30 9.62
C ASP F 79 -15.80 63.59 9.48
N ALA F 80 -15.55 63.28 8.21
CA ALA F 80 -14.27 62.64 7.90
C ALA F 80 -13.21 63.32 8.76
N THR F 81 -13.33 64.61 8.76
CA THR F 81 -12.32 65.43 9.51
C THR F 81 -12.31 65.15 10.98
N GLN F 82 -13.45 64.89 11.53
CA GLN F 82 -13.42 64.61 13.04
C GLN F 82 -12.59 63.36 13.31
N VAL F 83 -12.72 62.25 12.55
CA VAL F 83 -11.93 61.04 12.84
C VAL F 83 -10.43 61.32 12.74
N LEU F 84 -10.17 62.20 11.74
CA LEU F 84 -8.76 62.50 11.48
C LEU F 84 -8.14 63.09 12.74
N ALA F 85 -9.03 63.94 13.25
CA ALA F 85 -8.76 64.69 14.48
C ALA F 85 -8.17 63.72 15.55
N GLU F 86 -9.06 62.78 15.78
CA GLU F 86 -8.85 61.68 16.72
C GLU F 86 -7.47 61.11 16.53
N VAL F 87 -7.19 60.83 15.23
CA VAL F 87 -5.83 60.30 14.99
C VAL F 87 -4.72 61.14 15.72
N GLY F 88 -4.87 62.49 15.43
CA GLY F 88 -3.91 63.51 15.93
C GLY F 88 -3.90 63.39 17.47
N GLU F 89 -5.18 63.39 17.88
CA GLU F 89 -5.49 63.29 19.34
C GLU F 89 -4.74 62.15 19.96
N ALA F 90 -4.75 60.96 19.34
CA ALA F 90 -4.06 59.80 19.93
C ALA F 90 -2.56 59.85 19.83
N LYS F 91 -1.96 60.38 18.76
CA LYS F 91 -0.46 60.34 18.74
C LYS F 91 0.04 61.22 19.89
N LYS F 92 -0.91 62.10 20.22
CA LYS F 92 -0.71 63.03 21.38
C LYS F 92 -1.04 62.03 22.47
N ALA F 93 -0.22 61.73 23.41
CA ALA F 93 -0.70 60.69 24.41
C ALA F 93 -0.07 59.36 24.02
N TYR F 94 -0.15 58.93 22.77
CA TYR F 94 0.56 57.56 22.59
C TYR F 94 1.44 57.71 21.36
N PRO F 95 2.45 58.55 21.57
CA PRO F 95 3.45 58.88 20.57
C PRO F 95 4.14 57.61 20.09
N GLN F 96 4.25 56.68 21.03
CA GLN F 96 4.90 55.40 20.69
C GLN F 96 3.92 54.35 20.23
N ALA F 97 2.67 54.63 20.06
CA ALA F 97 1.65 53.72 19.58
C ALA F 97 1.73 53.56 18.04
N TRP F 98 1.15 52.45 17.60
CA TRP F 98 0.94 52.16 16.20
C TRP F 98 -0.59 52.63 16.19
N ILE F 99 -1.03 53.34 15.25
CA ILE F 99 -2.50 53.69 15.39
C ILE F 99 -3.09 53.27 14.07
N ARG F 100 -4.28 52.77 14.14
CA ARG F 100 -4.88 52.23 12.82
C ARG F 100 -6.30 52.64 12.72
N ILE F 101 -6.80 52.71 11.54
CA ILE F 101 -8.19 53.16 11.33
C ILE F 101 -8.99 51.98 10.73
N ILE F 102 -10.17 51.61 11.21
CA ILE F 102 -10.91 50.51 10.60
C ILE F 102 -12.33 50.91 10.30
N GLY F 103 -12.99 50.12 9.46
CA GLY F 103 -14.41 50.48 9.17
C GLY F 103 -15.37 49.34 9.25
N PHE F 104 -16.28 49.37 10.18
CA PHE F 104 -17.28 48.36 10.36
C PHE F 104 -18.51 48.36 9.46
N ASP F 105 -18.73 47.25 8.78
CA ASP F 105 -19.95 47.06 8.01
C ASP F 105 -20.91 46.40 9.06
N ASN F 106 -21.71 47.04 9.88
CA ASN F 106 -22.57 46.29 10.83
C ASN F 106 -23.57 45.28 10.30
N VAL F 107 -23.80 45.20 9.02
CA VAL F 107 -24.74 44.29 8.41
C VAL F 107 -24.16 42.90 8.11
N ARG F 108 -22.90 42.98 7.83
CA ARG F 108 -22.14 41.81 7.49
C ARG F 108 -21.17 41.50 8.61
N GLN F 109 -21.15 42.47 9.49
CA GLN F 109 -20.18 42.30 10.62
C GLN F 109 -18.81 42.13 10.05
N VAL F 110 -18.25 42.88 9.15
CA VAL F 110 -16.84 42.52 8.71
C VAL F 110 -16.17 43.93 8.78
N GLN F 111 -14.91 43.90 9.03
CA GLN F 111 -14.16 45.19 9.02
C GLN F 111 -13.96 45.18 7.46
N CYS F 112 -14.64 46.26 6.98
CA CYS F 112 -14.60 46.51 5.54
C CYS F 112 -13.33 47.20 5.16
N ILE F 113 -12.60 47.76 6.08
CA ILE F 113 -11.36 48.49 5.77
C ILE F 113 -10.48 48.66 6.97
N SER F 114 -9.23 48.82 6.65
CA SER F 114 -8.26 49.00 7.81
C SER F 114 -6.98 49.48 7.15
N PHE F 115 -6.35 50.55 7.71
CA PHE F 115 -5.10 51.09 7.09
C PHE F 115 -4.43 51.77 8.29
N ILE F 116 -3.13 51.57 8.29
CA ILE F 116 -2.42 52.24 9.50
C ILE F 116 -2.42 53.77 9.22
N ALA F 117 -2.79 54.50 10.27
CA ALA F 117 -2.86 55.94 10.30
C ALA F 117 -1.62 56.52 10.99
N TYR F 118 -0.77 55.65 11.52
CA TYR F 118 0.41 56.23 12.20
C TYR F 118 1.31 55.21 12.77
N LYS F 119 2.52 55.15 12.30
CA LYS F 119 3.48 54.14 12.91
C LYS F 119 4.25 55.05 13.89
N PRO F 120 4.83 54.45 14.86
CA PRO F 120 5.64 55.24 15.82
C PRO F 120 6.95 55.37 15.04
N GLU F 121 7.81 56.06 15.73
CA GLU F 121 9.16 56.35 15.23
C GLU F 121 10.01 55.12 14.88
N GLY F 122 10.43 55.11 13.63
CA GLY F 122 11.32 54.06 13.15
C GLY F 122 10.70 52.77 12.71
N TYR F 123 9.66 52.92 11.95
CA TYR F 123 8.79 51.98 11.31
C TYR F 123 8.08 52.93 10.26
N ALA G 9 -5.04 -28.29 -17.32
CA ALA G 9 -5.17 -29.67 -17.81
C ALA G 9 -4.60 -29.88 -19.22
N SER G 10 -5.01 -31.03 -19.76
CA SER G 10 -4.64 -31.55 -21.09
C SER G 10 -3.43 -32.49 -20.79
N VAL G 11 -3.41 -33.60 -21.53
CA VAL G 11 -2.31 -34.58 -21.31
C VAL G 11 -2.66 -35.27 -19.97
N GLY G 12 -3.02 -36.55 -20.09
CA GLY G 12 -3.39 -37.29 -18.88
C GLY G 12 -2.47 -37.11 -17.69
N PHE G 13 -3.16 -37.27 -16.52
CA PHE G 13 -2.33 -37.17 -15.27
C PHE G 13 -1.57 -38.55 -15.32
N LYS G 14 -0.25 -38.53 -15.25
CA LYS G 14 0.50 -39.81 -15.24
C LYS G 14 1.36 -39.79 -13.97
N ALA G 15 0.96 -40.47 -12.92
CA ALA G 15 1.69 -40.49 -11.65
C ALA G 15 3.14 -40.87 -11.68
N GLY G 16 3.99 -40.33 -10.78
CA GLY G 16 5.41 -40.73 -10.84
C GLY G 16 6.36 -39.58 -11.08
N VAL G 17 7.64 -39.90 -10.76
CA VAL G 17 8.76 -38.96 -10.83
C VAL G 17 9.13 -38.68 -12.24
N LYS G 18 9.78 -37.65 -12.59
CA LYS G 18 10.23 -37.21 -13.92
C LYS G 18 11.40 -36.27 -13.74
N GLU G 19 12.37 -36.11 -14.58
CA GLU G 19 13.45 -35.14 -14.20
C GLU G 19 12.82 -33.72 -14.30
N TYR G 20 13.39 -32.85 -13.51
CA TYR G 20 13.04 -31.44 -13.46
C TYR G 20 13.19 -30.84 -14.88
N LYS G 21 14.25 -31.19 -15.49
CA LYS G 21 14.67 -30.81 -16.82
C LYS G 21 13.53 -30.67 -17.80
N LEU G 22 12.65 -31.65 -17.77
CA LEU G 22 11.50 -31.69 -18.64
C LEU G 22 10.62 -30.45 -18.62
N THR G 23 10.47 -29.80 -17.50
CA THR G 23 9.62 -28.61 -17.39
C THR G 23 10.37 -27.35 -17.04
N TYR G 24 11.43 -27.49 -16.30
CA TYR G 24 12.04 -26.17 -15.93
C TYR G 24 13.26 -25.77 -16.61
N TYR G 25 13.73 -26.50 -17.57
CA TYR G 25 14.90 -26.16 -18.42
C TYR G 25 14.19 -25.78 -19.77
N THR G 26 14.25 -24.50 -20.00
CA THR G 26 13.63 -23.78 -21.12
C THR G 26 14.50 -22.79 -21.80
N PRO G 27 15.52 -23.24 -22.48
CA PRO G 27 16.50 -22.33 -23.15
C PRO G 27 15.83 -21.54 -24.23
N GLU G 28 14.64 -22.02 -24.55
CA GLU G 28 13.81 -21.38 -25.57
C GLU G 28 13.40 -19.96 -25.16
N TYR G 29 13.03 -19.87 -23.93
CA TYR G 29 12.52 -18.75 -23.22
C TYR G 29 13.19 -17.39 -23.42
N GLN G 30 12.22 -16.57 -23.63
CA GLN G 30 12.30 -15.13 -23.93
C GLN G 30 11.73 -14.43 -22.68
N THR G 31 12.61 -13.83 -21.96
CA THR G 31 12.26 -13.16 -20.75
C THR G 31 11.27 -12.05 -20.95
N LYS G 32 10.37 -11.85 -20.01
CA LYS G 32 9.41 -10.76 -20.10
C LYS G 32 10.00 -9.61 -19.20
N ASP G 33 9.62 -8.43 -19.60
CA ASP G 33 10.11 -7.25 -18.84
C ASP G 33 9.56 -7.26 -17.42
N THR G 34 8.59 -8.13 -17.12
CA THR G 34 8.02 -8.16 -15.76
C THR G 34 8.55 -9.33 -14.92
N ASP G 35 9.35 -10.15 -15.56
CA ASP G 35 9.97 -11.25 -14.89
C ASP G 35 11.01 -10.87 -13.86
N ILE G 36 11.17 -11.61 -12.77
CA ILE G 36 12.18 -11.42 -11.74
C ILE G 36 13.23 -12.37 -12.32
N LEU G 37 14.45 -11.90 -12.53
CA LEU G 37 15.45 -12.88 -13.04
C LEU G 37 16.51 -13.04 -11.93
N ALA G 38 17.07 -14.24 -11.90
CA ALA G 38 18.09 -14.57 -10.92
C ALA G 38 19.21 -15.41 -11.58
N ALA G 39 20.38 -14.91 -11.14
CA ALA G 39 21.68 -15.50 -11.55
C ALA G 39 22.19 -16.40 -10.41
N PHE G 40 21.96 -17.69 -10.38
CA PHE G 40 22.44 -18.54 -9.31
C PHE G 40 23.77 -19.19 -9.73
N ARG G 41 24.75 -19.29 -8.89
CA ARG G 41 26.07 -19.92 -9.22
C ARG G 41 25.91 -21.32 -8.71
N VAL G 42 25.62 -22.29 -9.50
CA VAL G 42 25.39 -23.66 -9.05
C VAL G 42 26.52 -24.58 -9.17
N THR G 43 26.64 -25.55 -8.25
CA THR G 43 27.77 -26.54 -8.26
C THR G 43 27.07 -27.83 -7.95
N PRO G 44 26.82 -28.58 -8.97
CA PRO G 44 26.10 -29.83 -8.75
C PRO G 44 26.91 -30.92 -8.14
N GLN G 45 26.13 -31.94 -8.00
CA GLN G 45 26.70 -33.19 -7.43
C GLN G 45 27.07 -34.03 -8.64
N PRO G 46 28.22 -34.56 -8.61
CA PRO G 46 28.82 -35.46 -9.57
C PRO G 46 28.08 -35.96 -10.74
N GLY G 47 26.97 -36.73 -10.51
CA GLY G 47 26.23 -37.19 -11.72
C GLY G 47 25.18 -36.20 -12.15
N VAL G 48 25.13 -34.94 -11.68
CA VAL G 48 24.05 -34.05 -12.07
C VAL G 48 24.33 -33.08 -13.18
N PRO G 49 23.68 -33.33 -14.31
CA PRO G 49 23.80 -32.47 -15.50
C PRO G 49 23.39 -31.10 -14.97
N PRO G 50 24.07 -30.11 -15.45
CA PRO G 50 23.80 -28.76 -14.98
C PRO G 50 22.37 -28.44 -15.28
N GLU G 51 21.92 -28.82 -16.45
CA GLU G 51 20.52 -28.47 -16.79
C GLU G 51 19.55 -29.22 -15.93
N GLU G 52 20.03 -30.11 -15.07
CA GLU G 52 18.99 -30.79 -14.23
C GLU G 52 19.11 -29.97 -12.97
N ALA G 53 20.28 -29.78 -12.48
CA ALA G 53 20.57 -28.99 -11.27
C ALA G 53 19.82 -27.69 -11.46
N GLY G 54 20.05 -26.97 -12.48
CA GLY G 54 19.41 -25.72 -12.94
C GLY G 54 17.86 -25.83 -12.97
N ALA G 55 17.24 -26.85 -13.46
CA ALA G 55 15.81 -27.13 -13.49
C ALA G 55 15.31 -27.42 -12.08
N ALA G 56 16.06 -28.06 -11.21
CA ALA G 56 15.60 -28.30 -9.82
C ALA G 56 15.54 -26.92 -9.11
N VAL G 57 16.62 -26.14 -9.28
CA VAL G 57 16.62 -24.83 -8.64
C VAL G 57 15.41 -24.05 -9.02
N ALA G 58 15.06 -24.04 -10.31
CA ALA G 58 13.85 -23.31 -10.78
C ALA G 58 12.55 -23.98 -10.40
N ALA G 59 12.47 -25.30 -10.35
CA ALA G 59 11.19 -25.89 -10.00
C ALA G 59 10.75 -25.68 -8.57
N GLU G 60 11.65 -26.07 -7.70
CA GLU G 60 11.49 -26.10 -6.26
C GLU G 60 11.57 -24.73 -5.65
N SER G 61 11.57 -23.75 -6.52
CA SER G 61 11.61 -22.37 -6.26
C SER G 61 10.35 -21.62 -6.71
N SER G 62 9.47 -22.43 -7.39
CA SER G 62 8.28 -21.84 -7.96
C SER G 62 7.00 -22.61 -7.93
N THR G 63 6.93 -23.55 -8.78
CA THR G 63 5.67 -24.29 -8.78
C THR G 63 5.74 -25.77 -8.45
N GLY G 64 6.90 -26.40 -8.70
CA GLY G 64 7.03 -27.81 -8.49
C GLY G 64 7.63 -28.55 -7.36
N THR G 65 7.32 -29.89 -7.38
CA THR G 65 7.85 -30.79 -6.31
C THR G 65 8.54 -31.97 -6.97
N TRP G 66 8.89 -32.97 -6.23
CA TRP G 66 9.60 -34.13 -6.70
C TRP G 66 8.79 -35.19 -7.42
N THR G 67 7.52 -35.20 -7.47
CA THR G 67 6.78 -36.29 -8.17
C THR G 67 5.66 -35.58 -8.97
N THR G 68 4.91 -36.34 -9.71
CA THR G 68 3.82 -35.71 -10.51
C THR G 68 2.50 -35.55 -9.82
N VAL G 69 2.00 -34.34 -9.67
CA VAL G 69 0.69 -34.18 -8.97
C VAL G 69 -0.39 -33.75 -9.91
N TRP G 70 -1.51 -34.38 -9.92
CA TRP G 70 -2.62 -34.05 -10.79
C TRP G 70 -3.10 -32.59 -10.79
N THR G 71 -3.09 -31.93 -9.70
CA THR G 71 -3.50 -30.58 -9.49
C THR G 71 -2.93 -29.57 -10.47
N ASP G 72 -1.82 -29.91 -11.05
CA ASP G 72 -1.15 -29.00 -12.00
C ASP G 72 -2.14 -28.62 -13.11
N GLY G 73 -2.92 -29.59 -13.39
CA GLY G 73 -3.91 -29.48 -14.48
C GLY G 73 -4.99 -28.59 -14.12
N LEU G 74 -4.98 -28.05 -12.93
CA LEU G 74 -6.14 -27.19 -12.45
C LEU G 74 -5.87 -25.78 -12.89
N THR G 75 -4.63 -25.48 -12.98
CA THR G 75 -4.11 -24.18 -13.36
C THR G 75 -3.33 -24.40 -14.61
N SER G 76 -2.36 -23.59 -14.87
CA SER G 76 -1.50 -23.69 -16.02
C SER G 76 -0.08 -23.35 -15.68
N LEU G 77 0.81 -24.34 -15.65
CA LEU G 77 2.19 -23.98 -15.25
C LEU G 77 2.89 -23.10 -16.30
N ASP G 78 2.37 -23.03 -17.48
CA ASP G 78 3.15 -22.24 -18.40
C ASP G 78 3.21 -20.84 -17.86
N ARG G 79 2.16 -20.41 -17.24
CA ARG G 79 2.01 -19.07 -16.68
C ARG G 79 2.78 -18.81 -15.40
N TYR G 80 2.78 -19.89 -14.63
CA TYR G 80 3.42 -19.80 -13.31
C TYR G 80 4.79 -20.38 -13.13
N LYS G 81 5.17 -21.47 -13.70
CA LYS G 81 6.46 -22.05 -13.57
C LYS G 81 7.64 -21.09 -13.65
N GLY G 82 8.58 -21.31 -12.73
CA GLY G 82 9.85 -20.51 -12.66
C GLY G 82 10.65 -21.20 -13.77
N ARG G 83 11.55 -20.50 -14.46
CA ARG G 83 12.23 -21.30 -15.51
C ARG G 83 13.66 -20.90 -15.77
N CYS G 84 14.40 -22.01 -15.87
CA CYS G 84 15.84 -22.05 -16.14
C CYS G 84 15.98 -21.94 -17.69
N TYR G 85 16.33 -20.74 -18.07
CA TYR G 85 16.46 -20.42 -19.46
C TYR G 85 17.86 -20.35 -19.90
N ARG G 86 18.85 -20.72 -19.15
CA ARG G 86 20.26 -20.77 -19.51
C ARG G 86 21.26 -21.03 -18.38
N ILE G 87 22.24 -21.82 -18.82
CA ILE G 87 23.38 -22.23 -17.99
C ILE G 87 24.62 -21.68 -18.63
N GLU G 88 25.70 -21.46 -17.97
CA GLU G 88 26.97 -20.92 -18.47
C GLU G 88 28.09 -21.57 -17.65
N ARG G 89 29.20 -21.93 -18.24
CA ARG G 89 30.25 -22.55 -17.37
C ARG G 89 31.01 -21.32 -16.78
N VAL G 90 31.41 -21.62 -15.55
CA VAL G 90 32.18 -20.65 -14.75
C VAL G 90 33.60 -20.93 -15.29
N VAL G 91 34.05 -19.98 -16.10
CA VAL G 91 35.38 -20.16 -16.69
C VAL G 91 36.44 -20.26 -15.50
N GLY G 92 37.07 -21.42 -15.78
CA GLY G 92 38.17 -21.84 -14.92
C GLY G 92 37.57 -21.96 -13.53
N GLU G 93 36.79 -23.06 -13.50
CA GLU G 93 36.12 -23.40 -12.26
C GLU G 93 35.52 -24.79 -12.28
N LYS G 94 35.76 -25.34 -11.08
CA LYS G 94 35.39 -26.67 -10.65
C LYS G 94 33.93 -26.87 -10.97
N ASP G 95 33.57 -27.75 -11.88
CA ASP G 95 32.17 -27.90 -12.16
C ASP G 95 31.19 -26.94 -11.47
N GLN G 96 31.31 -25.70 -11.78
CA GLN G 96 30.52 -24.58 -11.26
C GLN G 96 29.99 -23.79 -12.46
N TYR G 97 28.71 -23.50 -12.39
CA TYR G 97 27.97 -22.75 -13.40
C TYR G 97 27.19 -21.56 -12.91
N ILE G 98 26.57 -20.93 -13.85
CA ILE G 98 25.66 -19.80 -13.66
C ILE G 98 24.37 -20.30 -14.27
N ALA G 99 23.42 -20.66 -13.52
CA ALA G 99 22.08 -21.07 -14.01
C ALA G 99 21.31 -19.70 -13.90
N TYR G 100 20.55 -19.38 -14.90
CA TYR G 100 19.72 -18.19 -14.95
C TYR G 100 18.24 -18.68 -14.85
N VAL G 101 17.60 -18.04 -13.85
CA VAL G 101 16.20 -18.40 -13.68
C VAL G 101 15.35 -17.13 -13.76
N ALA G 102 14.12 -17.37 -14.33
CA ALA G 102 13.14 -16.26 -14.55
C ALA G 102 11.86 -16.60 -13.81
N TYR G 103 11.41 -15.65 -13.06
CA TYR G 103 10.19 -15.87 -12.21
C TYR G 103 9.12 -14.91 -12.58
N PRO G 104 7.97 -15.33 -13.03
CA PRO G 104 6.87 -14.46 -13.45
C PRO G 104 6.42 -13.64 -12.28
N LEU G 105 6.00 -12.44 -12.54
CA LEU G 105 5.56 -11.47 -11.57
C LEU G 105 4.47 -12.02 -10.64
N ASP G 106 3.46 -12.66 -11.20
CA ASP G 106 2.34 -13.21 -10.52
C ASP G 106 2.78 -13.98 -9.32
N LEU G 107 3.94 -14.48 -9.14
CA LEU G 107 4.35 -15.27 -8.01
C LEU G 107 4.70 -14.58 -6.70
N PHE G 108 4.89 -13.28 -6.71
CA PHE G 108 5.34 -12.51 -5.58
C PHE G 108 4.32 -11.56 -5.06
N GLU G 109 4.33 -11.59 -3.73
CA GLU G 109 3.40 -10.71 -2.97
C GLU G 109 4.00 -9.32 -3.10
N GLU G 110 3.16 -8.34 -3.33
CA GLU G 110 3.58 -6.94 -3.55
C GLU G 110 4.09 -6.38 -2.26
N GLY G 111 4.98 -5.44 -2.31
CA GLY G 111 5.57 -4.89 -1.10
C GLY G 111 6.34 -5.84 -0.20
N SER G 112 6.52 -7.10 -0.46
CA SER G 112 7.19 -8.01 0.48
C SER G 112 8.51 -8.73 0.17
N VAL G 113 9.66 -8.13 0.72
CA VAL G 113 10.92 -8.81 0.44
C VAL G 113 10.81 -10.19 1.05
N THR G 114 10.18 -10.32 2.21
CA THR G 114 10.01 -11.63 2.85
C THR G 114 9.51 -12.71 1.95
N ASN G 115 8.48 -12.39 1.18
CA ASN G 115 7.82 -13.23 0.19
C ASN G 115 8.89 -13.57 -0.87
N MET G 116 9.44 -12.58 -1.51
CA MET G 116 10.44 -12.76 -2.58
C MET G 116 11.53 -13.69 -2.16
N PHE G 117 12.05 -13.54 -0.93
CA PHE G 117 13.13 -14.35 -0.35
C PHE G 117 12.63 -15.76 -0.05
N THR G 118 11.45 -15.88 0.48
CA THR G 118 10.91 -17.20 0.74
C THR G 118 10.89 -18.00 -0.50
N SER G 119 10.61 -17.47 -1.64
CA SER G 119 10.52 -18.19 -2.94
C SER G 119 11.92 -18.50 -3.49
N ILE G 120 12.61 -17.45 -3.95
CA ILE G 120 13.90 -17.64 -4.51
C ILE G 120 14.92 -18.39 -3.69
N VAL G 121 14.91 -18.19 -2.38
CA VAL G 121 15.95 -18.87 -1.55
C VAL G 121 15.40 -19.76 -0.48
N GLY G 122 14.15 -20.11 -0.51
CA GLY G 122 13.47 -20.89 0.45
C GLY G 122 14.08 -22.22 0.73
N ASN G 123 13.98 -23.15 -0.23
CA ASN G 123 14.50 -24.48 -0.07
C ASN G 123 15.59 -25.03 -0.93
N VAL G 124 15.84 -24.64 -2.07
CA VAL G 124 16.81 -25.05 -3.06
C VAL G 124 18.21 -25.12 -2.54
N PHE G 125 18.65 -24.18 -1.69
CA PHE G 125 20.08 -24.30 -1.19
C PHE G 125 20.30 -25.60 -0.46
N GLY G 126 19.39 -26.42 -0.07
CA GLY G 126 19.69 -27.68 0.64
C GLY G 126 19.42 -28.89 -0.17
N PHE G 127 19.22 -28.75 -1.46
CA PHE G 127 18.92 -29.95 -2.26
C PHE G 127 19.99 -30.98 -2.13
N LYS G 128 19.70 -32.27 -2.01
CA LYS G 128 20.76 -33.27 -1.96
C LYS G 128 21.49 -33.23 -3.34
N ALA G 129 20.87 -33.12 -4.47
CA ALA G 129 21.45 -33.07 -5.76
C ALA G 129 22.43 -31.94 -5.94
N LEU G 130 22.49 -30.92 -5.16
CA LEU G 130 23.48 -29.84 -5.30
C LEU G 130 24.49 -30.01 -4.09
N ARG G 131 25.66 -29.39 -4.23
CA ARG G 131 26.60 -29.52 -3.10
C ARG G 131 26.79 -28.11 -2.64
N ALA G 132 26.59 -27.19 -3.54
CA ALA G 132 26.72 -25.74 -3.02
C ALA G 132 25.80 -24.92 -3.98
N LEU G 133 25.26 -23.81 -3.52
CA LEU G 133 24.41 -22.92 -4.33
C LEU G 133 24.68 -21.51 -3.82
N ARG G 134 24.62 -20.56 -4.67
CA ARG G 134 24.83 -19.17 -4.18
C ARG G 134 24.08 -18.20 -5.02
N LEU G 135 23.29 -17.30 -4.58
CA LEU G 135 22.55 -16.35 -5.46
C LEU G 135 23.49 -15.16 -5.65
N GLU G 136 23.77 -14.78 -6.85
CA GLU G 136 24.69 -13.64 -7.15
C GLU G 136 23.99 -12.35 -7.46
N ASP G 137 22.83 -12.41 -8.10
CA ASP G 137 22.05 -11.21 -8.45
C ASP G 137 20.62 -11.54 -8.85
N LEU G 138 19.73 -10.61 -8.77
CA LEU G 138 18.36 -10.64 -9.07
C LEU G 138 17.99 -9.34 -9.79
N ARG G 139 17.25 -9.52 -10.89
CA ARG G 139 16.78 -8.38 -11.66
C ARG G 139 15.40 -7.98 -11.16
N ILE G 140 15.25 -6.85 -10.46
CA ILE G 140 13.87 -6.52 -9.94
C ILE G 140 13.17 -5.68 -10.96
N PRO G 141 12.13 -6.09 -11.62
CA PRO G 141 11.44 -5.31 -12.59
C PRO G 141 10.73 -4.10 -12.08
N PRO G 142 10.61 -3.09 -12.85
CA PRO G 142 9.89 -1.86 -12.43
C PRO G 142 8.48 -2.11 -11.93
N ALA G 143 7.87 -3.12 -12.51
CA ALA G 143 6.52 -3.50 -12.13
C ALA G 143 6.57 -4.02 -10.72
N TYR G 144 7.69 -4.46 -10.23
CA TYR G 144 7.77 -4.96 -8.83
C TYR G 144 8.31 -3.85 -7.97
N VAL G 145 9.28 -3.14 -8.49
CA VAL G 145 9.82 -2.02 -7.71
C VAL G 145 8.70 -1.10 -7.30
N LYS G 146 7.84 -0.64 -8.13
CA LYS G 146 6.73 0.30 -7.79
C LYS G 146 5.84 -0.15 -6.67
N THR G 147 6.01 -1.39 -6.23
CA THR G 147 5.14 -1.81 -5.13
C THR G 147 5.83 -1.63 -3.83
N PHE G 148 7.00 -1.06 -3.76
CA PHE G 148 7.71 -0.89 -2.46
C PHE G 148 7.72 0.55 -2.11
N GLN G 149 7.91 0.86 -0.88
CA GLN G 149 7.97 2.23 -0.45
C GLN G 149 9.42 2.62 -0.68
N GLY G 150 10.24 1.65 -0.29
CA GLY G 150 11.73 1.95 -0.36
C GLY G 150 12.08 2.86 0.87
N PRO G 151 13.20 3.56 0.78
CA PRO G 151 13.64 4.40 1.89
C PRO G 151 12.68 5.41 2.38
N PRO G 152 12.66 5.51 3.66
CA PRO G 152 11.80 6.53 4.30
C PRO G 152 12.06 7.86 3.57
N HIS G 153 13.32 8.16 3.37
CA HIS G 153 13.77 9.41 2.71
C HIS G 153 14.83 9.38 1.62
N GLY G 154 15.92 8.68 1.67
CA GLY G 154 16.91 8.73 0.56
C GLY G 154 17.77 10.00 0.62
N ILE G 155 18.91 9.89 -0.04
CA ILE G 155 19.95 10.84 -0.16
C ILE G 155 19.64 12.34 -0.23
N GLN G 156 18.81 12.67 -1.13
CA GLN G 156 18.51 14.13 -1.27
C GLN G 156 17.76 14.63 -0.12
N VAL G 157 16.67 13.95 0.26
CA VAL G 157 15.91 14.52 1.44
C VAL G 157 16.72 14.57 2.69
N GLU G 158 17.56 13.53 2.89
CA GLU G 158 18.42 13.49 4.10
C GLU G 158 19.32 14.73 4.08
N ARG G 159 19.92 14.92 2.94
CA ARG G 159 20.81 16.11 2.91
C ARG G 159 19.99 17.31 3.19
N ASP G 160 18.85 17.36 2.43
CA ASP G 160 17.98 18.56 2.54
C ASP G 160 17.51 18.85 3.96
N LYS G 161 17.36 17.86 4.76
CA LYS G 161 16.85 17.97 6.12
C LYS G 161 17.86 18.44 7.13
N LEU G 162 18.99 17.84 7.10
CA LEU G 162 20.16 18.09 7.96
C LEU G 162 20.90 19.28 7.34
N ASN G 163 20.48 19.71 6.16
CA ASN G 163 21.16 20.89 5.57
C ASN G 163 22.65 20.61 5.34
N LYS G 164 22.97 19.47 4.83
CA LYS G 164 24.39 19.21 4.61
C LYS G 164 24.80 18.77 3.23
N TYR G 165 25.65 19.62 2.62
CA TYR G 165 26.16 19.36 1.24
C TYR G 165 27.69 19.39 1.15
N GLY G 166 28.18 18.88 0.04
CA GLY G 166 29.48 18.70 -0.50
C GLY G 166 30.52 18.07 0.40
N ARG G 167 30.54 16.75 0.49
CA ARG G 167 31.45 15.99 1.30
C ARG G 167 30.68 14.89 2.10
N PRO G 168 31.48 13.89 2.33
CA PRO G 168 31.00 12.74 3.09
C PRO G 168 30.51 13.19 4.48
N LEU G 169 29.42 12.52 4.97
CA LEU G 169 28.87 12.87 6.33
C LEU G 169 29.79 12.14 7.33
N LEU G 170 30.07 12.70 8.50
CA LEU G 170 31.04 11.89 9.35
C LEU G 170 30.40 11.30 10.55
N GLY G 171 30.75 10.11 10.92
CA GLY G 171 30.17 9.50 12.16
C GLY G 171 31.13 8.56 12.95
N CYS G 172 30.64 8.27 14.18
CA CYS G 172 31.42 7.44 15.13
C CYS G 172 30.62 6.48 15.97
N THR G 173 30.93 5.25 16.16
CA THR G 173 30.21 4.31 16.98
C THR G 173 30.78 4.45 18.41
N ILE G 174 30.04 4.85 19.42
CA ILE G 174 30.61 4.88 20.72
C ILE G 174 31.16 3.49 21.04
N LYS G 175 32.29 3.40 21.80
CA LYS G 175 32.87 2.08 22.27
C LYS G 175 33.12 2.36 23.78
N PRO G 176 33.29 1.34 24.60
CA PRO G 176 33.24 -0.07 24.29
C PRO G 176 31.90 -0.53 23.74
N LYS G 177 31.86 -1.67 23.04
CA LYS G 177 30.56 -2.22 22.46
C LYS G 177 29.45 -2.22 23.50
N LEU G 178 29.55 -3.05 24.53
CA LEU G 178 28.57 -3.16 25.63
C LEU G 178 29.24 -2.74 26.89
N GLY G 179 28.64 -2.38 27.98
CA GLY G 179 29.17 -1.99 29.26
C GLY G 179 29.18 -0.58 29.65
N LEU G 180 28.90 0.38 28.90
CA LEU G 180 28.88 1.83 29.29
C LEU G 180 27.58 2.27 29.89
N SER G 181 27.46 3.23 30.82
CA SER G 181 26.14 3.55 31.41
C SER G 181 25.34 4.55 30.62
N ALA G 182 24.04 4.61 30.88
CA ALA G 182 23.16 5.52 30.14
C ALA G 182 23.96 6.83 30.05
N LYS G 183 24.28 7.39 31.17
CA LYS G 183 25.03 8.67 31.28
C LYS G 183 26.38 8.81 30.66
N ASN G 184 27.19 7.80 30.73
CA ASN G 184 28.56 7.85 30.10
C ASN G 184 28.31 7.93 28.62
N TYR G 185 27.30 7.16 28.19
CA TYR G 185 27.01 7.14 26.76
C TYR G 185 26.75 8.59 26.28
N GLY G 186 25.96 9.29 27.04
CA GLY G 186 25.63 10.65 26.66
C GLY G 186 26.92 11.51 26.57
N ARG G 187 27.66 11.34 27.63
CA ARG G 187 28.91 12.13 27.79
C ARG G 187 29.72 11.88 26.50
N ALA G 188 29.97 10.59 26.35
CA ALA G 188 30.79 10.26 25.17
C ALA G 188 30.23 10.90 23.93
N VAL G 189 28.87 10.85 23.74
CA VAL G 189 28.17 11.38 22.52
C VAL G 189 28.45 12.85 22.26
N TYR G 190 28.18 13.69 23.20
CA TYR G 190 28.35 15.11 23.25
C TYR G 190 29.81 15.43 22.92
N GLU G 191 30.60 14.60 23.64
CA GLU G 191 32.08 14.89 23.40
C GLU G 191 32.39 14.62 21.97
N CYS G 192 31.99 13.48 21.38
CA CYS G 192 32.32 13.28 19.93
C CYS G 192 31.62 14.34 19.09
N LEU G 193 30.38 14.57 19.32
CA LEU G 193 29.71 15.53 18.44
C LEU G 193 30.24 16.97 18.42
N ARG G 194 30.49 17.60 19.56
CA ARG G 194 31.00 19.00 19.59
C ARG G 194 32.31 19.20 18.79
N GLY G 195 33.04 18.10 18.66
CA GLY G 195 34.31 18.02 17.93
C GLY G 195 34.10 18.28 16.43
N GLY G 196 32.92 17.87 15.90
CA GLY G 196 32.69 18.10 14.46
C GLY G 196 32.27 16.85 13.72
N LEU G 197 31.79 15.82 14.41
CA LEU G 197 31.24 14.60 13.73
C LEU G 197 29.75 15.04 13.50
N ASP G 198 29.12 14.47 12.51
CA ASP G 198 27.71 14.76 12.18
C ASP G 198 26.76 13.89 12.98
N PHE G 199 27.21 12.71 13.31
CA PHE G 199 26.46 11.70 14.03
C PHE G 199 27.29 10.78 14.91
N THR G 200 26.66 10.33 15.92
CA THR G 200 27.32 9.31 16.78
C THR G 200 26.30 8.16 16.73
N LYS G 201 26.49 6.95 17.13
CA LYS G 201 25.54 5.96 17.14
C LYS G 201 25.72 4.84 18.05
N ASP G 202 24.62 4.10 18.21
CA ASP G 202 24.64 2.93 19.11
C ASP G 202 25.33 1.82 18.29
N ASP G 203 26.00 0.99 19.07
CA ASP G 203 26.68 -0.14 18.40
C ASP G 203 25.37 -0.96 18.15
N GLU G 204 25.45 -1.68 17.07
CA GLU G 204 24.44 -2.58 16.62
C GLU G 204 23.98 -3.54 17.70
N ASN G 205 24.66 -3.77 18.77
CA ASN G 205 24.13 -4.71 19.81
C ASN G 205 23.78 -3.90 21.03
N VAL G 206 23.73 -2.63 20.91
CA VAL G 206 23.31 -1.86 22.11
C VAL G 206 21.79 -1.75 21.87
N ASN G 207 21.04 -2.49 22.64
CA ASN G 207 19.52 -2.51 22.53
C ASN G 207 19.06 -2.05 23.93
N SER G 208 18.77 -2.92 24.80
CA SER G 208 18.33 -2.56 26.18
C SER G 208 18.76 -3.76 27.06
N GLN G 209 19.76 -3.47 27.89
CA GLN G 209 20.40 -4.48 28.78
C GLN G 209 20.55 -3.97 30.17
N PRO G 210 20.83 -4.84 31.09
CA PRO G 210 21.01 -4.53 32.53
C PRO G 210 22.02 -3.40 32.74
N PHE G 211 23.06 -3.34 31.97
CA PHE G 211 23.95 -2.19 32.17
C PHE G 211 23.38 -0.86 31.77
N MET G 212 22.64 -0.74 30.75
CA MET G 212 22.02 0.49 30.15
C MET G 212 20.69 0.14 29.42
N ARG G 213 19.65 0.84 29.93
CA ARG G 213 18.29 0.57 29.36
C ARG G 213 18.00 1.57 28.26
N TRP G 214 17.39 1.07 27.14
CA TRP G 214 17.15 1.91 26.02
C TRP G 214 16.56 3.24 26.38
N ARG G 215 15.59 3.28 27.24
CA ARG G 215 14.91 4.59 27.51
C ARG G 215 15.84 5.55 28.19
N ASP G 216 16.79 5.06 29.03
CA ASP G 216 17.75 5.89 29.72
C ASP G 216 18.72 6.37 28.64
N ARG G 217 19.28 5.46 27.87
CA ARG G 217 20.26 5.95 26.83
C ARG G 217 19.63 7.04 25.92
N PHE G 218 18.39 6.75 25.48
CA PHE G 218 17.72 7.67 24.57
C PHE G 218 17.56 9.05 25.19
N LEU G 219 17.21 9.11 26.44
CA LEU G 219 16.99 10.42 27.11
C LEU G 219 18.28 11.23 27.24
N PHE G 220 19.34 10.51 27.64
CA PHE G 220 20.60 11.26 27.77
C PHE G 220 21.21 11.51 26.37
N CYS G 221 21.25 10.55 25.45
CA CYS G 221 21.91 11.00 24.21
C CYS G 221 21.09 12.18 23.65
N ALA G 222 19.86 12.38 24.03
CA ALA G 222 19.10 13.49 23.40
C ALA G 222 19.66 14.80 23.99
N GLU G 223 19.83 14.69 25.28
CA GLU G 223 20.39 15.84 26.03
C GLU G 223 21.73 16.27 25.37
N ALA G 224 22.59 15.36 25.18
CA ALA G 224 23.88 15.51 24.64
C ALA G 224 23.87 15.99 23.22
N LEU G 225 23.14 15.31 22.37
CA LEU G 225 23.20 15.86 20.98
C LEU G 225 22.63 17.26 20.95
N TYR G 226 21.66 17.52 21.80
CA TYR G 226 21.12 18.88 21.75
C TYR G 226 22.20 19.87 22.19
N LYS G 227 22.99 19.48 23.14
CA LYS G 227 24.09 20.34 23.67
C LYS G 227 25.11 20.58 22.54
N ALA G 228 25.62 19.51 21.95
CA ALA G 228 26.57 19.57 20.87
C ALA G 228 26.03 20.32 19.67
N GLN G 229 24.74 20.38 19.46
CA GLN G 229 24.27 21.10 18.20
C GLN G 229 24.19 22.57 18.45
N ALA G 230 23.83 22.92 19.66
CA ALA G 230 23.77 24.33 20.03
C ALA G 230 25.18 25.00 19.97
N GLU G 231 26.12 24.26 20.51
CA GLU G 231 27.47 24.61 20.64
C GLU G 231 28.04 24.86 19.27
N THR G 232 28.03 23.84 18.45
CA THR G 232 28.62 24.03 17.14
C THR G 232 27.76 24.82 16.20
N GLY G 233 26.43 24.76 16.31
CA GLY G 233 25.64 25.56 15.26
C GLY G 233 25.56 24.66 13.97
N GLU G 234 25.68 23.33 14.15
CA GLU G 234 25.52 22.43 12.96
C GLU G 234 24.61 21.25 13.45
N ILE G 235 23.59 21.02 12.63
CA ILE G 235 22.62 19.98 12.98
C ILE G 235 23.40 18.73 13.27
N LYS G 236 23.03 18.12 14.40
CA LYS G 236 23.69 16.85 14.82
C LYS G 236 22.62 15.80 14.92
N GLY G 237 23.00 14.57 15.10
CA GLY G 237 22.03 13.41 15.23
C GLY G 237 22.87 12.29 15.89
N HIS G 238 22.16 11.43 16.59
CA HIS G 238 22.76 10.27 17.22
C HIS G 238 21.92 9.10 16.80
N TYR G 239 22.29 8.11 16.04
CA TYR G 239 21.49 6.92 15.70
C TYR G 239 21.07 6.18 16.96
N LEU G 240 19.82 6.18 17.31
CA LEU G 240 19.25 5.48 18.47
C LEU G 240 18.74 4.10 17.97
N ASN G 241 19.33 3.06 18.42
CA ASN G 241 18.99 1.66 18.06
C ASN G 241 17.62 1.20 18.53
N ALA G 242 16.69 0.96 17.68
CA ALA G 242 15.31 0.51 17.95
C ALA G 242 15.19 -0.99 17.76
N THR G 243 16.31 -1.62 17.43
CA THR G 243 16.23 -3.11 17.21
C THR G 243 15.66 -3.70 18.52
N ALA G 244 14.69 -4.52 18.45
CA ALA G 244 14.14 -5.10 19.64
C ALA G 244 13.77 -6.54 19.36
N GLY G 245 13.13 -7.14 20.34
CA GLY G 245 12.78 -8.56 20.28
C GLY G 245 11.49 -8.88 19.76
N THR G 246 10.60 -7.91 19.76
CA THR G 246 9.18 -7.93 19.27
C THR G 246 8.91 -6.64 18.48
N CYS G 247 7.95 -6.72 17.50
CA CYS G 247 7.61 -5.52 16.72
C CYS G 247 7.07 -4.43 17.68
N GLU G 248 6.20 -4.75 18.54
CA GLU G 248 5.66 -3.87 19.52
C GLU G 248 6.76 -3.15 20.25
N GLU G 249 7.81 -3.88 20.61
CA GLU G 249 8.95 -3.24 21.40
C GLU G 249 9.65 -2.26 20.45
N MET G 250 9.93 -2.75 19.30
CA MET G 250 10.57 -2.00 18.27
C MET G 250 9.87 -0.69 17.95
N ILE G 251 8.58 -0.73 17.76
CA ILE G 251 7.84 0.51 17.42
C ILE G 251 7.85 1.40 18.59
N LYS G 252 7.67 0.85 19.72
CA LYS G 252 7.63 1.61 21.01
C LYS G 252 8.74 2.55 21.29
N ARG G 253 9.92 2.16 20.86
CA ARG G 253 11.26 2.86 20.98
C ARG G 253 11.29 3.97 19.93
N ALA G 254 10.88 3.56 18.69
CA ALA G 254 10.86 4.50 17.55
C ALA G 254 9.92 5.59 18.02
N VAL G 255 8.84 5.19 18.61
CA VAL G 255 7.93 6.24 19.13
C VAL G 255 8.55 7.24 20.09
N PHE G 256 9.45 6.88 20.97
CA PHE G 256 10.10 7.79 21.95
C PHE G 256 11.02 8.77 21.26
N ALA G 257 11.81 8.18 20.30
CA ALA G 257 12.77 8.99 19.53
C ALA G 257 11.84 10.08 19.00
N ARG G 258 10.75 9.71 18.28
CA ARG G 258 9.84 10.77 17.81
C ARG G 258 9.46 11.81 18.88
N GLU G 259 9.18 11.32 20.12
CA GLU G 259 8.77 12.22 21.20
C GLU G 259 9.84 13.23 21.48
N LEU G 260 11.11 12.74 21.40
CA LEU G 260 12.26 13.63 21.72
C LEU G 260 12.57 14.62 20.62
N GLY G 261 12.11 14.50 19.39
CA GLY G 261 12.40 15.43 18.29
C GLY G 261 13.67 15.08 17.55
N VAL G 262 14.38 14.05 18.07
CA VAL G 262 15.66 13.60 17.43
C VAL G 262 15.42 13.19 16.02
N PRO G 263 16.42 13.27 15.21
CA PRO G 263 16.28 12.97 13.78
C PRO G 263 16.55 11.63 13.20
N ILE G 264 17.25 10.72 13.92
CA ILE G 264 17.48 9.38 13.17
C ILE G 264 17.56 8.35 14.19
N VAL G 265 17.11 7.19 13.79
CA VAL G 265 16.99 5.89 14.53
C VAL G 265 17.74 4.87 13.64
N MET G 266 17.85 3.70 14.18
CA MET G 266 18.71 2.67 13.48
C MET G 266 18.12 1.34 13.64
N HIS G 267 18.45 0.41 12.83
CA HIS G 267 17.82 -0.96 13.00
C HIS G 267 18.65 -2.03 12.39
N ASP G 268 18.91 -3.12 13.03
CA ASP G 268 19.75 -4.21 12.48
C ASP G 268 18.78 -5.04 11.59
N TYR G 269 18.77 -4.63 10.28
CA TYR G 269 17.80 -5.35 9.42
C TYR G 269 17.86 -6.84 9.29
N LEU G 270 19.03 -7.41 9.37
CA LEU G 270 19.05 -8.90 9.19
C LEU G 270 18.77 -9.62 10.49
N THR G 271 19.11 -9.18 11.66
CA THR G 271 18.86 -9.88 12.92
C THR G 271 17.46 -9.57 13.37
N GLY G 272 17.03 -8.40 12.86
CA GLY G 272 15.62 -7.93 13.16
C GLY G 272 14.61 -8.68 12.28
N GLY G 273 14.92 -8.63 11.03
CA GLY G 273 14.25 -9.27 9.91
C GLY G 273 13.54 -8.30 9.01
N PHE G 274 13.29 -8.81 7.83
CA PHE G 274 12.63 -8.01 6.82
C PHE G 274 11.25 -7.67 7.30
N THR G 275 10.48 -8.53 7.85
CA THR G 275 9.12 -8.20 8.28
C THR G 275 9.22 -7.05 9.26
N ALA G 276 10.04 -7.08 10.24
CA ALA G 276 10.13 -5.98 11.18
C ALA G 276 10.70 -4.74 10.56
N ASN G 277 11.67 -4.86 9.68
CA ASN G 277 12.31 -3.66 9.07
C ASN G 277 11.27 -2.87 8.33
N THR G 278 10.58 -3.57 7.41
CA THR G 278 9.54 -2.99 6.60
C THR G 278 8.58 -2.16 7.44
N SER G 279 8.31 -2.64 8.56
CA SER G 279 7.39 -1.96 9.48
C SER G 279 8.07 -0.70 9.94
N LEU G 280 9.30 -0.71 10.32
CA LEU G 280 9.99 0.44 10.82
C LEU G 280 10.18 1.46 9.71
N ALA G 281 10.43 0.93 8.50
CA ALA G 281 10.61 1.94 7.38
C ALA G 281 9.28 2.68 7.22
N HIS G 282 8.18 1.95 7.30
CA HIS G 282 6.90 2.67 7.19
C HIS G 282 6.72 3.67 8.30
N TYR G 283 6.99 3.21 9.53
CA TYR G 283 6.85 4.09 10.72
C TYR G 283 7.74 5.33 10.56
N CYS G 284 8.91 5.14 9.96
CA CYS G 284 9.81 6.34 9.84
C CYS G 284 9.34 7.36 8.84
N ARG G 285 8.81 6.77 7.78
CA ARG G 285 8.31 7.56 6.68
C ARG G 285 7.24 8.49 7.24
N ASP G 286 6.29 7.94 7.94
CA ASP G 286 5.13 8.68 8.43
C ASP G 286 5.43 9.59 9.56
N ASN G 287 6.55 9.34 10.17
CA ASN G 287 6.95 10.15 11.30
C ASN G 287 8.16 11.00 11.11
N GLY G 288 8.75 10.98 9.98
CA GLY G 288 9.87 11.70 9.60
C GLY G 288 11.16 11.44 10.23
N LEU G 289 11.55 10.31 10.64
CA LEU G 289 12.84 9.95 11.20
C LEU G 289 13.65 9.42 10.03
N LEU G 290 14.95 9.49 10.15
CA LEU G 290 15.87 8.93 9.01
C LEU G 290 16.18 7.60 9.62
N LEU G 291 16.35 6.57 8.91
CA LEU G 291 16.60 5.24 9.55
C LEU G 291 17.93 4.77 9.04
N HIS G 292 18.77 4.28 9.90
CA HIS G 292 20.11 3.79 9.55
C HIS G 292 20.11 2.29 9.58
N ILE G 293 20.46 1.61 8.55
CA ILE G 293 20.41 0.15 8.57
C ILE G 293 21.77 -0.40 8.92
N HIS G 294 21.84 -1.42 9.77
CA HIS G 294 23.16 -1.98 10.22
C HIS G 294 23.14 -3.36 9.64
N ARG G 295 24.18 -3.88 8.98
CA ARG G 295 23.94 -5.24 8.40
C ARG G 295 24.42 -6.41 9.18
N ALA G 296 24.34 -6.28 10.51
CA ALA G 296 24.80 -7.47 11.39
C ALA G 296 24.32 -8.76 10.81
N MET G 297 25.01 -9.86 10.95
CA MET G 297 24.78 -11.21 10.51
C MET G 297 25.08 -11.49 9.03
N HIS G 298 25.15 -10.45 8.26
CA HIS G 298 25.36 -10.53 6.85
C HIS G 298 26.46 -11.45 6.37
N ALA G 299 27.62 -11.21 6.92
CA ALA G 299 28.79 -12.08 6.45
C ALA G 299 28.55 -13.57 6.73
N VAL G 300 27.53 -13.89 7.52
CA VAL G 300 27.23 -15.26 7.75
C VAL G 300 26.73 -15.73 6.38
N ILE G 301 26.11 -14.86 5.59
CA ILE G 301 25.55 -15.25 4.32
C ILE G 301 26.32 -14.95 3.08
N ASP G 302 27.00 -13.82 3.19
CA ASP G 302 27.71 -13.32 2.03
C ASP G 302 29.19 -13.45 1.90
N ARG G 303 29.86 -14.28 2.66
CA ARG G 303 31.32 -14.44 2.49
C ARG G 303 31.79 -15.44 1.48
N GLN G 304 31.62 -16.71 1.56
CA GLN G 304 32.05 -17.79 0.63
C GLN G 304 31.63 -17.61 -0.77
N LYS G 305 32.46 -17.62 -1.76
CA LYS G 305 32.14 -17.38 -3.17
C LYS G 305 31.37 -18.47 -3.80
N ASN G 306 31.19 -19.57 -3.10
CA ASN G 306 30.50 -20.76 -3.60
C ASN G 306 29.12 -21.11 -3.05
N HIS G 307 28.77 -20.58 -1.91
CA HIS G 307 27.46 -20.87 -1.27
C HIS G 307 26.95 -19.62 -0.56
N GLY G 308 25.67 -19.36 -0.68
CA GLY G 308 25.04 -18.21 0.00
C GLY G 308 24.35 -17.16 -0.89
N ILE G 309 24.25 -15.97 -0.33
CA ILE G 309 23.64 -14.86 -1.03
C ILE G 309 24.67 -13.73 -1.09
N HIS G 310 24.94 -13.15 -2.23
CA HIS G 310 25.89 -12.07 -2.40
C HIS G 310 25.34 -10.81 -1.82
N PHE G 311 26.19 -9.96 -1.25
CA PHE G 311 25.69 -8.69 -0.60
C PHE G 311 24.97 -7.80 -1.56
N ARG G 312 25.47 -7.77 -2.79
CA ARG G 312 24.71 -6.85 -3.77
C ARG G 312 23.27 -7.27 -3.64
N VAL G 313 22.87 -8.52 -3.62
CA VAL G 313 21.40 -8.83 -3.40
C VAL G 313 20.89 -8.33 -2.04
N LEU G 314 21.64 -8.65 -0.98
CA LEU G 314 21.18 -8.18 0.35
C LEU G 314 20.94 -6.70 0.20
N ALA G 315 21.81 -6.03 -0.49
CA ALA G 315 21.69 -4.51 -0.59
C ALA G 315 20.45 -4.14 -1.34
N LYS G 316 20.21 -4.75 -2.48
CA LYS G 316 19.00 -4.45 -3.26
C LYS G 316 17.79 -4.57 -2.33
N ALA G 317 17.61 -5.77 -1.73
CA ALA G 317 16.57 -6.11 -0.80
C ALA G 317 16.24 -4.99 0.16
N LEU G 318 17.27 -4.28 0.64
CA LEU G 318 17.10 -3.21 1.65
C LEU G 318 16.59 -1.98 0.93
N ARG G 319 17.16 -1.66 -0.21
CA ARG G 319 16.58 -0.43 -0.91
C ARG G 319 15.14 -0.72 -1.14
N MET G 320 14.76 -1.93 -1.16
CA MET G 320 13.34 -2.27 -1.37
C MET G 320 12.55 -2.18 -0.11
N SER G 321 12.93 -2.88 0.91
CA SER G 321 12.20 -2.84 2.21
C SER G 321 12.26 -1.48 2.88
N GLY G 322 13.34 -0.72 2.95
CA GLY G 322 13.44 0.52 3.55
C GLY G 322 14.64 0.84 4.42
N GLY G 323 15.32 1.93 4.06
CA GLY G 323 16.50 2.40 4.76
C GLY G 323 17.11 3.64 3.99
N ASP G 324 17.48 4.60 4.90
CA ASP G 324 18.09 5.83 4.41
C ASP G 324 19.60 5.54 4.21
N HIS G 325 20.29 4.88 5.10
CA HIS G 325 21.66 4.51 5.05
C HIS G 325 21.82 3.01 5.14
N ILE G 326 22.84 2.43 4.56
CA ILE G 326 23.18 0.99 4.63
C ILE G 326 24.76 1.05 4.61
N HIS G 327 25.26 0.12 5.35
CA HIS G 327 26.69 -0.06 5.57
C HIS G 327 27.04 -0.82 4.27
N SER G 328 28.02 -0.25 3.57
CA SER G 328 28.49 -0.75 2.31
C SER G 328 29.87 -1.33 2.36
N GLY G 329 30.61 -1.22 3.47
CA GLY G 329 32.01 -1.82 3.51
C GLY G 329 33.07 -0.75 3.37
N THR G 330 34.35 -1.00 3.63
CA THR G 330 35.39 0.03 3.49
C THR G 330 36.56 -0.29 2.55
N VAL G 331 36.71 -1.47 2.12
CA VAL G 331 37.74 -1.95 1.18
C VAL G 331 39.01 -2.05 1.97
N VAL G 332 39.48 -0.95 2.41
CA VAL G 332 40.62 -0.58 3.20
C VAL G 332 40.61 -0.71 4.68
N GLY G 333 39.76 -1.44 5.35
CA GLY G 333 39.73 -1.54 6.85
C GLY G 333 39.66 -2.93 7.44
N LYS G 334 39.16 -2.99 8.71
CA LYS G 334 39.07 -4.28 9.44
C LYS G 334 38.26 -5.43 8.92
N LEU G 335 37.26 -5.21 8.05
CA LEU G 335 36.51 -6.43 7.54
C LEU G 335 36.57 -6.66 6.06
N GLU G 336 36.38 -7.82 5.53
CA GLU G 336 36.47 -8.12 4.10
C GLU G 336 35.75 -7.29 3.10
N GLY G 337 36.27 -7.19 1.86
CA GLY G 337 35.57 -6.37 0.83
C GLY G 337 36.42 -5.80 -0.27
N GLU G 338 36.13 -6.29 -1.50
CA GLU G 338 36.91 -5.74 -2.61
C GLU G 338 36.19 -4.60 -3.34
N ARG G 339 37.03 -3.61 -3.71
CA ARG G 339 36.84 -2.40 -4.40
C ARG G 339 35.92 -2.43 -5.59
N ASP G 340 36.17 -3.30 -6.51
CA ASP G 340 35.29 -3.28 -7.73
C ASP G 340 33.85 -3.68 -7.43
N ILE G 341 33.81 -4.80 -6.72
CA ILE G 341 32.51 -5.32 -6.28
C ILE G 341 31.80 -4.21 -5.48
N THR G 342 32.47 -3.70 -4.45
CA THR G 342 31.86 -2.65 -3.67
C THR G 342 31.38 -1.55 -4.59
N LEU G 343 32.21 -1.10 -5.50
CA LEU G 343 31.75 0.02 -6.37
C LEU G 343 30.41 -0.29 -7.07
N GLY G 344 30.37 -1.58 -7.46
CA GLY G 344 29.24 -2.12 -8.18
C GLY G 344 27.98 -1.90 -7.40
N PHE G 345 28.04 -2.53 -6.19
CA PHE G 345 26.79 -2.45 -5.36
C PHE G 345 26.56 -1.07 -4.84
N VAL G 346 27.57 -0.28 -4.77
CA VAL G 346 27.24 1.09 -4.19
C VAL G 346 26.40 1.85 -5.19
N ASP G 347 26.60 1.49 -6.46
CA ASP G 347 25.78 2.23 -7.51
C ASP G 347 24.38 1.66 -7.46
N LEU G 348 24.35 0.35 -7.11
CA LEU G 348 23.05 -0.37 -6.99
C LEU G 348 22.32 0.31 -5.85
N LEU G 349 22.98 0.77 -4.83
CA LEU G 349 22.38 1.46 -3.70
C LEU G 349 21.98 2.89 -3.99
N ARG G 350 22.79 3.63 -4.67
CA ARG G 350 22.40 5.05 -4.94
C ARG G 350 21.83 5.43 -6.31
N ASP G 351 22.16 4.75 -7.39
CA ASP G 351 21.66 5.24 -8.69
C ASP G 351 20.29 4.95 -9.08
N ASP G 352 19.91 5.68 -10.23
CA ASP G 352 18.52 5.39 -10.68
C ASP G 352 18.44 4.16 -11.60
N PHE G 353 19.41 3.97 -12.38
CA PHE G 353 19.60 2.97 -13.38
C PHE G 353 21.11 2.62 -13.39
N VAL G 354 21.26 1.31 -13.39
CA VAL G 354 22.62 0.78 -13.39
C VAL G 354 22.63 -0.30 -14.44
N GLU G 355 23.52 0.01 -15.30
CA GLU G 355 23.78 -0.85 -16.48
C GLU G 355 24.53 -2.08 -16.07
N GLN G 356 24.22 -3.18 -16.61
CA GLN G 356 24.87 -4.49 -16.35
C GLN G 356 26.38 -4.43 -16.49
N ASP G 357 27.19 -4.92 -15.58
CA ASP G 357 28.66 -4.83 -15.80
C ASP G 357 29.37 -5.95 -15.09
N ARG G 358 29.40 -7.06 -15.81
CA ARG G 358 30.05 -8.28 -15.23
C ARG G 358 31.39 -8.03 -14.59
N SER G 359 32.01 -6.96 -15.07
CA SER G 359 33.37 -6.63 -14.57
C SER G 359 33.08 -6.52 -13.07
N ARG G 360 32.28 -5.57 -12.69
CA ARG G 360 31.91 -5.33 -11.34
C ARG G 360 30.89 -6.23 -10.74
N GLY G 361 30.69 -7.44 -11.24
CA GLY G 361 29.73 -8.37 -10.64
C GLY G 361 28.29 -7.99 -10.82
N ILE G 362 27.89 -7.02 -11.61
CA ILE G 362 26.47 -6.70 -11.80
C ILE G 362 25.97 -7.55 -12.96
N TYR G 363 25.31 -8.64 -12.74
CA TYR G 363 24.79 -9.47 -13.82
C TYR G 363 23.56 -8.98 -14.58
N PHE G 364 22.85 -7.98 -14.15
CA PHE G 364 21.64 -7.48 -14.75
C PHE G 364 21.54 -5.96 -14.60
N THR G 365 20.90 -5.41 -15.61
CA THR G 365 20.69 -3.95 -15.65
C THR G 365 19.61 -3.77 -14.62
N GLN G 366 19.80 -2.84 -13.70
CA GLN G 366 18.71 -2.62 -12.69
C GLN G 366 18.02 -1.27 -12.90
N ASP G 367 16.74 -1.22 -13.13
CA ASP G 367 16.17 0.13 -13.27
C ASP G 367 15.32 0.38 -12.01
N TRP G 368 15.60 1.36 -11.19
CA TRP G 368 14.91 1.66 -10.00
C TRP G 368 13.75 2.62 -10.14
N VAL G 369 13.22 2.93 -11.27
CA VAL G 369 12.11 3.80 -11.46
C VAL G 369 11.86 4.68 -10.26
N SER G 370 12.85 5.50 -10.07
CA SER G 370 12.93 6.54 -9.08
C SER G 370 12.75 6.16 -7.68
N LEU G 371 13.15 4.97 -7.27
CA LEU G 371 13.03 4.63 -5.82
C LEU G 371 14.27 5.43 -5.33
N PRO G 372 14.16 6.02 -4.17
CA PRO G 372 15.16 6.81 -3.52
C PRO G 372 16.44 6.00 -3.39
N GLY G 373 17.53 6.70 -3.31
CA GLY G 373 18.80 5.95 -3.20
C GLY G 373 19.13 6.08 -1.67
N VAL G 374 19.99 5.21 -1.30
CA VAL G 374 20.47 5.01 -0.01
C VAL G 374 21.92 5.43 0.06
N LEU G 375 22.34 6.11 1.06
CA LEU G 375 23.61 6.59 1.43
C LEU G 375 24.41 5.42 2.01
N PRO G 376 25.48 5.03 1.34
CA PRO G 376 26.35 3.91 1.81
C PRO G 376 27.17 4.38 2.97
N VAL G 377 27.42 3.46 3.89
CA VAL G 377 28.23 3.82 5.10
C VAL G 377 29.46 2.90 5.14
N ALA G 378 30.62 3.62 5.23
CA ALA G 378 31.99 3.08 5.32
C ALA G 378 32.33 3.12 6.82
N SER G 379 32.49 1.88 7.35
CA SER G 379 32.80 1.72 8.79
C SER G 379 33.63 0.53 9.18
N GLY G 380 34.38 0.77 10.30
CA GLY G 380 35.16 -0.44 10.79
C GLY G 380 36.61 -0.51 10.49
N GLY G 381 37.38 -0.24 11.57
CA GLY G 381 38.90 -0.24 11.52
C GLY G 381 39.39 0.80 10.51
N ILE G 382 38.97 2.05 10.52
CA ILE G 382 39.50 3.02 9.47
C ILE G 382 39.97 4.20 10.37
N HIS G 383 40.96 4.88 9.84
CA HIS G 383 41.53 6.05 10.54
C HIS G 383 42.00 7.07 9.51
N VAL G 384 42.34 8.18 10.08
CA VAL G 384 42.80 9.45 9.53
C VAL G 384 43.58 9.21 8.28
N TRP G 385 44.52 8.33 8.27
CA TRP G 385 45.32 8.01 7.09
C TRP G 385 44.51 7.33 6.04
N HIS G 386 43.18 7.19 6.18
CA HIS G 386 42.50 6.38 5.07
C HIS G 386 41.61 7.38 4.39
N MET G 387 41.56 8.49 5.06
CA MET G 387 40.64 9.51 4.58
C MET G 387 40.50 9.69 3.07
N PRO G 388 41.58 10.04 2.44
CA PRO G 388 41.67 10.30 1.03
C PRO G 388 41.30 9.12 0.14
N ALA G 389 41.44 7.92 0.67
CA ALA G 389 41.06 6.73 -0.14
C ALA G 389 39.54 6.61 -0.13
N LEU G 390 38.96 6.63 1.07
CA LEU G 390 37.50 6.54 1.31
C LEU G 390 36.88 7.64 0.47
N THR G 391 37.39 8.84 0.73
CA THR G 391 36.91 9.97 -0.02
C THR G 391 36.95 9.57 -1.47
N GLU G 392 38.03 9.05 -1.93
CA GLU G 392 38.15 8.65 -3.35
C GLU G 392 37.17 7.61 -3.84
N ILE G 393 37.19 6.45 -3.23
CA ILE G 393 36.36 5.35 -3.57
C ILE G 393 34.89 5.72 -3.42
N PHE G 394 34.52 6.36 -2.32
CA PHE G 394 33.07 6.68 -2.18
C PHE G 394 32.54 8.00 -2.63
N GLY G 395 33.15 9.15 -2.66
CA GLY G 395 32.50 10.38 -3.06
C GLY G 395 31.77 11.03 -1.89
N ASP G 396 31.26 12.22 -2.17
CA ASP G 396 30.57 12.94 -1.10
C ASP G 396 29.37 12.15 -0.56
N ASP G 397 28.63 11.44 -1.35
CA ASP G 397 27.43 10.71 -0.94
C ASP G 397 27.81 9.36 -0.31
N SER G 398 28.31 9.64 0.92
CA SER G 398 28.69 8.53 1.81
C SER G 398 28.78 9.04 3.24
N VAL G 399 28.73 8.06 4.17
CA VAL G 399 28.87 8.41 5.66
C VAL G 399 30.20 7.67 6.06
N LEU G 400 31.10 8.35 6.71
CA LEU G 400 32.39 7.65 7.06
C LEU G 400 32.45 7.65 8.58
N GLN G 401 32.55 6.43 9.14
CA GLN G 401 32.53 6.28 10.54
C GLN G 401 33.76 5.85 11.31
N PHE G 402 33.97 6.77 12.34
CA PHE G 402 35.13 6.58 13.26
C PHE G 402 34.81 6.24 14.71
N GLY G 403 34.87 4.85 14.82
CA GLY G 403 34.59 4.27 16.25
C GLY G 403 35.93 4.37 17.08
N GLY G 404 36.70 3.29 16.87
CA GLY G 404 37.98 3.22 17.52
C GLY G 404 38.74 4.54 17.18
N GLY G 405 38.67 4.80 15.85
CA GLY G 405 39.33 6.01 15.34
C GLY G 405 38.95 7.37 15.90
N THR G 406 37.98 7.49 16.78
CA THR G 406 37.53 8.71 17.40
C THR G 406 37.85 8.48 18.88
N LEU G 407 37.24 7.56 19.58
CA LEU G 407 37.50 7.33 21.02
C LEU G 407 38.92 6.80 21.32
N GLY G 408 39.62 6.56 20.23
CA GLY G 408 40.98 6.06 20.26
C GLY G 408 42.13 7.12 20.22
N HIS G 409 41.85 8.35 19.93
CA HIS G 409 42.71 9.53 19.88
C HIS G 409 43.19 9.87 21.32
N PRO G 410 44.47 10.11 21.40
CA PRO G 410 45.22 10.42 22.57
C PRO G 410 44.68 11.54 23.44
N TRP G 411 43.93 12.46 22.84
CA TRP G 411 43.42 13.54 23.73
C TRP G 411 41.91 13.40 23.99
N GLY G 412 41.31 12.22 23.68
CA GLY G 412 39.86 12.07 23.92
C GLY G 412 39.03 12.43 22.70
N ASN G 413 37.74 12.21 22.81
CA ASN G 413 36.70 12.40 21.77
C ASN G 413 36.69 13.73 21.03
N ALA G 414 36.42 14.85 21.67
CA ALA G 414 36.37 16.20 20.98
C ALA G 414 37.47 16.34 19.96
N PRO G 415 38.71 16.24 20.46
CA PRO G 415 39.91 16.29 19.64
C PRO G 415 39.85 15.24 18.54
N GLY G 416 39.60 13.97 18.94
CA GLY G 416 39.50 12.87 17.92
C GLY G 416 38.50 13.16 16.78
N ALA G 417 37.47 13.91 17.16
CA ALA G 417 36.47 14.32 16.17
C ALA G 417 37.16 15.31 15.19
N VAL G 418 37.58 16.42 15.80
CA VAL G 418 38.28 17.51 15.09
C VAL G 418 39.33 16.98 14.11
N ALA G 419 40.16 16.04 14.55
CA ALA G 419 41.15 15.38 13.71
C ALA G 419 40.50 14.91 12.41
N ASN G 420 39.46 14.07 12.47
CA ASN G 420 38.70 13.47 11.36
C ASN G 420 38.00 14.51 10.51
N ARG G 421 37.38 15.44 11.23
CA ARG G 421 36.66 16.48 10.42
C ARG G 421 37.70 17.21 9.53
N VAL G 422 38.90 17.53 10.09
CA VAL G 422 39.91 18.24 9.31
C VAL G 422 40.46 17.34 8.19
N ALA G 423 40.74 16.11 8.64
CA ALA G 423 41.31 15.13 7.63
C ALA G 423 40.54 15.08 6.32
N LEU G 424 39.19 14.98 6.58
CA LEU G 424 38.22 14.96 5.48
C LEU G 424 38.11 16.34 4.80
N GLU G 425 37.86 17.43 5.52
CA GLU G 425 37.75 18.70 4.74
C GLU G 425 38.99 18.87 3.86
N ALA G 426 40.11 18.51 4.51
CA ALA G 426 41.44 18.57 3.86
C ALA G 426 41.36 17.87 2.53
N CYS G 427 41.03 16.56 2.60
CA CYS G 427 40.92 15.73 1.40
C CYS G 427 39.94 16.33 0.44
N VAL G 428 38.86 16.83 1.07
CA VAL G 428 37.82 17.42 0.10
C VAL G 428 38.37 18.56 -0.69
N LYS G 429 39.12 19.45 -0.01
CA LYS G 429 39.67 20.65 -0.81
C LYS G 429 40.72 20.24 -1.82
N ALA G 430 41.51 19.25 -1.42
CA ALA G 430 42.63 18.77 -2.31
C ALA G 430 41.99 18.38 -3.62
N ARG G 431 40.94 17.56 -3.33
CA ARG G 431 40.13 17.07 -4.48
C ARG G 431 39.64 18.24 -5.35
N ASN G 432 38.96 19.16 -4.71
CA ASN G 432 38.39 20.30 -5.43
C ASN G 432 39.47 21.10 -6.12
N GLU G 433 40.64 21.34 -5.54
CA GLU G 433 41.67 22.14 -6.20
C GLU G 433 42.26 21.38 -7.42
N GLY G 434 41.86 20.14 -7.50
CA GLY G 434 42.31 19.26 -8.56
C GLY G 434 43.38 18.31 -8.08
N ARG G 435 43.66 18.19 -6.82
CA ARG G 435 44.75 17.17 -6.47
C ARG G 435 44.26 15.78 -6.77
N ASP G 436 45.04 14.72 -6.65
CA ASP G 436 44.58 13.36 -6.97
C ASP G 436 44.63 12.54 -5.68
N LEU G 437 43.50 12.46 -5.03
CA LEU G 437 43.43 11.64 -3.77
C LEU G 437 44.13 10.30 -3.97
N ALA G 438 44.05 9.62 -5.07
CA ALA G 438 44.72 8.33 -5.19
C ALA G 438 46.24 8.52 -5.22
N GLN G 439 46.80 9.26 -6.20
CA GLN G 439 48.31 9.41 -6.16
C GLN G 439 48.71 10.28 -4.96
N GLU G 440 48.40 11.53 -4.98
CA GLU G 440 48.71 12.51 -3.98
C GLU G 440 48.23 12.37 -2.57
N GLY G 441 47.44 11.34 -2.40
CA GLY G 441 46.78 11.02 -1.09
C GLY G 441 47.61 11.51 0.09
N ASN G 442 48.50 10.62 0.44
CA ASN G 442 49.44 10.65 1.50
C ASN G 442 50.13 11.93 1.91
N GLU G 443 50.28 12.81 0.94
CA GLU G 443 50.92 14.07 1.33
C GLU G 443 49.88 14.94 2.00
N ILE G 444 48.78 15.00 1.31
CA ILE G 444 47.59 15.75 1.72
C ILE G 444 47.24 15.66 3.21
N ILE G 445 47.05 14.43 3.68
CA ILE G 445 46.69 14.41 5.14
C ILE G 445 47.98 14.75 5.84
N ARG G 446 49.09 14.20 5.32
CA ARG G 446 50.44 14.48 5.88
C ARG G 446 50.82 15.94 6.15
N GLU G 447 50.36 16.72 5.21
CA GLU G 447 50.44 18.15 5.10
C GLU G 447 49.64 18.90 6.18
N ALA G 448 48.40 18.39 6.29
CA ALA G 448 47.36 18.88 7.23
C ALA G 448 47.68 18.45 8.67
N CYS G 449 48.35 17.29 8.77
CA CYS G 449 48.76 16.82 10.11
C CYS G 449 49.61 17.96 10.71
N LYS G 450 50.48 18.44 9.79
CA LYS G 450 51.39 19.58 10.16
C LYS G 450 50.61 20.77 10.71
N TRP G 451 49.57 21.24 10.09
CA TRP G 451 48.88 22.44 10.65
C TRP G 451 47.87 22.22 11.74
N SER G 452 47.47 20.98 11.99
CA SER G 452 46.47 20.68 13.02
C SER G 452 46.99 19.83 14.18
N PRO G 453 47.03 20.45 15.35
CA PRO G 453 47.52 19.80 16.57
C PRO G 453 46.75 18.54 16.82
N GLU G 454 45.37 18.67 16.68
CA GLU G 454 44.55 17.45 16.91
C GLU G 454 44.84 16.53 15.73
N LEU G 455 44.75 17.08 14.53
CA LEU G 455 45.03 16.10 13.43
C LEU G 455 46.35 15.36 13.59
N ALA G 456 47.39 16.10 13.97
CA ALA G 456 48.76 15.56 14.19
C ALA G 456 48.79 14.35 15.16
N ALA G 457 48.32 14.67 16.37
CA ALA G 457 48.24 13.66 17.45
C ALA G 457 47.75 12.28 16.93
N ALA G 458 46.74 12.43 16.01
CA ALA G 458 46.09 11.30 15.35
C ALA G 458 47.09 10.55 14.47
N CYS G 459 47.57 11.31 13.46
CA CYS G 459 48.54 10.81 12.47
C CYS G 459 49.63 9.94 13.06
N GLU G 460 50.18 10.55 14.13
CA GLU G 460 51.31 9.85 14.82
C GLU G 460 50.95 8.48 15.30
N VAL G 461 49.78 8.47 15.92
CA VAL G 461 49.20 7.25 16.50
C VAL G 461 48.90 6.09 15.55
N TRP G 462 48.20 6.48 14.45
CA TRP G 462 47.81 5.35 13.55
C TRP G 462 48.63 5.26 12.32
N LYS G 463 49.72 5.98 12.28
CA LYS G 463 50.59 5.99 11.06
C LYS G 463 50.86 4.61 10.51
N GLU G 464 51.49 3.73 11.19
CA GLU G 464 51.80 2.38 10.69
C GLU G 464 50.69 1.40 10.51
N ILE G 465 49.40 1.68 10.70
CA ILE G 465 48.35 0.66 10.59
C ILE G 465 47.66 0.44 9.26
N VAL G 466 47.54 -0.80 8.88
CA VAL G 466 46.89 -1.21 7.63
C VAL G 466 46.22 -2.58 7.91
N PHE G 467 45.27 -2.93 6.99
CA PHE G 467 44.69 -4.27 7.25
C PHE G 467 44.85 -5.03 5.95
N ASN G 468 46.14 -5.10 5.55
CA ASN G 468 46.30 -5.86 4.27
C ASN G 468 46.40 -7.36 4.72
N PHE G 469 45.54 -8.10 4.05
CA PHE G 469 45.40 -9.54 4.13
C PHE G 469 44.62 -9.94 2.81
N ALA G 470 45.14 -10.98 2.21
CA ALA G 470 44.59 -11.60 1.00
C ALA G 470 43.14 -12.11 1.15
N ALA G 471 42.21 -11.34 0.51
CA ALA G 471 40.78 -11.49 0.45
C ALA G 471 40.15 -12.79 -0.05
N VAL G 472 38.92 -12.96 0.47
CA VAL G 472 38.03 -14.11 0.17
C VAL G 472 36.87 -13.69 -0.77
N ASP G 473 35.76 -13.30 -0.32
N MET H 1 48.34 17.78 25.17
CA MET H 1 46.88 17.52 25.17
C MET H 1 46.14 18.84 25.29
N GLN H 2 45.12 19.11 24.40
CA GLN H 2 44.49 20.42 24.71
C GLN H 2 42.97 20.33 24.39
N VAL H 3 42.38 20.99 25.41
CA VAL H 3 40.94 21.18 25.48
C VAL H 3 40.40 22.01 24.32
N TRP H 4 39.66 21.24 23.50
CA TRP H 4 38.98 21.87 22.29
C TRP H 4 38.01 22.82 23.01
N PRO H 5 38.12 24.09 22.67
CA PRO H 5 37.28 25.06 23.37
C PRO H 5 35.80 24.83 23.13
N PRO H 6 35.06 25.15 24.21
CA PRO H 6 33.60 25.04 24.21
C PRO H 6 32.96 26.35 23.81
N ILE H 7 33.81 27.42 23.58
CA ILE H 7 33.10 28.64 23.26
C ILE H 7 33.13 29.45 22.03
N ASN H 8 34.10 29.87 21.27
CA ASN H 8 33.55 30.75 20.09
C ASN H 8 33.96 30.06 18.82
N LYS H 9 33.45 28.86 18.61
CA LYS H 9 33.82 28.08 17.40
C LYS H 9 32.62 27.62 16.60
N LYS H 10 31.67 28.52 16.41
CA LYS H 10 30.44 28.17 15.65
C LYS H 10 30.86 27.86 14.26
N LYS H 11 30.30 26.78 13.74
CA LYS H 11 30.69 26.29 12.37
C LYS H 11 29.65 26.61 11.33
N TYR H 12 30.10 26.31 10.10
CA TYR H 12 29.38 26.59 8.89
C TYR H 12 29.49 25.47 7.86
N GLU H 13 29.36 24.29 8.38
CA GLU H 13 29.42 23.14 7.51
C GLU H 13 30.67 23.01 6.74
N THR H 14 30.60 22.57 5.50
CA THR H 14 31.78 22.30 4.64
C THR H 14 32.76 23.42 4.53
N LEU H 15 34.04 23.00 4.77
CA LEU H 15 35.27 23.74 4.75
C LEU H 15 35.49 24.54 6.01
N SER H 16 34.48 24.75 6.82
CA SER H 16 34.67 25.55 8.09
C SER H 16 35.62 24.94 9.12
N TYR H 17 36.33 23.92 8.84
CA TYR H 17 37.27 23.37 9.83
C TYR H 17 38.73 23.57 9.37
N LEU H 18 38.88 24.13 8.18
CA LEU H 18 40.19 24.46 7.66
C LEU H 18 40.23 26.01 7.94
N PRO H 19 41.46 26.53 7.86
CA PRO H 19 41.71 27.98 8.01
C PRO H 19 40.98 28.84 6.96
N ASP H 20 40.61 30.04 7.40
CA ASP H 20 39.89 30.97 6.48
C ASP H 20 40.37 30.86 5.04
N LEU H 21 39.41 30.63 4.15
CA LEU H 21 39.75 30.50 2.75
C LEU H 21 40.16 31.87 2.12
N SER H 22 41.33 31.75 1.47
CA SER H 22 41.87 32.91 0.74
C SER H 22 40.95 33.07 -0.53
N GLN H 23 41.02 34.27 -1.05
CA GLN H 23 40.23 34.50 -2.28
C GLN H 23 40.66 33.52 -3.39
N GLU H 24 41.92 33.10 -3.33
CA GLU H 24 42.42 32.18 -4.39
C GLU H 24 41.71 30.84 -4.21
N GLN H 25 41.81 30.45 -2.97
CA GLN H 25 41.24 29.22 -2.43
C GLN H 25 39.74 29.14 -2.73
N LEU H 26 39.15 30.30 -2.43
CA LEU H 26 37.68 30.42 -2.60
C LEU H 26 37.43 30.27 -4.04
N LEU H 27 38.26 30.86 -4.83
CA LEU H 27 38.18 30.81 -6.32
C LEU H 27 38.20 29.42 -6.89
N SER H 28 38.99 28.60 -6.24
CA SER H 28 39.13 27.17 -6.62
C SER H 28 37.79 26.50 -6.56
N GLU H 29 37.06 26.84 -5.51
CA GLU H 29 35.72 26.35 -5.21
C GLU H 29 34.77 26.74 -6.31
N VAL H 30 34.48 28.00 -6.47
CA VAL H 30 33.55 28.39 -7.59
C VAL H 30 33.97 27.74 -8.90
N GLU H 31 35.31 27.58 -8.93
CA GLU H 31 35.90 26.91 -10.15
C GLU H 31 35.44 25.45 -10.34
N TYR H 32 35.46 24.67 -9.28
CA TYR H 32 35.07 23.26 -9.19
C TYR H 32 33.59 22.97 -9.53
N LEU H 33 32.88 23.89 -8.91
CA LEU H 33 31.40 23.92 -9.00
C LEU H 33 31.05 23.90 -10.49
N LEU H 34 31.72 24.92 -11.08
CA LEU H 34 31.59 25.20 -12.50
C LEU H 34 32.02 24.01 -13.28
N LYS H 35 33.20 23.59 -13.05
CA LYS H 35 33.81 22.47 -13.75
C LYS H 35 32.81 21.36 -13.92
N ASN H 36 31.99 21.27 -12.87
CA ASN H 36 30.96 20.18 -12.82
C ASN H 36 29.60 20.34 -13.45
N GLY H 37 29.13 21.57 -13.59
CA GLY H 37 27.84 21.87 -14.24
C GLY H 37 26.87 22.37 -13.19
N TRP H 38 27.45 22.74 -12.03
CA TRP H 38 26.38 23.12 -11.04
C TRP H 38 26.04 24.52 -11.29
N VAL H 39 24.82 24.96 -11.17
CA VAL H 39 24.47 26.40 -11.32
C VAL H 39 24.84 26.95 -9.94
N PRO H 40 25.65 27.96 -9.92
CA PRO H 40 26.04 28.62 -8.62
C PRO H 40 24.88 29.51 -8.18
N CYS H 41 24.69 29.68 -6.92
CA CYS H 41 23.62 30.51 -6.34
C CYS H 41 24.16 31.04 -4.99
N LEU H 42 23.55 32.19 -4.65
CA LEU H 42 23.96 32.88 -3.41
C LEU H 42 22.76 33.12 -2.51
N GLU H 43 23.06 33.03 -1.17
CA GLU H 43 21.99 33.27 -0.17
C GLU H 43 22.82 33.86 1.01
N PHE H 44 22.25 34.80 1.65
CA PHE H 44 22.69 35.57 2.73
C PHE H 44 21.55 35.63 3.78
N GLU H 45 22.07 35.82 5.02
CA GLU H 45 21.18 35.89 6.18
C GLU H 45 21.72 36.96 7.10
N THR H 46 20.87 37.80 7.58
CA THR H 46 21.37 38.83 8.48
C THR H 46 20.84 38.63 9.86
N GLU H 47 20.04 37.62 10.15
CA GLU H 47 19.54 37.50 11.54
C GLU H 47 19.66 36.22 12.32
N HIS H 48 19.60 35.08 11.66
CA HIS H 48 19.65 33.79 12.33
C HIS H 48 20.77 32.92 11.74
N GLY H 49 21.89 33.42 12.25
CA GLY H 49 23.10 32.73 11.78
C GLY H 49 23.01 31.26 11.97
N PHE H 50 22.19 30.81 12.90
CA PHE H 50 22.18 29.28 13.02
C PHE H 50 20.83 28.67 13.25
N VAL H 51 20.67 27.40 12.88
CA VAL H 51 19.35 26.78 13.09
C VAL H 51 18.86 26.93 14.54
N TYR H 52 17.55 26.97 14.63
CA TYR H 52 16.80 27.05 15.87
C TYR H 52 15.63 26.09 15.72
N ARG H 53 14.74 26.17 16.70
CA ARG H 53 13.57 25.29 16.67
C ARG H 53 12.53 26.04 17.48
N GLU H 54 12.07 27.12 16.99
CA GLU H 54 11.06 27.87 17.65
C GLU H 54 9.70 27.42 17.21
N ASN H 55 9.34 27.37 15.94
CA ASN H 55 7.99 26.93 15.56
C ASN H 55 7.64 25.50 15.75
N ASN H 56 8.51 24.56 15.76
CA ASN H 56 8.20 23.13 15.89
C ASN H 56 9.38 22.31 16.37
N LYS H 57 9.01 21.10 16.91
CA LYS H 57 10.14 20.27 17.30
C LYS H 57 9.82 18.92 16.69
N SER H 58 8.95 18.74 15.78
CA SER H 58 8.82 17.30 15.31
C SER H 58 10.12 16.89 14.77
N PRO H 59 10.33 15.63 14.47
CA PRO H 59 11.63 15.11 14.00
C PRO H 59 11.81 15.80 12.69
N GLY H 60 12.98 16.21 12.42
CA GLY H 60 13.34 16.80 11.14
C GLY H 60 13.03 18.22 10.99
N TYR H 61 12.25 18.84 11.86
CA TYR H 61 11.94 20.21 11.71
C TYR H 61 12.91 21.08 12.49
N TYR H 62 13.46 22.00 11.69
CA TYR H 62 14.39 22.99 12.46
C TYR H 62 14.12 24.34 11.77
N ASP H 63 14.04 25.38 12.54
CA ASP H 63 13.79 26.72 11.97
C ASP H 63 15.20 27.19 11.65
N GLY H 64 15.36 28.19 10.73
CA GLY H 64 16.66 28.71 10.37
C GLY H 64 17.50 28.06 9.31
N ARG H 65 17.04 27.12 8.49
CA ARG H 65 17.78 26.44 7.42
C ARG H 65 17.76 27.26 6.10
N TYR H 66 16.54 27.77 5.80
CA TYR H 66 16.30 28.59 4.67
C TYR H 66 16.97 29.92 4.95
N TRP H 67 17.59 30.40 3.87
CA TRP H 67 18.33 31.75 3.86
C TRP H 67 17.76 32.62 2.75
N THR H 68 18.09 33.94 2.58
CA THR H 68 17.55 34.69 1.48
C THR H 68 18.40 34.55 0.22
N MET H 69 17.64 34.32 -0.87
CA MET H 69 18.35 34.16 -2.19
C MET H 69 18.93 35.52 -2.54
N TRP H 70 20.21 35.46 -3.00
CA TRP H 70 20.82 36.77 -3.45
C TRP H 70 20.50 36.76 -4.96
N LYS H 71 19.64 37.65 -5.34
CA LYS H 71 19.22 37.69 -6.77
C LYS H 71 18.62 36.35 -7.24
N LEU H 72 19.11 35.67 -8.21
CA LEU H 72 18.62 34.43 -8.72
C LEU H 72 19.80 33.47 -8.96
N PRO H 73 19.49 32.22 -9.12
CA PRO H 73 20.60 31.24 -9.42
C PRO H 73 21.15 31.73 -10.82
N MET H 74 22.50 31.84 -10.93
CA MET H 74 23.06 32.33 -12.16
C MET H 74 23.22 31.15 -13.10
N PHE H 75 22.07 30.86 -13.74
CA PHE H 75 22.00 29.79 -14.75
C PHE H 75 22.88 30.28 -15.94
N GLY H 76 23.40 29.42 -16.77
CA GLY H 76 24.23 29.87 -17.88
C GLY H 76 25.55 30.58 -17.71
N CYS H 77 25.83 31.10 -16.50
CA CYS H 77 27.10 31.79 -16.17
C CYS H 77 28.31 30.86 -16.30
N THR H 78 29.47 31.39 -16.69
CA THR H 78 30.65 30.45 -16.77
C THR H 78 31.91 31.16 -16.26
N ASP H 79 31.58 32.37 -15.78
CA ASP H 79 32.68 33.17 -15.28
C ASP H 79 32.75 33.02 -13.78
N ALA H 80 33.73 32.17 -13.43
CA ALA H 80 33.93 31.95 -11.95
C ALA H 80 34.00 33.30 -11.23
N THR H 81 34.66 34.18 -11.97
CA THR H 81 34.95 35.56 -11.53
C THR H 81 33.69 36.36 -11.32
N GLN H 82 32.76 36.11 -12.19
CA GLN H 82 31.45 36.85 -12.09
C GLN H 82 30.78 36.51 -10.77
N VAL H 83 30.72 35.19 -10.42
CA VAL H 83 30.03 34.93 -9.07
C VAL H 83 30.77 35.55 -7.88
N LEU H 84 32.11 35.54 -8.07
CA LEU H 84 32.93 36.09 -6.96
C LEU H 84 32.56 37.55 -6.77
N ALA H 85 32.32 38.14 -7.94
CA ALA H 85 31.94 39.54 -8.02
C ALA H 85 30.79 39.88 -7.03
N GLU H 86 29.82 38.96 -7.32
CA GLU H 86 28.55 38.98 -6.56
C GLU H 86 28.74 38.96 -5.06
N VAL H 87 29.66 38.06 -4.64
CA VAL H 87 29.93 37.98 -3.20
C VAL H 87 30.25 39.39 -2.66
N GLY H 88 31.17 39.99 -3.43
CA GLY H 88 31.70 41.40 -3.11
C GLY H 88 30.50 42.35 -3.02
N GLU H 89 29.78 42.19 -4.15
CA GLU H 89 28.55 42.98 -4.34
C GLU H 89 27.62 42.88 -3.16
N ALA H 90 27.52 41.66 -2.58
CA ALA H 90 26.55 41.56 -1.43
C ALA H 90 27.12 42.01 -0.10
N LYS H 91 28.43 41.85 0.11
CA LYS H 91 28.93 42.30 1.48
C LYS H 91 28.76 43.81 1.49
N LYS H 92 28.76 44.34 0.28
CA LYS H 92 28.48 45.80 0.11
C LYS H 92 26.97 45.73 0.30
N ALA H 93 26.31 46.46 1.14
CA ALA H 93 24.75 46.29 1.19
C ALA H 93 24.43 45.40 2.42
N TYR H 94 25.07 44.21 2.51
CA TYR H 94 24.75 43.42 3.75
C TYR H 94 26.05 43.03 4.39
N PRO H 95 26.69 44.06 4.91
CA PRO H 95 28.01 43.92 5.59
C PRO H 95 27.93 43.01 6.80
N GLN H 96 26.70 43.00 7.33
CA GLN H 96 26.37 42.20 8.52
C GLN H 96 25.71 40.87 8.13
N ALA H 97 25.74 40.62 6.85
CA ALA H 97 25.12 39.39 6.40
C ALA H 97 26.16 38.26 6.51
N TRP H 98 25.70 37.02 6.49
CA TRP H 98 26.52 35.85 6.47
C TRP H 98 26.23 35.57 4.92
N ILE H 99 27.22 35.19 4.21
CA ILE H 99 26.86 34.98 2.77
C ILE H 99 27.43 33.63 2.48
N ARG H 100 26.67 33.00 1.58
CA ARG H 100 27.15 31.61 1.26
C ARG H 100 27.03 31.41 -0.20
N ILE H 101 27.73 30.39 -0.70
CA ILE H 101 27.70 30.05 -2.11
C ILE H 101 27.30 28.55 -2.19
N ILE H 102 26.32 28.23 -3.05
CA ILE H 102 25.89 26.86 -3.24
C ILE H 102 25.89 26.46 -4.69
N GLY H 103 25.85 25.14 -4.92
CA GLY H 103 25.81 24.61 -6.31
C GLY H 103 24.67 23.64 -6.58
N PHE H 104 23.72 23.90 -7.43
CA PHE H 104 22.65 23.05 -7.77
C PHE H 104 22.98 22.02 -8.86
N ASP H 105 22.75 20.72 -8.61
CA ASP H 105 22.86 19.73 -9.63
C ASP H 105 21.37 19.65 -10.17
N ASN H 106 20.80 20.40 -11.10
CA ASN H 106 19.38 20.25 -11.49
C ASN H 106 18.86 18.87 -11.89
N VAL H 107 19.72 17.89 -12.21
CA VAL H 107 19.25 16.57 -12.63
C VAL H 107 18.89 15.65 -11.45
N ARG H 108 19.58 15.91 -10.34
CA ARG H 108 19.45 15.17 -9.13
C ARG H 108 18.67 15.98 -8.12
N GLN H 109 18.62 17.22 -8.47
CA GLN H 109 17.99 18.18 -7.58
C GLN H 109 18.72 18.12 -6.23
N VAL H 110 20.04 18.13 -6.13
CA VAL H 110 20.62 18.22 -4.76
C VAL H 110 21.59 19.47 -4.82
N GLN H 111 21.82 20.04 -3.71
CA GLN H 111 22.83 21.16 -3.65
C GLN H 111 24.07 20.26 -3.56
N CYS H 112 24.81 20.25 -4.62
CA CYS H 112 26.07 19.52 -4.69
C CYS H 112 27.19 20.24 -3.93
N ILE H 113 27.05 21.46 -3.50
CA ILE H 113 28.11 22.16 -2.81
C ILE H 113 27.60 23.34 -2.04
N SER H 114 28.44 23.69 -1.09
CA SER H 114 27.97 24.92 -0.29
C SER H 114 29.18 25.14 0.57
N PHE H 115 29.52 26.45 0.67
CA PHE H 115 30.67 26.87 1.51
C PHE H 115 30.40 28.36 1.80
N ILE H 116 30.73 28.72 3.06
CA ILE H 116 30.48 30.18 3.40
C ILE H 116 31.55 31.04 2.76
N ALA H 117 30.98 32.05 2.02
CA ALA H 117 31.83 33.01 1.28
C ALA H 117 32.17 34.20 2.14
N TYR H 118 31.39 34.36 3.22
CA TYR H 118 31.66 35.57 4.04
C TYR H 118 30.90 35.64 5.34
N LYS H 119 31.61 35.67 6.47
CA LYS H 119 30.93 35.75 7.79
C LYS H 119 31.00 37.26 8.05
N PRO H 120 30.09 37.71 8.87
CA PRO H 120 30.10 39.16 9.19
C PRO H 120 31.18 39.11 10.29
N GLU H 121 31.41 40.33 10.71
CA GLU H 121 32.34 40.67 11.78
C GLU H 121 32.14 39.91 13.11
N GLY H 122 33.21 39.23 13.51
CA GLY H 122 33.32 38.49 14.73
C GLY H 122 32.70 37.11 14.75
N TYR H 123 32.99 36.37 13.74
CA TYR H 123 32.58 35.03 13.41
C TYR H 123 33.70 34.71 12.37
MG MG I . 7.33 -25.99 1.63
C1 CAP J . 7.71 -30.42 0.87
C2 CAP J . 8.02 -29.01 1.13
C3 CAP J . 9.21 -29.29 2.14
C4 CAP J . 9.54 -28.23 3.11
C5 CAP J . 10.94 -28.36 2.71
C CAP J . 8.41 -28.15 -0.09
O1 CAP J . 6.94 -30.65 -0.22
O2 CAP J . 6.93 -28.25 1.18
O3 CAP J . 9.43 -30.23 3.14
O4 CAP J . 8.73 -27.17 2.70
O5 CAP J . 11.74 -28.04 3.74
O6 CAP J . 9.19 -28.66 -0.93
O7 CAP J . 7.98 -27.01 -0.18
P1 CAP J . 7.04 -32.14 -0.63
P2 CAP J . 12.35 -28.65 5.03
O1P CAP J . 6.01 -32.31 -1.88
O2P CAP J . 6.48 -32.92 0.46
O3P CAP J . 8.35 -32.22 -1.24
O4P CAP J . 11.55 -29.75 5.58
O5P CAP J . 13.78 -29.44 4.72
O6P CAP J . 12.68 -27.43 5.77
C FMT K . 5.58 -26.37 3.85
O1 FMT K . 5.42 -25.82 2.84
O2 FMT K . 6.65 -27.11 3.80
MG MG L . -30.79 2.42 -10.93
C1 CAP M . -32.73 0.14 -14.02
C2 CAP M . -31.89 1.16 -13.45
C3 CAP M . -30.82 1.32 -14.53
C4 CAP M . -29.47 1.68 -14.01
C5 CAP M . -29.30 2.50 -15.15
C CAP M . -32.55 2.50 -13.14
O1 CAP M . -34.07 0.08 -13.60
O2 CAP M . -31.79 0.95 -12.14
O3 CAP M . -30.13 0.43 -15.29
O4 CAP M . -29.89 2.05 -12.73
O5 CAP M . -28.08 2.66 -15.57
O6 CAP M . -32.97 3.19 -14.04
O7 CAP M . -32.60 2.91 -11.98
P1 CAP M . -34.83 -0.76 -14.75
P2 CAP M . -26.95 2.00 -16.42
O1P CAP M . -36.38 -0.70 -14.21
O2P CAP M . -34.27 -2.12 -14.82
O3P CAP M . -34.81 0.23 -15.87
O4P CAP M . -27.29 0.57 -16.60
O5P CAP M . -26.86 2.66 -17.90
O6P CAP M . -25.69 2.48 -15.86
C FMT N . -29.28 0.03 -9.81
O1 FMT N . -29.97 0.83 -9.18
O2 FMT N . -29.33 -0.09 -11.05
MG MG O . -3.46 24.93 -10.32
C1 CAP P . -2.78 28.65 -12.53
C2 CAP P . -3.41 27.31 -12.28
C3 CAP P . -4.89 27.70 -12.55
C4 CAP P . -5.90 26.94 -11.79
C5 CAP P . -6.51 26.82 -13.12
C CAP P . -2.85 26.15 -13.05
O1 CAP P . -1.37 28.71 -12.60
O2 CAP P . -2.79 26.69 -11.24
O3 CAP P . -5.76 28.72 -12.02
O4 CAP P . -5.01 26.03 -11.22
O5 CAP P . -7.84 26.87 -12.91
O6 CAP P . -2.80 26.29 -14.29
O7 CAP P . -2.42 25.11 -12.58
P1 CAP P . -0.95 30.08 -13.27
P2 CAP P . -9.08 27.74 -12.57
O1P CAP P . 0.62 29.93 -13.55
O2P CAP P . -1.42 31.15 -12.41
O3P CAP P . -1.70 29.82 -14.60
O4P CAP P . -8.77 28.80 -11.69
O5P CAP P . -9.92 28.01 -13.95
O6P CAP P . -10.23 26.79 -11.98
C FMT Q . -3.91 25.77 -7.89
O1 FMT Q . -2.95 24.94 -8.15
O2 FMT Q . -4.72 26.53 -8.64
MG MG R . 28.56 -1.69 15.00
C1 CAP S . 32.81 -0.11 13.86
C2 CAP S . 31.69 -1.07 13.95
C3 CAP S . 31.66 -1.58 12.50
C4 CAP S . 30.27 -1.95 11.99
C5 CAP S . 30.93 -3.16 11.43
C CAP S . 31.84 -2.25 14.89
O1 CAP S . 33.44 0.25 15.12
O2 CAP S . 30.72 -0.50 14.72
O3 CAP S . 31.85 -1.05 11.22
O4 CAP S . 29.57 -1.87 13.22
O5 CAP S . 30.31 -3.39 10.26
O6 CAP S . 32.76 -3.09 14.84
O7 CAP S . 31.01 -2.40 15.79
P1 CAP S . 34.94 0.72 14.81
P2 CAP S . 30.17 -3.04 8.75
O1P CAP S . 35.60 1.16 16.24
O2P CAP S . 34.66 1.87 13.84
O3P CAP S . 35.70 -0.53 14.37
O4P CAP S . 30.33 -1.62 8.50
O5P CAP S . 31.19 -4.07 7.93
O6P CAP S . 28.85 -3.80 8.34
C FMT T . 27.38 0.54 14.28
O1 FMT T . 27.24 0.13 15.49
O2 FMT T . 28.26 0.17 13.35
#